data_6MDV
#
_entry.id   6MDV
#
_cell.length_a   88.966
_cell.length_b   105.353
_cell.length_c   257.298
_cell.angle_alpha   90.000
_cell.angle_beta   90.000
_cell.angle_gamma   90.000
#
_symmetry.space_group_name_H-M   'P 21 21 21'
#
loop_
_entity.id
_entity.type
_entity.pdbx_description
1 polymer Endo-beta-N-acetylglucosaminidase
2 branched alpha-D-mannopyranose-(1-2)-alpha-D-mannopyranose-(1-2)-alpha-D-mannopyranose-(1-3)-[alpha-D-mannopyranose-(1-3)-[alpha-D-mannopyranose-(1-6)]alpha-D-mannopyranose-(1-6)]beta-D-mannopyranose-(1-4)-2-acetamido-2-deoxy-beta-D-glucopyranose
3 branched alpha-D-mannopyranose-(1-2)-alpha-D-mannopyranose-(1-2)-alpha-D-mannopyranose-(1-3)-[alpha-D-mannopyranose-(1-6)-alpha-D-mannopyranose-(1-6)]beta-D-mannopyranose-(1-4)-2-acetamido-2-deoxy-beta-D-glucopyranose
4 non-polymer 'CALCIUM ION'
5 water water
#
_entity_poly.entity_id   1
_entity_poly.type   'polypeptide(L)'
_entity_poly.pdbx_seq_one_letter_code
;MGKTDQQVGAKLVQEIREGKRGPLYAGYFRTWHDRASTGIDGKQQHPENTMAEVPKEVDILFVFHDHTASDSPFWSELKD
SYVHKLHQQGTALVQTIGVNELNGRTGLSKDYPDTPEGNKALAAAIVKAFVTDRGVDGLDIDIEHEFTNKRTPEEDARAL
NVFKEIAQLIGKNGSDKSKLLIMDTTLSVENNPIFKGIAEDLDYLLRQYYGSQGGEAEVDTINSDWNQYQNYIDASQFMI
GFSFFEESASKGNLWFDVNEYDPNNPEKGKDIEGTRAKKYAEWQPSTGGLKAGIFSYAIDRDGVAHVPSTYKNRTSTNLQ
RHEVDNISHTDYTVSRKLKTLMTEDKRYDVIDQKDIPDPALREQIIQQVGQYKGDLERYNKTLVLTGDKIQNLKGLEKLS
KLQKLELRQLSNVKEITPELLPESMKKDAELVMVGMTGLEKLNLSGLNRQTLDGIDVNSITHLTSFDISHNSLDLSEKSE
DRKLLMTLMEQVSNHQKITVKNTAFENQKPKGYYPQTYDTKEGHYDVDNAEHDILTDFVFGTVTKRNTFIGDEEAFAIYK
EGAVDGRQYVSKDYTYEAFRKDYKGYKVHLTASNLGETVTSKVTATTDETYLVDVSDGEKVVHHMKLNIGSGAIMMENLA
KGAKVIGTSGDFEQAKKIFDGEKSDRFFTWGQTNWIAFDLGEINLAKEWRLFNAETNTEIKTDSSLNVAKGRLQILKDTT
IDLEKMDIKNRKEYLSNDENWTDVAQMDDAKAIFNSKLSNVLSRYWRFCVDGGASSYYPQYTELQILGQRLSNDVANTLK
DL
;
_entity_poly.pdbx_strand_id   A,B
#
loop_
_chem_comp.id
_chem_comp.type
_chem_comp.name
_chem_comp.formula
BMA D-saccharide, beta linking beta-D-mannopyranose 'C6 H12 O6'
CA non-polymer 'CALCIUM ION' 'Ca 2'
MAN D-saccharide, alpha linking alpha-D-mannopyranose 'C6 H12 O6'
NAG D-saccharide, beta linking 2-acetamido-2-deoxy-beta-D-glucopyranose 'C8 H15 N O6'
#
# COMPACT_ATOMS: atom_id res chain seq x y z
N THR A 4 -38.16 16.90 -25.04
CA THR A 4 -37.49 15.69 -24.53
C THR A 4 -36.77 15.94 -23.22
N ASP A 5 -36.66 14.90 -22.40
CA ASP A 5 -36.07 15.07 -21.08
C ASP A 5 -34.56 15.30 -21.19
N GLN A 6 -33.95 14.79 -22.27
CA GLN A 6 -32.53 15.05 -22.54
C GLN A 6 -32.32 16.46 -23.10
N GLN A 7 -33.23 16.92 -23.97
CA GLN A 7 -33.08 18.26 -24.51
C GLN A 7 -33.19 19.33 -23.44
N VAL A 8 -34.15 19.16 -22.51
CA VAL A 8 -34.33 20.13 -21.43
C VAL A 8 -33.05 20.25 -20.62
N GLY A 9 -32.54 19.11 -20.14
CA GLY A 9 -31.30 19.13 -19.37
C GLY A 9 -30.18 19.74 -20.17
N ALA A 10 -30.14 19.47 -21.47
CA ALA A 10 -29.10 20.05 -22.30
C ALA A 10 -29.19 21.57 -22.30
N LYS A 11 -30.40 22.13 -22.41
CA LYS A 11 -30.52 23.58 -22.45
C LYS A 11 -30.21 24.19 -21.09
N LEU A 12 -30.65 23.54 -20.00
CA LEU A 12 -30.32 23.99 -18.66
C LEU A 12 -28.81 24.07 -18.47
N VAL A 13 -28.10 23.00 -18.83
CA VAL A 13 -26.64 22.94 -18.68
C VAL A 13 -25.98 24.02 -19.51
N GLN A 14 -26.46 24.26 -20.73
CA GLN A 14 -25.88 25.30 -21.56
C GLN A 14 -26.07 26.67 -20.92
N GLU A 15 -27.25 26.93 -20.33
CA GLU A 15 -27.47 28.23 -19.75
C GLU A 15 -26.62 28.44 -18.50
N ILE A 16 -26.44 27.39 -17.68
CA ILE A 16 -25.53 27.49 -16.54
C ILE A 16 -24.11 27.76 -17.02
N ARG A 17 -23.63 26.98 -17.99
CA ARG A 17 -22.26 27.13 -18.47
C ARG A 17 -22.05 28.48 -19.15
N GLU A 18 -23.09 29.05 -19.74
CA GLU A 18 -22.90 30.36 -20.34
C GLU A 18 -23.08 31.50 -19.34
N GLY A 19 -23.41 31.20 -18.10
CA GLY A 19 -23.45 32.27 -17.12
C GLY A 19 -24.74 33.08 -17.11
N LYS A 20 -25.86 32.46 -17.48
CA LYS A 20 -27.11 33.21 -17.51
C LYS A 20 -27.89 33.17 -16.21
N ARG A 21 -27.48 32.37 -15.23
CA ARG A 21 -28.22 32.30 -13.97
C ARG A 21 -27.87 33.40 -12.97
N GLY A 22 -26.92 34.27 -13.26
CA GLY A 22 -26.38 35.13 -12.24
C GLY A 22 -25.62 34.27 -11.23
N PRO A 23 -25.55 34.71 -9.98
CA PRO A 23 -24.90 33.88 -8.96
C PRO A 23 -25.68 32.58 -8.70
N LEU A 24 -24.95 31.48 -8.51
CA LEU A 24 -25.56 30.17 -8.39
C LEU A 24 -25.67 29.75 -6.94
N TYR A 25 -26.71 28.99 -6.65
CA TYR A 25 -26.87 28.29 -5.38
C TYR A 25 -27.03 26.81 -5.68
N ALA A 26 -26.21 25.98 -5.04
CA ALA A 26 -26.23 24.54 -5.23
C ALA A 26 -26.29 23.87 -3.86
N GLY A 27 -26.69 22.61 -3.85
CA GLY A 27 -26.71 21.86 -2.61
C GLY A 27 -26.49 20.39 -2.84
N TYR A 28 -25.80 19.74 -1.89
CA TYR A 28 -25.61 18.30 -1.88
C TYR A 28 -26.75 17.63 -1.12
N PHE A 29 -27.52 16.78 -1.81
CA PHE A 29 -28.63 16.06 -1.20
C PHE A 29 -28.18 14.64 -0.87
N ARG A 30 -28.22 14.29 0.40
CA ARG A 30 -27.80 12.97 0.85
C ARG A 30 -28.87 11.94 0.48
N THR A 31 -28.49 10.93 -0.31
CA THR A 31 -29.51 10.05 -0.89
C THR A 31 -30.27 9.32 0.18
N TRP A 32 -29.61 8.97 1.28
CA TRP A 32 -30.32 8.21 2.27
C TRP A 32 -31.34 9.04 3.02
N HIS A 33 -31.51 10.31 2.69
CA HIS A 33 -32.58 11.10 3.26
C HIS A 33 -33.67 11.44 2.24
N ASP A 34 -33.64 10.81 1.07
CA ASP A 34 -34.79 10.79 0.18
C ASP A 34 -35.69 9.64 0.58
N ARG A 35 -37.00 9.90 0.64
CA ARG A 35 -37.95 8.92 1.16
C ARG A 35 -38.05 7.68 0.29
N ALA A 36 -37.51 7.71 -0.92
CA ALA A 36 -37.48 6.53 -1.77
C ALA A 36 -36.25 5.69 -1.51
N SER A 37 -35.38 6.09 -0.58
CA SER A 37 -34.15 5.35 -0.33
C SER A 37 -34.42 4.15 0.58
N THR A 38 -33.74 3.05 0.29
CA THR A 38 -33.88 1.83 1.07
C THR A 38 -32.48 1.29 1.30
N GLY A 39 -32.26 0.68 2.45
CA GLY A 39 -30.94 0.18 2.80
C GLY A 39 -30.67 -1.19 2.21
N ILE A 40 -29.61 -1.82 2.71
CA ILE A 40 -29.24 -3.14 2.23
C ILE A 40 -30.28 -4.18 2.63
N ASP A 41 -31.01 -3.91 3.71
CA ASP A 41 -32.09 -4.74 4.19
C ASP A 41 -33.41 -4.45 3.49
N GLY A 42 -33.40 -3.56 2.49
CA GLY A 42 -34.61 -3.26 1.74
C GLY A 42 -35.63 -2.38 2.43
N LYS A 43 -35.29 -1.82 3.60
CA LYS A 43 -36.20 -0.97 4.36
C LYS A 43 -35.91 0.51 4.15
N GLN A 44 -36.99 1.30 4.18
CA GLN A 44 -36.90 2.74 4.07
C GLN A 44 -36.06 3.33 5.19
N GLN A 45 -35.19 4.27 4.83
CA GLN A 45 -34.32 4.88 5.82
C GLN A 45 -34.95 6.10 6.49
N HIS A 46 -35.58 6.98 5.70
CA HIS A 46 -36.14 8.23 6.20
C HIS A 46 -37.27 8.69 5.27
N PRO A 47 -38.51 8.74 5.76
CA PRO A 47 -39.65 9.19 4.93
C PRO A 47 -39.82 10.70 4.84
N GLU A 48 -39.03 11.49 5.55
CA GLU A 48 -39.40 12.89 5.80
C GLU A 48 -39.16 13.81 4.60
N ASN A 49 -38.21 13.51 3.73
CA ASN A 49 -37.87 14.48 2.70
C ASN A 49 -37.78 13.81 1.34
N THR A 50 -37.77 14.64 0.30
CA THR A 50 -37.55 14.12 -1.03
C THR A 50 -36.89 15.20 -1.88
N MET A 51 -35.97 14.78 -2.75
CA MET A 51 -35.36 15.70 -3.71
C MET A 51 -36.42 16.43 -4.53
N ALA A 52 -37.59 15.83 -4.73
CA ALA A 52 -38.61 16.46 -5.58
C ALA A 52 -39.06 17.81 -5.05
N GLU A 53 -38.92 18.07 -3.76
CA GLU A 53 -39.37 19.33 -3.20
C GLU A 53 -38.28 20.39 -3.20
N VAL A 54 -37.09 20.05 -3.68
CA VAL A 54 -36.04 21.06 -3.79
C VAL A 54 -36.52 22.20 -4.67
N PRO A 55 -36.43 23.45 -4.23
CA PRO A 55 -37.03 24.56 -4.97
C PRO A 55 -36.14 25.13 -6.06
N LYS A 56 -36.76 25.92 -6.94
CA LYS A 56 -36.06 26.49 -8.08
C LYS A 56 -34.90 27.39 -7.69
N GLU A 57 -34.84 27.86 -6.44
CA GLU A 57 -33.68 28.61 -6.02
C GLU A 57 -32.41 27.77 -5.99
N VAL A 58 -32.53 26.45 -6.07
CA VAL A 58 -31.38 25.55 -6.16
C VAL A 58 -31.10 25.34 -7.64
N ASP A 59 -30.03 25.98 -8.14
CA ASP A 59 -29.71 25.87 -9.56
C ASP A 59 -29.15 24.49 -9.92
N ILE A 60 -28.36 23.89 -9.03
CA ILE A 60 -27.75 22.59 -9.25
C ILE A 60 -27.89 21.79 -7.98
N LEU A 61 -28.36 20.55 -8.11
CA LEU A 61 -28.55 19.64 -7.00
C LEU A 61 -27.65 18.44 -7.22
N PHE A 62 -26.74 18.20 -6.29
CA PHE A 62 -25.80 17.10 -6.39
C PHE A 62 -26.34 15.91 -5.63
N VAL A 63 -26.27 14.74 -6.26
CA VAL A 63 -26.66 13.47 -5.64
C VAL A 63 -25.46 12.96 -4.86
N PHE A 64 -25.54 12.97 -3.53
CA PHE A 64 -24.42 12.51 -2.71
C PHE A 64 -24.81 11.19 -2.06
N HIS A 65 -24.09 10.13 -2.39
CA HIS A 65 -24.56 8.78 -2.15
C HIS A 65 -23.93 8.14 -0.92
N ASP A 66 -24.77 7.55 -0.07
CA ASP A 66 -24.30 6.63 0.94
C ASP A 66 -25.51 5.85 1.45
N HIS A 67 -25.26 4.64 1.95
CA HIS A 67 -26.26 3.76 2.57
C HIS A 67 -27.38 3.33 1.63
N THR A 68 -27.75 4.12 0.62
CA THR A 68 -28.76 3.70 -0.34
C THR A 68 -28.24 2.51 -1.14
N ALA A 69 -28.99 1.40 -1.11
CA ALA A 69 -28.55 0.15 -1.72
C ALA A 69 -28.70 0.19 -3.25
N SER A 70 -27.93 -0.68 -3.92
CA SER A 70 -27.90 -0.66 -5.39
C SER A 70 -29.25 -1.03 -5.99
N ASP A 71 -30.06 -1.86 -5.30
CA ASP A 71 -31.36 -2.26 -5.82
C ASP A 71 -32.49 -1.37 -5.32
N SER A 72 -32.17 -0.20 -4.76
CA SER A 72 -33.18 0.61 -4.11
C SER A 72 -34.10 1.23 -5.15
N PRO A 73 -35.40 1.34 -4.88
CA PRO A 73 -36.29 2.10 -5.79
C PRO A 73 -35.84 3.54 -6.02
N PHE A 74 -34.97 4.08 -5.17
CA PHE A 74 -34.55 5.48 -5.31
C PHE A 74 -33.98 5.77 -6.69
N TRP A 75 -33.20 4.83 -7.23
CA TRP A 75 -32.48 5.08 -8.48
C TRP A 75 -33.45 5.31 -9.62
N SER A 76 -34.44 4.44 -9.77
CA SER A 76 -35.41 4.64 -10.84
C SER A 76 -36.31 5.84 -10.54
N GLU A 77 -36.58 6.08 -9.26
CA GLU A 77 -37.34 7.28 -8.90
C GLU A 77 -36.59 8.54 -9.28
N LEU A 78 -35.28 8.54 -9.03
CA LEU A 78 -34.45 9.68 -9.47
C LEU A 78 -34.53 9.84 -10.98
N LYS A 79 -34.29 8.76 -11.71
CA LYS A 79 -34.11 8.88 -13.14
C LYS A 79 -35.43 9.17 -13.86
N ASP A 80 -36.53 8.54 -13.43
CA ASP A 80 -37.79 8.68 -14.14
C ASP A 80 -38.71 9.76 -13.57
N SER A 81 -38.38 10.33 -12.42
CA SER A 81 -39.32 11.21 -11.76
C SER A 81 -38.66 12.49 -11.28
N TYR A 82 -37.68 12.39 -10.37
CA TYR A 82 -37.04 13.60 -9.85
C TYR A 82 -36.43 14.44 -10.95
N VAL A 83 -35.72 13.80 -11.90
CA VAL A 83 -35.03 14.59 -12.92
C VAL A 83 -36.04 15.38 -13.75
N HIS A 84 -37.16 14.76 -14.11
CA HIS A 84 -38.14 15.47 -14.92
C HIS A 84 -38.69 16.67 -14.18
N LYS A 85 -39.07 16.48 -12.91
CA LYS A 85 -39.73 17.57 -12.20
C LYS A 85 -38.75 18.65 -11.85
N LEU A 86 -37.51 18.31 -11.54
CA LEU A 86 -36.54 19.34 -11.22
C LEU A 86 -36.13 20.09 -12.47
N HIS A 87 -36.07 19.41 -13.62
CA HIS A 87 -35.79 20.09 -14.88
C HIS A 87 -36.86 21.14 -15.19
N GLN A 88 -38.14 20.83 -14.89
CA GLN A 88 -39.20 21.78 -15.22
C GLN A 88 -38.97 23.13 -14.55
N GLN A 89 -38.39 23.14 -13.36
CA GLN A 89 -38.18 24.40 -12.65
C GLN A 89 -36.82 25.01 -12.94
N GLY A 90 -35.97 24.37 -13.73
CA GLY A 90 -34.68 24.92 -14.07
C GLY A 90 -33.50 24.33 -13.33
N THR A 91 -33.71 23.32 -12.49
CA THR A 91 -32.67 22.72 -11.66
C THR A 91 -32.00 21.57 -12.39
N ALA A 92 -30.66 21.61 -12.47
CA ALA A 92 -29.90 20.52 -13.05
C ALA A 92 -29.45 19.55 -11.95
N LEU A 93 -29.34 18.26 -12.31
CA LEU A 93 -28.88 17.22 -11.40
C LEU A 93 -27.46 16.78 -11.76
N VAL A 94 -26.60 16.62 -10.74
CA VAL A 94 -25.22 16.20 -10.95
C VAL A 94 -24.94 15.04 -10.00
N GLN A 95 -24.32 13.98 -10.52
CA GLN A 95 -23.92 12.85 -9.68
C GLN A 95 -22.53 13.09 -9.11
N THR A 96 -22.37 12.78 -7.84
CA THR A 96 -21.08 12.96 -7.18
C THR A 96 -20.51 11.57 -6.92
N ILE A 97 -19.23 11.41 -7.22
CA ILE A 97 -18.46 10.20 -6.92
C ILE A 97 -17.12 10.64 -6.35
N GLY A 98 -16.50 9.74 -5.56
CA GLY A 98 -15.21 10.02 -4.97
C GLY A 98 -14.04 9.67 -5.88
N VAL A 99 -12.89 10.34 -5.65
CA VAL A 99 -11.71 10.10 -6.46
C VAL A 99 -11.30 8.63 -6.45
N ASN A 100 -11.68 7.88 -5.41
CA ASN A 100 -11.29 6.48 -5.35
C ASN A 100 -11.96 5.65 -6.42
N GLU A 101 -13.06 6.13 -6.98
CA GLU A 101 -13.68 5.44 -8.10
C GLU A 101 -12.79 5.49 -9.33
N LEU A 102 -11.76 6.34 -9.32
CA LEU A 102 -10.91 6.59 -10.47
C LEU A 102 -9.47 6.09 -10.32
N ASN A 103 -9.01 5.76 -9.11
CA ASN A 103 -7.58 5.55 -8.91
C ASN A 103 -7.19 4.12 -8.54
N GLY A 104 -8.11 3.15 -8.68
CA GLY A 104 -7.82 1.78 -8.36
C GLY A 104 -8.41 1.27 -7.07
N ARG A 105 -8.94 2.16 -6.22
CA ARG A 105 -9.29 1.69 -4.89
C ARG A 105 -10.70 1.12 -4.76
N THR A 106 -11.65 1.51 -5.60
CA THR A 106 -13.03 1.07 -5.39
C THR A 106 -13.77 1.12 -6.71
N GLY A 107 -14.96 0.51 -6.74
CA GLY A 107 -15.87 0.45 -7.86
C GLY A 107 -15.22 -0.05 -9.12
N LEU A 108 -15.71 0.46 -10.26
CA LEU A 108 -15.21 0.08 -11.58
C LEU A 108 -13.70 0.23 -11.70
N SER A 109 -13.11 1.09 -10.88
CA SER A 109 -11.66 1.30 -10.89
C SER A 109 -10.91 0.00 -10.66
N LYS A 110 -11.49 -0.92 -9.90
CA LYS A 110 -10.81 -2.18 -9.61
C LYS A 110 -10.86 -3.18 -10.77
N ASP A 111 -11.62 -2.90 -11.82
CA ASP A 111 -11.85 -3.84 -12.91
C ASP A 111 -11.10 -3.47 -14.19
N TYR A 112 -10.33 -2.39 -14.19
CA TYR A 112 -9.61 -1.99 -15.39
C TYR A 112 -8.14 -1.74 -15.07
N PRO A 113 -7.24 -2.11 -15.97
CA PRO A 113 -5.82 -1.92 -15.71
C PRO A 113 -5.45 -0.45 -15.83
N ASP A 114 -4.36 -0.09 -15.14
CA ASP A 114 -3.83 1.28 -15.19
C ASP A 114 -2.95 1.44 -16.42
N THR A 115 -3.62 1.48 -17.57
CA THR A 115 -3.02 1.61 -18.90
C THR A 115 -3.79 2.64 -19.69
N PRO A 116 -3.19 3.22 -20.73
CA PRO A 116 -3.93 4.20 -21.55
C PRO A 116 -5.29 3.69 -21.97
N GLU A 117 -5.35 2.52 -22.61
CA GLU A 117 -6.66 2.00 -23.04
C GLU A 117 -7.52 1.57 -21.86
N GLY A 118 -6.91 1.13 -20.75
CA GLY A 118 -7.72 0.72 -19.61
C GLY A 118 -8.39 1.90 -18.94
N ASN A 119 -7.65 2.99 -18.75
CA ASN A 119 -8.21 4.20 -18.18
C ASN A 119 -9.19 4.88 -19.13
N LYS A 120 -8.91 4.87 -20.44
CA LYS A 120 -9.88 5.37 -21.41
C LYS A 120 -11.20 4.60 -21.28
N ALA A 121 -11.11 3.28 -21.16
CA ALA A 121 -12.31 2.45 -21.00
C ALA A 121 -12.97 2.64 -19.63
N LEU A 122 -12.17 2.86 -18.58
CA LEU A 122 -12.74 3.13 -17.25
C LEU A 122 -13.58 4.40 -17.27
N ALA A 123 -13.05 5.46 -17.88
CA ALA A 123 -13.76 6.73 -17.97
C ALA A 123 -15.13 6.57 -18.61
N ALA A 124 -15.23 5.78 -19.68
CA ALA A 124 -16.51 5.61 -20.34
C ALA A 124 -17.46 4.79 -19.50
N ALA A 125 -16.93 3.82 -18.75
CA ALA A 125 -17.78 3.01 -17.89
C ALA A 125 -18.29 3.84 -16.73
N ILE A 126 -17.46 4.73 -16.21
CA ILE A 126 -17.86 5.69 -15.20
C ILE A 126 -18.96 6.62 -15.73
N VAL A 127 -18.74 7.19 -16.93
CA VAL A 127 -19.76 8.09 -17.48
C VAL A 127 -21.08 7.34 -17.67
N LYS A 128 -21.01 6.10 -18.14
CA LYS A 128 -22.24 5.36 -18.36
C LYS A 128 -22.90 4.96 -17.06
N ALA A 129 -22.14 4.48 -16.07
CA ALA A 129 -22.75 4.01 -14.83
C ALA A 129 -23.29 5.16 -13.99
N PHE A 130 -22.56 6.27 -13.93
CA PHE A 130 -22.90 7.31 -12.96
C PHE A 130 -23.62 8.50 -13.58
N VAL A 131 -23.56 8.68 -14.91
CA VAL A 131 -24.24 9.78 -15.57
C VAL A 131 -25.38 9.28 -16.43
N THR A 132 -25.07 8.51 -17.49
CA THR A 132 -26.12 8.10 -18.43
C THR A 132 -27.17 7.22 -17.76
N ASP A 133 -26.73 6.14 -17.11
CA ASP A 133 -27.68 5.20 -16.50
C ASP A 133 -28.50 5.85 -15.39
N ARG A 134 -27.97 6.88 -14.73
CA ARG A 134 -28.70 7.52 -13.64
C ARG A 134 -29.63 8.62 -14.11
N GLY A 135 -29.44 9.12 -15.34
CA GLY A 135 -30.33 10.11 -15.91
C GLY A 135 -30.00 11.55 -15.61
N VAL A 136 -28.78 11.85 -15.17
CA VAL A 136 -28.45 13.17 -14.64
C VAL A 136 -27.71 14.02 -15.65
N ASP A 137 -27.36 15.24 -15.24
CA ASP A 137 -26.87 16.27 -16.15
C ASP A 137 -25.39 16.53 -16.01
N GLY A 138 -24.64 15.69 -15.29
CA GLY A 138 -23.23 15.96 -15.13
C GLY A 138 -22.61 15.07 -14.08
N LEU A 139 -21.31 15.28 -13.87
CA LEU A 139 -20.50 14.44 -12.98
C LEU A 139 -19.65 15.35 -12.11
N ASP A 140 -19.55 14.99 -10.82
CA ASP A 140 -18.80 15.79 -9.85
C ASP A 140 -17.88 14.84 -9.09
N ILE A 141 -16.57 15.05 -9.19
CA ILE A 141 -15.55 14.20 -8.57
C ILE A 141 -15.11 14.83 -7.24
N ASP A 142 -15.24 14.08 -6.16
CA ASP A 142 -14.96 14.56 -4.82
C ASP A 142 -13.52 14.17 -4.46
N ILE A 143 -12.65 15.17 -4.28
CA ILE A 143 -11.22 14.94 -4.06
C ILE A 143 -10.84 15.62 -2.76
N GLU A 144 -10.62 14.82 -1.72
CA GLU A 144 -10.29 15.33 -0.40
C GLU A 144 -8.97 14.75 0.08
N HIS A 145 -8.55 15.16 1.27
CA HIS A 145 -7.38 14.55 1.86
C HIS A 145 -7.77 13.21 2.46
N GLU A 146 -6.94 12.20 2.19
CA GLU A 146 -7.11 10.87 2.75
C GLU A 146 -6.17 10.77 3.94
N PHE A 147 -6.72 10.90 5.16
CA PHE A 147 -5.85 10.97 6.33
C PHE A 147 -5.25 9.61 6.66
N THR A 148 -6.09 8.57 6.74
CA THR A 148 -5.64 7.24 7.16
C THR A 148 -4.58 6.67 6.20
N ASN A 149 -4.92 6.53 4.92
CA ASN A 149 -4.04 5.83 3.96
C ASN A 149 -3.73 6.71 2.75
N LYS A 150 -2.67 7.52 2.83
CA LYS A 150 -2.35 8.50 1.81
C LYS A 150 -2.35 7.88 0.42
N ARG A 151 -2.77 8.68 -0.56
CA ARG A 151 -2.77 8.26 -1.94
C ARG A 151 -1.39 8.40 -2.54
N THR A 152 -0.98 7.41 -3.33
CA THR A 152 0.33 7.42 -3.96
C THR A 152 0.32 8.35 -5.16
N PRO A 153 1.51 8.82 -5.58
CA PRO A 153 1.58 9.58 -6.84
C PRO A 153 1.01 8.83 -8.03
N GLU A 154 1.12 7.50 -8.03
CA GLU A 154 0.53 6.73 -9.11
C GLU A 154 -0.98 6.72 -9.01
N GLU A 155 -1.51 6.71 -7.79
CA GLU A 155 -2.95 6.82 -7.62
C GLU A 155 -3.46 8.20 -8.07
N ASP A 156 -2.73 9.27 -7.74
CA ASP A 156 -3.17 10.59 -8.20
C ASP A 156 -2.94 10.76 -9.69
N ALA A 157 -1.80 10.27 -10.19
CA ALA A 157 -1.56 10.34 -11.62
C ALA A 157 -2.64 9.63 -12.42
N ARG A 158 -3.09 8.46 -11.94
CA ARG A 158 -4.13 7.73 -12.67
C ARG A 158 -5.47 8.47 -12.65
N ALA A 159 -5.92 8.91 -11.46
CA ALA A 159 -7.16 9.66 -11.37
C ALA A 159 -7.14 10.85 -12.32
N LEU A 160 -6.00 11.50 -12.46
CA LEU A 160 -5.88 12.58 -13.44
C LEU A 160 -6.07 12.06 -14.87
N ASN A 161 -5.43 10.96 -15.20
CA ASN A 161 -5.59 10.40 -16.53
C ASN A 161 -7.03 9.99 -16.79
N VAL A 162 -7.67 9.32 -15.82
CA VAL A 162 -9.07 8.96 -16.01
C VAL A 162 -9.93 10.21 -16.14
N PHE A 163 -9.64 11.22 -15.32
CA PHE A 163 -10.41 12.47 -15.33
C PHE A 163 -10.31 13.16 -16.68
N LYS A 164 -9.10 13.17 -17.27
CA LYS A 164 -8.94 13.77 -18.59
C LYS A 164 -9.70 12.98 -19.64
N GLU A 165 -9.80 11.67 -19.48
CA GLU A 165 -10.60 10.87 -20.42
C GLU A 165 -12.08 11.14 -20.24
N ILE A 166 -12.56 11.20 -19.00
CA ILE A 166 -13.93 11.65 -18.77
C ILE A 166 -14.15 13.02 -19.45
N ALA A 167 -13.19 13.94 -19.29
CA ALA A 167 -13.35 15.25 -19.90
C ALA A 167 -13.44 15.18 -21.43
N GLN A 168 -12.98 14.09 -22.04
CA GLN A 168 -13.16 13.97 -23.49
C GLN A 168 -14.54 13.43 -23.85
N LEU A 169 -15.21 12.76 -22.90
CA LEU A 169 -16.58 12.28 -23.07
C LEU A 169 -17.62 13.34 -22.73
N ILE A 170 -17.43 14.08 -21.63
CA ILE A 170 -18.42 15.06 -21.19
C ILE A 170 -17.75 16.38 -20.84
N GLY A 171 -18.55 17.45 -20.81
CA GLY A 171 -18.08 18.74 -20.37
C GLY A 171 -17.78 19.67 -21.52
N LYS A 172 -17.31 20.86 -21.18
CA LYS A 172 -17.08 21.89 -22.19
C LYS A 172 -16.11 21.44 -23.28
N ASN A 173 -15.20 20.50 -22.97
CA ASN A 173 -14.25 20.02 -23.97
C ASN A 173 -14.50 18.58 -24.37
N GLY A 174 -15.71 18.07 -24.17
CA GLY A 174 -16.05 16.68 -24.44
C GLY A 174 -17.01 16.65 -25.63
N SER A 175 -17.13 15.48 -26.23
CA SER A 175 -18.09 15.34 -27.29
C SER A 175 -19.55 15.52 -26.80
N ASP A 176 -19.90 15.06 -25.61
CA ASP A 176 -21.25 15.38 -25.13
C ASP A 176 -21.23 16.64 -24.23
N LYS A 177 -21.46 17.81 -24.84
CA LYS A 177 -21.45 19.09 -24.11
C LYS A 177 -22.75 19.37 -23.35
N SER A 178 -23.68 18.42 -23.33
CA SER A 178 -24.90 18.63 -22.57
C SER A 178 -24.76 18.28 -21.09
N LYS A 179 -23.59 17.76 -20.68
CA LYS A 179 -23.35 17.37 -19.31
C LYS A 179 -22.30 18.30 -18.70
N LEU A 180 -22.46 18.56 -17.41
CA LEU A 180 -21.48 19.33 -16.64
C LEU A 180 -20.37 18.43 -16.12
N LEU A 181 -19.18 19.00 -16.00
CA LEU A 181 -18.04 18.32 -15.38
C LEU A 181 -17.50 19.23 -14.29
N ILE A 182 -17.45 18.72 -13.07
CA ILE A 182 -17.23 19.51 -11.86
C ILE A 182 -16.27 18.76 -10.95
N MET A 183 -15.44 19.50 -10.22
CA MET A 183 -14.68 18.95 -9.11
C MET A 183 -15.12 19.63 -7.82
N ASP A 184 -15.21 18.89 -6.72
CA ASP A 184 -15.29 19.50 -5.41
C ASP A 184 -14.15 18.99 -4.54
N THR A 185 -13.59 19.86 -3.71
CA THR A 185 -12.29 19.55 -3.11
C THR A 185 -12.13 20.23 -1.75
N THR A 186 -11.20 19.69 -0.94
CA THR A 186 -10.76 20.35 0.27
C THR A 186 -9.30 20.75 0.18
N LEU A 187 -8.70 20.63 -0.99
CA LEU A 187 -7.25 20.69 -1.17
C LEU A 187 -6.87 22.01 -1.83
N SER A 188 -5.87 22.69 -1.28
CA SER A 188 -5.30 23.86 -1.93
C SER A 188 -4.50 23.46 -3.16
N VAL A 189 -4.21 24.45 -4.00
CA VAL A 189 -3.48 24.20 -5.26
C VAL A 189 -2.23 23.37 -5.01
N GLU A 190 -1.41 23.77 -4.02
CA GLU A 190 -0.14 23.06 -3.80
C GLU A 190 -0.33 21.60 -3.38
N ASN A 191 -1.50 21.22 -2.86
CA ASN A 191 -1.77 19.85 -2.48
C ASN A 191 -2.74 19.16 -3.43
N ASN A 192 -2.97 19.73 -4.61
CA ASN A 192 -4.02 19.27 -5.52
C ASN A 192 -3.46 19.08 -6.92
N PRO A 193 -2.57 18.13 -7.11
CA PRO A 193 -2.04 17.93 -8.47
C PRO A 193 -3.12 17.61 -9.49
N ILE A 194 -4.16 16.84 -9.12
CA ILE A 194 -5.22 16.53 -10.06
C ILE A 194 -5.93 17.80 -10.53
N PHE A 195 -6.15 18.75 -9.63
CA PHE A 195 -6.83 19.98 -10.02
C PHE A 195 -6.03 20.72 -11.07
N LYS A 196 -4.71 20.85 -10.85
CA LYS A 196 -3.86 21.55 -11.81
C LYS A 196 -4.00 20.97 -13.21
N GLY A 197 -4.12 19.64 -13.33
CA GLY A 197 -4.18 19.04 -14.65
C GLY A 197 -5.54 19.09 -15.30
N ILE A 198 -6.61 19.11 -14.50
CA ILE A 198 -7.96 19.03 -15.04
C ILE A 198 -8.63 20.39 -15.13
N ALA A 199 -8.05 21.44 -14.54
CA ALA A 199 -8.75 22.70 -14.31
C ALA A 199 -9.30 23.30 -15.61
N GLU A 200 -8.56 23.18 -16.71
CA GLU A 200 -9.04 23.69 -18.00
C GLU A 200 -10.32 22.99 -18.47
N ASP A 201 -10.57 21.76 -18.04
CA ASP A 201 -11.74 21.03 -18.53
C ASP A 201 -12.94 21.15 -17.61
N LEU A 202 -12.84 21.90 -16.51
CA LEU A 202 -13.88 21.95 -15.48
C LEU A 202 -14.86 23.06 -15.78
N ASP A 203 -16.13 22.80 -15.50
CA ASP A 203 -17.11 23.88 -15.51
C ASP A 203 -17.02 24.71 -14.23
N TYR A 204 -17.04 24.04 -13.08
CA TYR A 204 -16.98 24.71 -11.79
C TYR A 204 -16.04 23.96 -10.86
N LEU A 205 -15.42 24.70 -9.94
CA LEU A 205 -14.70 24.13 -8.82
C LEU A 205 -15.45 24.45 -7.53
N LEU A 206 -15.91 23.40 -6.84
CA LEU A 206 -16.65 23.56 -5.59
C LEU A 206 -15.67 23.34 -4.43
N ARG A 207 -15.35 24.40 -3.70
CA ARG A 207 -14.35 24.34 -2.65
C ARG A 207 -15.09 24.27 -1.32
N GLN A 208 -15.04 23.10 -0.68
CA GLN A 208 -15.61 22.96 0.65
C GLN A 208 -14.85 23.82 1.64
N TYR A 209 -15.57 24.68 2.35
CA TYR A 209 -15.00 25.54 3.38
C TYR A 209 -15.84 25.48 4.64
N TYR A 210 -16.14 24.28 5.11
CA TYR A 210 -17.03 24.16 6.27
C TYR A 210 -16.31 24.61 7.52
N GLY A 211 -17.01 25.37 8.37
CA GLY A 211 -16.39 25.88 9.58
C GLY A 211 -15.45 27.04 9.28
N SER A 212 -14.93 27.61 10.36
CA SER A 212 -14.07 28.79 10.28
C SER A 212 -12.83 28.54 9.42
N GLN A 213 -12.37 29.60 8.73
CA GLN A 213 -11.23 29.46 7.82
C GLN A 213 -10.09 30.42 8.17
N GLY A 214 -10.02 30.87 9.43
CA GLY A 214 -8.89 31.61 9.95
C GLY A 214 -9.08 33.12 9.91
N GLY A 215 -8.39 33.82 10.81
CA GLY A 215 -8.45 35.28 10.84
C GLY A 215 -9.74 35.82 11.44
N GLU A 216 -9.80 37.15 11.51
CA GLU A 216 -10.89 37.78 12.24
C GLU A 216 -12.21 37.73 11.50
N ALA A 217 -12.21 37.79 10.17
CA ALA A 217 -13.40 37.56 9.36
C ALA A 217 -13.61 36.09 9.00
N GLU A 218 -12.71 35.20 9.45
CA GLU A 218 -12.84 33.76 9.28
C GLU A 218 -12.74 33.29 7.84
N VAL A 219 -12.07 34.06 6.98
CA VAL A 219 -12.00 33.67 5.58
C VAL A 219 -10.56 33.70 5.07
N ASP A 220 -9.60 33.60 5.99
CA ASP A 220 -8.17 33.66 5.60
C ASP A 220 -7.84 32.61 4.55
N THR A 221 -8.19 31.35 4.82
CA THR A 221 -7.85 30.27 3.89
C THR A 221 -8.53 30.45 2.54
N ILE A 222 -9.73 31.04 2.50
CA ILE A 222 -10.41 31.26 1.22
C ILE A 222 -9.64 32.27 0.38
N ASN A 223 -9.26 33.39 0.99
CA ASN A 223 -8.56 34.43 0.25
C ASN A 223 -7.20 33.92 -0.23
N SER A 224 -6.45 33.25 0.66
CA SER A 224 -5.13 32.79 0.25
C SER A 224 -5.21 31.64 -0.74
N ASP A 225 -6.24 30.78 -0.59
CA ASP A 225 -6.49 29.74 -1.60
C ASP A 225 -6.84 30.39 -2.93
N TRP A 226 -7.75 31.38 -2.91
CA TRP A 226 -8.16 31.98 -4.19
C TRP A 226 -6.97 32.62 -4.91
N ASN A 227 -6.02 33.16 -4.15
CA ASN A 227 -4.84 33.77 -4.76
C ASN A 227 -4.08 32.79 -5.65
N GLN A 228 -4.10 31.49 -5.31
CA GLN A 228 -3.52 30.44 -6.16
C GLN A 228 -4.51 29.90 -7.20
N TYR A 229 -5.75 29.60 -6.77
CA TYR A 229 -6.77 29.07 -7.68
C TYR A 229 -6.92 29.94 -8.90
N GLN A 230 -6.82 31.26 -8.73
CA GLN A 230 -7.12 32.18 -9.83
C GLN A 230 -6.26 31.93 -11.06
N ASN A 231 -5.08 31.30 -10.89
CA ASN A 231 -4.20 31.02 -12.00
C ASN A 231 -4.63 29.81 -12.81
N TYR A 232 -5.68 29.11 -12.40
CA TYR A 232 -6.17 27.96 -13.15
C TYR A 232 -7.61 28.07 -13.58
N ILE A 233 -8.44 28.83 -12.86
CA ILE A 233 -9.84 28.97 -13.21
C ILE A 233 -10.22 30.42 -13.08
N ASP A 234 -11.36 30.73 -13.67
CA ASP A 234 -11.92 32.05 -13.55
C ASP A 234 -12.76 32.16 -12.30
N ALA A 235 -12.84 33.38 -11.74
CA ALA A 235 -13.66 33.58 -10.57
C ALA A 235 -15.08 33.13 -10.81
N SER A 236 -15.59 33.31 -12.03
CA SER A 236 -16.93 32.84 -12.34
C SER A 236 -17.06 31.32 -12.28
N GLN A 237 -15.97 30.58 -12.08
CA GLN A 237 -16.03 29.14 -11.94
C GLN A 237 -15.87 28.68 -10.51
N PHE A 238 -15.77 29.60 -9.55
CA PHE A 238 -15.37 29.27 -8.18
C PHE A 238 -16.59 29.34 -7.27
N MET A 239 -16.93 28.21 -6.67
CA MET A 239 -18.01 28.11 -5.69
C MET A 239 -17.41 27.72 -4.36
N ILE A 240 -17.86 28.38 -3.29
CA ILE A 240 -17.41 28.00 -1.95
C ILE A 240 -18.60 27.40 -1.23
N GLY A 241 -18.31 26.55 -0.26
CA GLY A 241 -19.34 25.74 0.37
C GLY A 241 -19.33 25.80 1.87
N PHE A 242 -20.53 25.80 2.46
CA PHE A 242 -20.78 25.63 3.89
C PHE A 242 -21.61 24.37 4.12
N SER A 243 -21.72 23.92 5.36
CA SER A 243 -22.48 22.72 5.68
C SER A 243 -23.65 22.99 6.61
N PHE A 244 -24.81 22.41 6.28
CA PHE A 244 -25.87 22.37 7.27
C PHE A 244 -25.46 21.44 8.41
N PHE A 245 -26.28 21.39 9.46
CA PHE A 245 -25.95 20.58 10.61
C PHE A 245 -26.47 19.15 10.40
N GLU A 246 -25.57 18.17 10.41
CA GLU A 246 -25.95 16.78 10.20
C GLU A 246 -26.30 16.12 11.54
N GLU A 247 -27.42 15.39 11.57
CA GLU A 247 -27.87 14.75 12.80
C GLU A 247 -26.78 13.88 13.40
N SER A 248 -26.60 13.99 14.71
CA SER A 248 -25.65 13.14 15.43
C SER A 248 -24.22 13.35 14.96
N ALA A 249 -23.93 14.50 14.34
CA ALA A 249 -22.54 14.81 14.03
C ALA A 249 -21.76 14.94 15.32
N SER A 250 -20.51 14.44 15.30
CA SER A 250 -19.61 14.41 16.43
C SER A 250 -18.46 15.38 16.23
N LYS A 251 -17.64 15.51 17.28
CA LYS A 251 -16.39 16.24 17.21
C LYS A 251 -15.65 15.88 15.93
N GLY A 252 -15.25 16.90 15.16
CA GLY A 252 -14.63 16.72 13.86
C GLY A 252 -15.59 16.87 12.69
N ASN A 253 -16.89 16.86 12.95
CA ASN A 253 -17.87 17.12 11.91
C ASN A 253 -18.93 18.10 12.41
N LEU A 254 -18.50 19.06 13.24
CA LEU A 254 -19.33 20.10 13.85
C LEU A 254 -18.79 21.47 13.42
N TRP A 255 -19.45 22.09 12.43
CA TRP A 255 -18.91 23.26 11.78
C TRP A 255 -19.52 24.57 12.26
N PHE A 256 -20.78 24.56 12.73
CA PHE A 256 -21.47 25.78 13.15
C PHE A 256 -21.54 26.78 12.01
N ASP A 257 -21.90 26.28 10.82
CA ASP A 257 -22.10 27.18 9.71
C ASP A 257 -23.46 27.82 9.69
N VAL A 258 -24.36 27.39 10.56
CA VAL A 258 -25.70 27.94 10.68
C VAL A 258 -25.96 28.24 12.16
N ASN A 259 -27.11 28.85 12.45
CA ASN A 259 -27.36 29.33 13.80
C ASN A 259 -27.71 28.19 14.73
N GLU A 260 -27.23 28.29 15.97
CA GLU A 260 -27.42 27.25 16.98
C GLU A 260 -28.85 27.26 17.50
N TYR A 261 -29.27 26.10 17.98
CA TYR A 261 -30.55 25.91 18.63
C TYR A 261 -30.86 27.03 19.62
N ASP A 262 -32.11 27.47 19.63
CA ASP A 262 -32.61 28.45 20.59
C ASP A 262 -33.90 27.88 21.20
N PRO A 263 -33.88 27.46 22.47
CA PRO A 263 -35.12 26.91 23.06
C PRO A 263 -36.23 27.93 23.13
N ASN A 264 -35.88 29.19 22.99
CA ASN A 264 -36.84 30.29 23.01
C ASN A 264 -37.34 30.67 21.63
N ASN A 265 -36.85 30.02 20.57
CA ASN A 265 -37.19 30.38 19.19
C ASN A 265 -36.96 29.19 18.27
N PRO A 266 -37.97 28.36 18.06
CA PRO A 266 -37.77 27.18 17.20
C PRO A 266 -37.39 27.52 15.76
N GLU A 267 -37.59 28.75 15.32
CA GLU A 267 -37.28 29.16 13.96
C GLU A 267 -35.82 29.58 13.78
N LYS A 268 -35.03 29.61 14.85
CA LYS A 268 -33.67 30.15 14.76
C LYS A 268 -32.83 29.47 13.67
N GLY A 269 -33.00 28.17 13.45
CA GLY A 269 -32.19 27.51 12.43
C GLY A 269 -32.44 28.04 11.03
N LYS A 270 -33.62 28.65 10.80
CA LYS A 270 -33.97 29.23 9.52
C LYS A 270 -33.51 30.68 9.36
N ASP A 271 -32.88 31.23 10.36
CA ASP A 271 -32.44 32.62 10.33
C ASP A 271 -30.98 32.65 9.87
N ILE A 272 -30.72 33.36 8.76
CA ILE A 272 -29.37 33.41 8.23
C ILE A 272 -28.54 34.55 8.79
N GLU A 273 -29.16 35.50 9.49
CA GLU A 273 -28.40 36.59 10.09
C GLU A 273 -27.34 36.05 11.06
N GLY A 274 -26.11 36.50 10.90
CA GLY A 274 -25.03 36.05 11.76
C GLY A 274 -24.33 34.76 11.35
N THR A 275 -24.85 34.04 10.37
CA THR A 275 -24.33 32.72 10.03
C THR A 275 -23.13 32.80 9.08
N ARG A 276 -22.24 31.82 9.18
CA ARG A 276 -21.19 31.69 8.18
C ARG A 276 -21.77 31.56 6.78
N ALA A 277 -22.93 30.90 6.67
CA ALA A 277 -23.56 30.73 5.35
C ALA A 277 -23.81 32.08 4.71
N LYS A 278 -24.31 33.04 5.50
CA LYS A 278 -24.56 34.37 4.98
C LYS A 278 -23.26 35.03 4.56
N LYS A 279 -22.20 34.90 5.39
CA LYS A 279 -20.88 35.44 5.03
C LYS A 279 -20.37 34.85 3.72
N TYR A 280 -20.55 33.54 3.49
CA TYR A 280 -20.08 32.98 2.22
C TYR A 280 -20.93 33.53 1.07
N ALA A 281 -22.23 33.74 1.32
CA ALA A 281 -23.04 34.36 0.26
C ALA A 281 -22.50 35.73 -0.13
N GLU A 282 -21.98 36.47 0.82
CA GLU A 282 -21.53 37.84 0.60
C GLU A 282 -20.06 37.94 0.22
N TRP A 283 -19.27 36.92 0.52
CA TRP A 283 -17.84 36.99 0.23
C TRP A 283 -17.63 37.10 -1.27
N GLN A 284 -16.67 37.92 -1.66
CA GLN A 284 -16.24 37.98 -3.04
C GLN A 284 -14.72 37.96 -3.11
N PRO A 285 -14.16 37.31 -4.12
CA PRO A 285 -12.70 37.34 -4.30
C PRO A 285 -12.25 38.78 -4.51
N SER A 286 -11.03 39.07 -4.06
CA SER A 286 -10.49 40.40 -4.23
C SER A 286 -9.80 40.61 -5.58
N THR A 287 -9.46 39.53 -6.32
CA THR A 287 -8.95 39.65 -7.68
C THR A 287 -9.73 38.74 -8.62
N GLY A 288 -9.61 39.01 -9.93
CA GLY A 288 -10.20 38.11 -10.92
C GLY A 288 -11.62 38.48 -11.31
N GLY A 289 -12.55 38.27 -10.41
CA GLY A 289 -13.94 38.60 -10.67
C GLY A 289 -14.79 38.20 -9.50
N LEU A 290 -16.10 38.27 -9.71
CA LEU A 290 -17.06 37.76 -8.75
C LEU A 290 -17.12 36.25 -8.82
N LYS A 291 -17.49 35.64 -7.70
CA LYS A 291 -17.54 34.18 -7.67
C LYS A 291 -18.77 33.68 -8.38
N ALA A 292 -18.82 32.37 -8.59
CA ALA A 292 -19.97 31.75 -9.23
C ALA A 292 -21.17 31.64 -8.31
N GLY A 293 -20.95 31.55 -7.00
CA GLY A 293 -22.02 31.35 -6.04
C GLY A 293 -21.53 30.54 -4.85
N ILE A 294 -22.47 29.92 -4.13
CA ILE A 294 -22.15 29.11 -2.96
C ILE A 294 -22.90 27.80 -3.08
N PHE A 295 -22.51 26.85 -2.23
CA PHE A 295 -23.26 25.60 -2.11
C PHE A 295 -23.31 25.18 -0.64
N SER A 296 -24.26 24.30 -0.34
CA SER A 296 -24.41 23.72 0.99
C SER A 296 -24.24 22.21 0.92
N TYR A 297 -23.58 21.65 1.93
CA TYR A 297 -23.64 20.20 2.12
C TYR A 297 -24.84 19.84 3.00
N ALA A 298 -25.54 18.77 2.63
CA ALA A 298 -26.69 18.25 3.39
C ALA A 298 -27.87 19.20 3.34
N ILE A 299 -28.31 19.54 2.11
CA ILE A 299 -29.42 20.46 1.94
C ILE A 299 -30.73 19.87 2.50
N ASP A 300 -30.78 18.54 2.67
CA ASP A 300 -31.94 17.94 3.32
C ASP A 300 -32.06 18.33 4.79
N ARG A 301 -31.02 18.93 5.38
CA ARG A 301 -31.04 19.44 6.75
C ARG A 301 -31.22 20.95 6.77
N ASP A 302 -31.59 21.55 5.65
CA ASP A 302 -31.82 22.98 5.58
C ASP A 302 -32.82 23.40 6.63
N GLY A 303 -32.40 24.31 7.51
CA GLY A 303 -33.28 24.94 8.46
C GLY A 303 -33.19 24.39 9.86
N VAL A 304 -32.66 23.18 10.02
CA VAL A 304 -32.45 22.62 11.34
C VAL A 304 -31.39 23.43 12.07
N ALA A 305 -31.70 23.84 13.30
CA ALA A 305 -30.74 24.62 14.07
C ALA A 305 -29.56 23.75 14.50
N HIS A 306 -28.38 24.37 14.57
CA HIS A 306 -27.19 23.62 14.94
C HIS A 306 -27.24 23.25 16.41
N VAL A 307 -26.67 22.11 16.75
CA VAL A 307 -26.59 21.65 18.14
C VAL A 307 -25.79 22.70 18.90
N PRO A 308 -26.10 23.00 20.17
CA PRO A 308 -25.40 24.09 20.87
C PRO A 308 -23.92 23.82 21.02
N SER A 309 -23.13 24.91 21.15
CA SER A 309 -21.66 24.81 21.29
C SER A 309 -21.23 23.94 22.46
N THR A 310 -22.06 23.83 23.49
CA THR A 310 -21.70 23.00 24.64
C THR A 310 -21.56 21.52 24.27
N TYR A 311 -22.13 21.09 23.15
CA TYR A 311 -22.10 19.68 22.72
C TYR A 311 -20.92 19.35 21.85
N LYS A 312 -20.06 20.33 21.54
CA LYS A 312 -19.07 20.15 20.48
C LYS A 312 -18.01 19.11 20.82
N ASN A 313 -18.06 18.48 22.00
CA ASN A 313 -17.09 17.47 22.36
C ASN A 313 -17.64 16.06 22.32
N ARG A 314 -18.92 15.89 22.00
CA ARG A 314 -19.51 14.56 21.90
C ARG A 314 -18.81 13.74 20.81
N THR A 315 -18.84 12.43 20.96
CA THR A 315 -18.17 11.50 20.05
C THR A 315 -19.02 10.26 19.84
N SER A 316 -18.57 9.38 18.93
CA SER A 316 -19.23 8.09 18.71
C SER A 316 -19.43 7.32 20.02
N THR A 317 -18.44 7.33 20.91
CA THR A 317 -18.48 6.62 22.19
C THR A 317 -18.85 7.52 23.36
N ASN A 318 -19.23 8.78 23.11
CA ASN A 318 -19.54 9.73 24.18
C ASN A 318 -20.75 10.54 23.70
N LEU A 319 -21.90 9.90 23.71
CA LEU A 319 -23.03 10.50 23.03
C LEU A 319 -23.70 11.51 23.92
N GLN A 320 -24.09 12.62 23.32
CA GLN A 320 -24.74 13.70 23.98
C GLN A 320 -25.85 14.10 23.01
N ARG A 321 -26.90 13.29 22.95
CA ARG A 321 -27.96 13.52 21.98
C ARG A 321 -28.76 14.75 22.35
N HIS A 322 -29.27 15.45 21.32
CA HIS A 322 -30.00 16.69 21.48
C HIS A 322 -31.22 16.66 20.56
N GLU A 323 -32.23 17.45 20.91
CA GLU A 323 -33.44 17.48 20.10
C GLU A 323 -33.18 17.79 18.63
N VAL A 324 -32.16 18.59 18.30
CA VAL A 324 -31.90 18.89 16.90
C VAL A 324 -31.35 17.68 16.15
N ASP A 325 -31.00 16.61 16.86
CA ASP A 325 -30.59 15.36 16.23
C ASP A 325 -31.76 14.63 15.56
N ASN A 326 -32.99 15.01 15.87
CA ASN A 326 -34.16 14.43 15.23
C ASN A 326 -34.21 14.77 13.75
N ILE A 327 -34.80 13.89 12.98
CA ILE A 327 -35.01 14.14 11.56
C ILE A 327 -36.31 14.89 11.41
N SER A 328 -36.37 15.81 10.45
CA SER A 328 -37.63 16.52 10.24
C SER A 328 -37.72 16.96 8.80
N HIS A 329 -38.95 17.28 8.40
CA HIS A 329 -39.19 17.77 7.06
C HIS A 329 -38.64 19.18 6.90
N THR A 330 -37.98 19.47 5.80
CA THR A 330 -37.45 20.81 5.54
C THR A 330 -38.24 21.44 4.42
N ASP A 331 -38.34 22.77 4.43
CA ASP A 331 -38.91 23.47 3.29
C ASP A 331 -37.88 24.39 2.63
N TYR A 332 -36.60 24.15 2.90
CA TYR A 332 -35.49 24.77 2.17
C TYR A 332 -35.53 26.29 2.30
N THR A 333 -35.91 26.75 3.50
CA THR A 333 -36.00 28.19 3.73
C THR A 333 -34.64 28.86 3.67
N VAL A 334 -33.61 28.25 4.27
CA VAL A 334 -32.28 28.86 4.28
C VAL A 334 -31.70 28.93 2.87
N SER A 335 -31.89 27.87 2.08
CA SER A 335 -31.42 27.87 0.71
C SER A 335 -32.09 29.01 -0.09
N ARG A 336 -33.39 29.19 0.13
CA ARG A 336 -34.11 30.22 -0.62
C ARG A 336 -33.63 31.61 -0.23
N LYS A 337 -33.39 31.85 1.07
CA LYS A 337 -32.89 33.15 1.52
C LYS A 337 -31.50 33.43 0.95
N LEU A 338 -30.61 32.43 0.99
CA LEU A 338 -29.24 32.65 0.52
C LEU A 338 -29.22 32.96 -0.97
N LYS A 339 -30.05 32.26 -1.75
CA LYS A 339 -30.05 32.55 -3.18
C LYS A 339 -30.57 33.96 -3.46
N THR A 340 -31.68 34.35 -2.84
CA THR A 340 -32.19 35.69 -3.13
C THR A 340 -31.26 36.77 -2.61
N LEU A 341 -30.56 36.54 -1.48
CA LEU A 341 -29.54 37.50 -1.07
C LEU A 341 -28.52 37.73 -2.18
N MET A 342 -28.01 36.65 -2.76
CA MET A 342 -26.97 36.78 -3.78
C MET A 342 -27.50 37.47 -5.02
N THR A 343 -28.66 37.04 -5.53
CA THR A 343 -29.21 37.63 -6.76
C THR A 343 -29.59 39.10 -6.58
N GLU A 344 -29.81 39.54 -5.34
CA GLU A 344 -30.04 40.95 -5.07
C GLU A 344 -28.75 41.73 -4.84
N ASP A 345 -27.61 41.05 -4.80
CA ASP A 345 -26.33 41.74 -4.63
C ASP A 345 -26.09 42.59 -5.89
N LYS A 346 -26.02 43.91 -5.71
CA LYS A 346 -25.92 44.80 -6.86
C LYS A 346 -24.58 44.68 -7.58
N ARG A 347 -23.59 44.02 -6.99
CA ARG A 347 -22.35 43.80 -7.70
C ARG A 347 -22.54 42.87 -8.89
N TYR A 348 -23.65 42.14 -8.94
CA TYR A 348 -24.02 41.32 -10.10
C TYR A 348 -24.96 42.05 -11.07
N ASP A 349 -25.19 43.36 -10.90
CA ASP A 349 -25.82 44.13 -11.97
C ASP A 349 -24.87 44.19 -13.14
N VAL A 350 -25.40 44.14 -14.37
CA VAL A 350 -24.53 44.10 -15.53
C VAL A 350 -23.91 45.47 -15.78
N ILE A 351 -22.65 45.48 -16.21
CA ILE A 351 -22.00 46.70 -16.64
C ILE A 351 -22.89 47.36 -17.68
N ASP A 352 -23.11 48.67 -17.52
CA ASP A 352 -24.08 49.37 -18.37
C ASP A 352 -23.50 50.69 -18.86
N GLN A 353 -24.32 51.40 -19.63
CA GLN A 353 -23.92 52.70 -20.22
C GLN A 353 -23.28 53.64 -19.20
N LYS A 354 -23.67 53.57 -17.92
CA LYS A 354 -23.18 54.47 -16.89
C LYS A 354 -21.87 54.04 -16.25
N ASP A 355 -21.45 52.80 -16.42
CA ASP A 355 -20.06 52.47 -16.09
C ASP A 355 -19.14 52.87 -17.24
N ILE A 356 -19.41 52.32 -18.42
CA ILE A 356 -18.60 52.53 -19.61
C ILE A 356 -19.48 53.22 -20.66
N PRO A 357 -19.42 54.55 -20.76
CA PRO A 357 -20.30 55.24 -21.74
C PRO A 357 -20.13 54.79 -23.17
N ASP A 358 -18.91 54.67 -23.64
CA ASP A 358 -18.68 54.33 -25.04
C ASP A 358 -19.14 52.90 -25.31
N PRO A 359 -20.07 52.67 -26.24
CA PRO A 359 -20.58 51.30 -26.43
C PRO A 359 -19.54 50.36 -27.00
N ALA A 360 -18.60 50.87 -27.80
CA ALA A 360 -17.54 50.02 -28.32
C ALA A 360 -16.55 49.65 -27.21
N LEU A 361 -16.20 50.62 -26.38
CA LEU A 361 -15.38 50.34 -25.22
C LEU A 361 -16.09 49.35 -24.30
N ARG A 362 -17.39 49.58 -24.05
CA ARG A 362 -18.14 48.71 -23.15
C ARG A 362 -18.17 47.28 -23.65
N GLU A 363 -18.35 47.07 -24.95
CA GLU A 363 -18.45 45.71 -25.47
C GLU A 363 -17.14 44.95 -25.26
N GLN A 364 -16.00 45.59 -25.58
CA GLN A 364 -14.74 44.89 -25.48
C GLN A 364 -14.38 44.60 -24.03
N ILE A 365 -14.73 45.50 -23.12
CA ILE A 365 -14.51 45.26 -21.70
C ILE A 365 -15.31 44.06 -21.21
N ILE A 366 -16.61 44.04 -21.53
CA ILE A 366 -17.48 42.94 -21.11
C ILE A 366 -16.96 41.61 -21.63
N GLN A 367 -16.53 41.57 -22.89
CA GLN A 367 -16.05 40.33 -23.47
C GLN A 367 -14.81 39.82 -22.74
N GLN A 368 -14.03 40.70 -22.12
CA GLN A 368 -12.75 40.29 -21.56
C GLN A 368 -12.67 40.26 -20.05
N VAL A 369 -13.52 41.03 -19.34
CA VAL A 369 -13.47 41.06 -17.88
C VAL A 369 -14.70 40.45 -17.25
N GLY A 370 -15.77 40.23 -17.99
CA GLY A 370 -17.00 39.72 -17.43
C GLY A 370 -18.15 40.70 -17.59
N GLN A 371 -19.32 40.27 -17.13
CA GLN A 371 -20.52 41.05 -17.37
C GLN A 371 -20.98 41.87 -16.19
N TYR A 372 -20.41 41.71 -15.00
CA TYR A 372 -20.96 42.31 -13.79
C TYR A 372 -20.14 43.51 -13.35
N LYS A 373 -20.82 44.51 -12.77
CA LYS A 373 -20.11 45.68 -12.26
C LYS A 373 -19.01 45.27 -11.28
N GLY A 374 -19.26 44.24 -10.46
CA GLY A 374 -18.28 43.80 -9.47
C GLY A 374 -17.02 43.21 -10.08
N ASP A 375 -17.09 42.77 -11.33
CA ASP A 375 -15.87 42.30 -11.99
C ASP A 375 -14.89 43.45 -12.26
N LEU A 376 -15.41 44.67 -12.45
CA LEU A 376 -14.54 45.76 -12.90
C LEU A 376 -13.35 45.96 -11.98
N GLU A 377 -13.60 46.22 -10.70
CA GLU A 377 -12.52 46.55 -9.78
C GLU A 377 -11.68 45.35 -9.36
N ARG A 378 -12.01 44.15 -9.84
CA ARG A 378 -11.29 42.93 -9.48
C ARG A 378 -10.45 42.37 -10.60
N TYR A 379 -10.86 42.57 -11.84
CA TYR A 379 -10.12 41.98 -12.97
C TYR A 379 -8.67 42.45 -12.97
N ASN A 380 -7.75 41.49 -13.00
CA ASN A 380 -6.33 41.78 -12.81
C ASN A 380 -5.46 41.14 -13.90
N LYS A 381 -5.98 40.99 -15.12
CA LYS A 381 -5.20 40.35 -16.18
C LYS A 381 -4.96 41.36 -17.27
N THR A 382 -5.29 41.06 -18.52
CA THR A 382 -4.94 41.91 -19.64
C THR A 382 -6.19 42.30 -20.42
N LEU A 383 -6.24 43.55 -20.87
CA LEU A 383 -7.33 44.10 -21.69
C LEU A 383 -6.74 44.65 -22.97
N VAL A 384 -7.23 44.16 -24.10
CA VAL A 384 -6.79 44.62 -25.42
C VAL A 384 -7.95 45.38 -26.06
N LEU A 385 -7.80 46.69 -26.22
CA LEU A 385 -8.80 47.53 -26.87
C LEU A 385 -8.35 47.84 -28.30
N THR A 386 -9.22 47.55 -29.27
CA THR A 386 -8.86 47.66 -30.68
C THR A 386 -9.93 48.44 -31.45
N GLY A 387 -9.57 48.88 -32.66
CA GLY A 387 -10.53 49.41 -33.60
C GLY A 387 -10.71 50.92 -33.50
N ASP A 388 -11.43 51.46 -34.49
CA ASP A 388 -11.69 52.89 -34.58
C ASP A 388 -13.09 53.28 -34.12
N LYS A 389 -13.88 52.33 -33.62
CA LYS A 389 -15.21 52.65 -33.12
C LYS A 389 -15.16 53.25 -31.73
N ILE A 390 -14.11 52.99 -30.97
CA ILE A 390 -13.94 53.53 -29.62
C ILE A 390 -13.53 54.99 -29.73
N GLN A 391 -14.34 55.89 -29.18
CA GLN A 391 -14.01 57.31 -29.22
C GLN A 391 -13.62 57.87 -27.88
N ASN A 392 -14.03 57.24 -26.79
CA ASN A 392 -13.80 57.76 -25.46
C ASN A 392 -13.35 56.62 -24.55
N LEU A 393 -12.45 56.93 -23.63
CA LEU A 393 -11.98 55.90 -22.70
C LEU A 393 -12.53 56.09 -21.28
N LYS A 394 -13.58 56.89 -21.10
CA LYS A 394 -14.13 57.07 -19.76
C LYS A 394 -14.66 55.76 -19.20
N GLY A 395 -14.27 55.46 -17.96
CA GLY A 395 -14.62 54.22 -17.29
C GLY A 395 -13.50 53.22 -17.21
N LEU A 396 -12.49 53.35 -18.08
CA LEU A 396 -11.30 52.51 -18.03
C LEU A 396 -10.61 52.61 -16.68
N GLU A 397 -10.74 53.74 -16.00
CA GLU A 397 -10.15 53.88 -14.67
C GLU A 397 -10.77 52.94 -13.68
N LYS A 398 -11.90 52.31 -14.00
CA LYS A 398 -12.58 51.42 -13.07
C LYS A 398 -11.95 50.04 -13.01
N LEU A 399 -11.16 49.65 -14.00
CA LEU A 399 -10.40 48.40 -13.91
C LEU A 399 -9.12 48.62 -13.09
N SER A 400 -9.31 48.91 -11.80
CA SER A 400 -8.22 49.45 -10.99
C SER A 400 -7.06 48.50 -10.80
N LYS A 401 -7.21 47.22 -11.11
CA LYS A 401 -6.11 46.27 -10.91
C LYS A 401 -5.67 45.66 -12.23
N LEU A 402 -6.01 46.29 -13.35
CA LEU A 402 -5.60 45.73 -14.63
C LEU A 402 -4.07 45.68 -14.68
N GLN A 403 -3.51 44.55 -15.12
CA GLN A 403 -2.05 44.47 -15.09
C GLN A 403 -1.42 44.71 -16.45
N LYS A 404 -2.19 44.71 -17.52
CA LYS A 404 -1.69 45.09 -18.83
C LYS A 404 -2.82 45.72 -19.60
N LEU A 405 -2.60 46.95 -20.07
CA LEU A 405 -3.54 47.63 -20.96
C LEU A 405 -2.91 47.80 -22.33
N GLU A 406 -3.64 47.40 -23.35
CA GLU A 406 -3.12 47.35 -24.71
C GLU A 406 -4.06 48.12 -25.63
N LEU A 407 -3.63 49.30 -26.08
CA LEU A 407 -4.44 50.15 -26.95
C LEU A 407 -3.91 50.02 -28.37
N ARG A 408 -4.70 49.35 -29.20
CA ARG A 408 -4.36 48.92 -30.54
C ARG A 408 -5.15 49.68 -31.61
N GLN A 409 -4.48 50.59 -32.34
CA GLN A 409 -5.08 51.25 -33.49
C GLN A 409 -6.33 52.02 -33.08
N LEU A 410 -6.31 52.69 -31.93
CA LEU A 410 -7.51 53.43 -31.51
C LEU A 410 -7.52 54.82 -32.15
N SER A 411 -7.70 54.80 -33.46
CA SER A 411 -7.50 56.01 -34.26
C SER A 411 -8.41 57.15 -33.84
N ASN A 412 -9.52 56.86 -33.18
CA ASN A 412 -10.46 57.91 -32.81
C ASN A 412 -10.38 58.32 -31.33
N VAL A 413 -9.37 57.87 -30.60
CA VAL A 413 -9.14 58.32 -29.22
C VAL A 413 -8.28 59.58 -29.26
N LYS A 414 -8.77 60.66 -28.67
CA LYS A 414 -8.04 61.92 -28.70
C LYS A 414 -7.37 62.25 -27.39
N GLU A 415 -7.68 61.53 -26.31
CA GLU A 415 -7.23 61.95 -24.98
C GLU A 415 -6.92 60.75 -24.10
N ILE A 416 -5.80 60.84 -23.39
CA ILE A 416 -5.41 59.88 -22.37
C ILE A 416 -4.93 60.68 -21.17
N THR A 417 -5.51 60.44 -20.01
CA THR A 417 -5.15 61.15 -18.79
C THR A 417 -5.09 60.16 -17.65
N PRO A 418 -4.39 60.50 -16.55
CA PRO A 418 -4.37 59.59 -15.39
C PRO A 418 -5.76 59.27 -14.87
N GLU A 419 -6.68 60.22 -14.94
CA GLU A 419 -8.02 60.01 -14.44
C GLU A 419 -8.81 58.99 -15.29
N LEU A 420 -8.42 58.76 -16.54
CA LEU A 420 -8.97 57.72 -17.38
C LEU A 420 -8.22 56.42 -17.28
N LEU A 421 -7.16 56.35 -16.44
CA LEU A 421 -6.30 55.18 -16.41
C LEU A 421 -6.45 54.42 -15.09
N PRO A 422 -6.36 53.10 -15.14
CA PRO A 422 -6.44 52.33 -13.89
C PRO A 422 -5.36 52.75 -12.91
N GLU A 423 -5.72 52.73 -11.63
CA GLU A 423 -4.78 52.95 -10.55
C GLU A 423 -3.53 52.08 -10.66
N SER A 424 -3.65 50.88 -11.22
CA SER A 424 -2.48 50.02 -11.32
C SER A 424 -1.40 50.63 -12.22
N MET A 425 -1.77 51.60 -13.07
CA MET A 425 -0.74 52.30 -13.84
C MET A 425 0.26 53.03 -12.95
N LYS A 426 -0.10 53.38 -11.71
CA LYS A 426 0.86 53.94 -10.76
C LYS A 426 1.80 52.90 -10.17
N LYS A 427 1.58 51.63 -10.47
CA LYS A 427 2.34 50.52 -9.91
C LYS A 427 2.82 49.59 -11.02
N ASP A 428 3.41 50.18 -12.06
CA ASP A 428 4.11 49.43 -13.08
C ASP A 428 3.22 48.45 -13.85
N ALA A 429 1.92 48.69 -13.92
CA ALA A 429 1.11 47.94 -14.86
C ALA A 429 1.63 48.20 -16.26
N GLU A 430 1.50 47.23 -17.14
CA GLU A 430 1.99 47.43 -18.50
C GLU A 430 1.04 48.29 -19.32
N LEU A 431 1.61 49.17 -20.13
CA LEU A 431 0.85 50.10 -20.95
C LEU A 431 1.36 50.08 -22.38
N VAL A 432 0.59 49.48 -23.28
CA VAL A 432 0.95 49.40 -24.69
C VAL A 432 -0.07 50.19 -25.49
N MET A 433 0.41 51.09 -26.35
CA MET A 433 -0.47 51.80 -27.28
C MET A 433 0.22 51.89 -28.62
N VAL A 434 -0.47 51.43 -29.67
CA VAL A 434 0.07 51.39 -31.02
C VAL A 434 -0.90 52.07 -31.97
N GLY A 435 -0.36 52.82 -32.93
CA GLY A 435 -1.21 53.44 -33.94
C GLY A 435 -2.22 54.43 -33.38
N MET A 436 -1.82 55.22 -32.38
CA MET A 436 -2.71 56.21 -31.78
C MET A 436 -2.72 57.49 -32.62
N THR A 437 -3.22 57.35 -33.86
CA THR A 437 -3.12 58.41 -34.86
C THR A 437 -4.08 59.57 -34.61
N GLY A 438 -5.01 59.46 -33.65
CA GLY A 438 -5.90 60.54 -33.33
C GLY A 438 -5.54 61.25 -32.03
N LEU A 439 -4.58 60.71 -31.29
CA LEU A 439 -4.31 61.19 -29.94
C LEU A 439 -3.80 62.62 -29.96
N GLU A 440 -4.44 63.49 -29.19
CA GLU A 440 -4.07 64.89 -29.13
C GLU A 440 -3.47 65.30 -27.80
N LYS A 441 -3.93 64.68 -26.70
CA LYS A 441 -3.39 64.96 -25.37
C LYS A 441 -2.97 63.64 -24.73
N LEU A 442 -1.69 63.53 -24.38
CA LEU A 442 -1.11 62.35 -23.72
C LEU A 442 -0.58 62.76 -22.34
N ASN A 443 -1.39 62.54 -21.29
CA ASN A 443 -1.05 62.95 -19.93
C ASN A 443 -0.81 61.72 -19.05
N LEU A 444 0.46 61.45 -18.73
CA LEU A 444 0.81 60.34 -17.84
C LEU A 444 1.50 60.82 -16.57
N SER A 445 1.34 62.09 -16.23
CA SER A 445 2.04 62.64 -15.08
C SER A 445 1.60 61.93 -13.81
N GLY A 446 2.54 61.80 -12.89
CA GLY A 446 2.26 61.28 -11.55
C GLY A 446 1.98 59.79 -11.49
N LEU A 447 2.43 59.02 -12.48
CA LEU A 447 2.17 57.59 -12.55
C LEU A 447 3.40 56.73 -12.24
N ASN A 448 4.54 57.33 -11.85
CA ASN A 448 5.75 56.56 -11.55
C ASN A 448 6.13 55.63 -12.69
N ARG A 449 5.83 56.01 -13.93
CA ARG A 449 6.23 55.15 -15.04
C ARG A 449 7.75 55.08 -15.09
N GLN A 450 8.28 53.85 -15.17
CA GLN A 450 9.72 53.67 -15.11
C GLN A 450 10.37 53.73 -16.49
N THR A 451 9.62 53.48 -17.57
CA THR A 451 10.08 53.73 -18.93
C THR A 451 8.89 54.21 -19.77
N LEU A 452 9.15 54.57 -21.02
CA LEU A 452 8.13 54.83 -22.02
C LEU A 452 7.99 53.65 -22.97
N ASP A 453 8.56 52.51 -22.59
CA ASP A 453 8.48 51.35 -23.47
C ASP A 453 7.03 50.94 -23.69
N GLY A 454 6.73 50.49 -24.90
CA GLY A 454 5.38 50.16 -25.29
C GLY A 454 4.60 51.29 -25.92
N ILE A 455 5.06 52.52 -25.81
CA ILE A 455 4.35 53.68 -26.39
C ILE A 455 4.94 53.93 -27.77
N ASP A 456 4.12 53.70 -28.80
CA ASP A 456 4.54 53.88 -30.19
C ASP A 456 4.50 55.38 -30.54
N VAL A 457 5.52 56.11 -30.06
CA VAL A 457 5.52 57.57 -30.21
C VAL A 457 5.54 57.98 -31.68
N ASN A 458 5.99 57.10 -32.59
CA ASN A 458 6.05 57.47 -34.00
C ASN A 458 4.67 57.70 -34.60
N SER A 459 3.64 56.99 -34.12
CA SER A 459 2.31 57.04 -34.73
C SER A 459 1.46 58.17 -34.21
N ILE A 460 1.84 58.81 -33.11
CA ILE A 460 1.02 59.85 -32.46
C ILE A 460 1.16 61.15 -33.25
N THR A 461 0.72 61.11 -34.51
CA THR A 461 0.95 62.17 -35.49
C THR A 461 0.15 63.43 -35.19
N HIS A 462 -0.79 63.40 -34.25
CA HIS A 462 -1.67 64.54 -34.00
C HIS A 462 -1.45 65.17 -32.64
N LEU A 463 -0.36 64.81 -31.95
CA LEU A 463 -0.21 65.25 -30.56
C LEU A 463 -0.06 66.76 -30.50
N THR A 464 -0.84 67.38 -29.64
CA THR A 464 -0.75 68.81 -29.42
C THR A 464 -0.28 69.18 -28.01
N SER A 465 -0.33 68.23 -27.05
CA SER A 465 0.27 68.40 -25.74
C SER A 465 0.55 67.04 -25.11
N PHE A 466 1.56 67.00 -24.24
CA PHE A 466 1.83 65.82 -23.43
C PHE A 466 2.33 66.28 -22.08
N ASP A 467 2.17 65.43 -21.06
CA ASP A 467 2.74 65.67 -19.74
C ASP A 467 3.17 64.33 -19.18
N ILE A 468 4.48 64.07 -19.17
CA ILE A 468 5.04 62.88 -18.56
C ILE A 468 5.87 63.24 -17.33
N SER A 469 5.63 64.40 -16.73
CA SER A 469 6.33 64.84 -15.54
C SER A 469 5.91 63.99 -14.33
N HIS A 470 6.68 64.11 -13.24
CA HIS A 470 6.41 63.36 -12.01
C HIS A 470 6.27 61.87 -12.30
N ASN A 471 7.23 61.34 -13.05
CA ASN A 471 7.31 59.91 -13.27
C ASN A 471 8.64 59.41 -12.73
N SER A 472 9.06 58.22 -13.13
CA SER A 472 10.31 57.61 -12.69
C SER A 472 11.19 57.34 -13.90
N LEU A 473 11.22 58.29 -14.83
CA LEU A 473 11.90 58.12 -16.09
C LEU A 473 13.37 58.48 -16.00
N ASP A 474 14.18 57.79 -16.80
CA ASP A 474 15.57 58.15 -16.99
C ASP A 474 15.68 58.84 -18.35
N LEU A 475 15.84 60.17 -18.31
CA LEU A 475 15.95 60.98 -19.52
C LEU A 475 17.39 61.42 -19.82
N SER A 476 18.38 60.63 -19.35
CA SER A 476 19.80 60.78 -19.68
C SER A 476 20.04 60.72 -21.19
N GLU A 477 21.20 61.23 -21.60
CA GLU A 477 21.59 61.28 -23.00
C GLU A 477 21.43 59.92 -23.67
N LYS A 478 21.96 58.88 -23.04
CA LYS A 478 21.95 57.56 -23.67
C LYS A 478 20.63 56.82 -23.49
N SER A 479 19.80 57.27 -22.56
CA SER A 479 18.56 56.55 -22.25
C SER A 479 17.62 56.57 -23.43
N GLU A 480 17.08 55.38 -23.74
CA GLU A 480 16.08 55.27 -24.80
C GLU A 480 14.84 56.10 -24.51
N ASP A 481 14.55 56.38 -23.24
CA ASP A 481 13.41 57.23 -22.92
C ASP A 481 13.68 58.70 -23.20
N ARG A 482 14.95 59.13 -23.24
CA ARG A 482 15.24 60.45 -23.74
C ARG A 482 14.96 60.54 -25.24
N LYS A 483 15.26 59.47 -25.99
CA LYS A 483 15.02 59.49 -27.42
C LYS A 483 13.52 59.50 -27.73
N LEU A 484 12.74 58.67 -27.03
CA LEU A 484 11.29 58.68 -27.24
C LEU A 484 10.70 60.05 -26.87
N LEU A 485 11.22 60.69 -25.83
CA LEU A 485 10.74 62.02 -25.46
C LEU A 485 10.86 62.98 -26.64
N MET A 486 12.00 62.94 -27.34
CA MET A 486 12.25 63.89 -28.43
C MET A 486 11.23 63.70 -29.56
N THR A 487 10.87 62.44 -29.87
CA THR A 487 9.84 62.22 -30.87
C THR A 487 8.53 62.89 -30.46
N LEU A 488 8.16 62.80 -29.18
CA LEU A 488 6.91 63.45 -28.78
C LEU A 488 7.04 64.96 -28.78
N MET A 489 8.24 65.49 -28.54
CA MET A 489 8.42 66.93 -28.67
C MET A 489 8.38 67.36 -30.14
N GLU A 490 8.78 66.48 -31.07
CA GLU A 490 8.65 66.77 -32.49
C GLU A 490 7.20 66.75 -32.92
N GLN A 491 6.39 65.86 -32.34
CA GLN A 491 4.99 65.77 -32.71
C GLN A 491 4.22 67.00 -32.29
N VAL A 492 4.43 67.47 -31.05
CA VAL A 492 3.82 68.73 -30.60
C VAL A 492 4.28 69.89 -31.49
N SER A 493 5.55 69.87 -31.93
CA SER A 493 6.10 70.97 -32.72
C SER A 493 5.39 71.15 -34.05
N ASN A 494 4.96 70.05 -34.66
CA ASN A 494 4.26 70.06 -35.94
C ASN A 494 2.89 70.73 -35.86
N HIS A 495 2.49 71.17 -34.67
CA HIS A 495 1.18 71.77 -34.48
C HIS A 495 1.23 73.04 -33.66
N GLN A 496 2.31 73.33 -32.96
CA GLN A 496 2.22 74.35 -31.93
C GLN A 496 3.61 74.72 -31.48
N LYS A 497 3.75 75.95 -31.01
CA LYS A 497 5.00 76.28 -30.37
C LYS A 497 5.12 75.54 -29.04
N ILE A 498 6.25 74.85 -28.87
CA ILE A 498 6.50 74.09 -27.66
C ILE A 498 6.60 75.01 -26.45
N THR A 499 5.95 74.63 -25.36
CA THR A 499 6.13 75.43 -24.16
C THR A 499 6.43 74.40 -23.06
N VAL A 500 6.87 74.85 -21.89
CA VAL A 500 7.03 73.93 -20.77
C VAL A 500 5.75 73.14 -20.51
N LYS A 501 4.58 73.78 -20.65
CA LYS A 501 3.31 73.14 -20.24
C LYS A 501 2.82 72.08 -21.23
N ASN A 502 3.02 72.30 -22.54
CA ASN A 502 2.52 71.35 -23.52
C ASN A 502 3.53 70.29 -23.90
N THR A 503 4.69 70.26 -23.22
CA THR A 503 5.71 69.21 -23.30
C THR A 503 6.35 68.96 -21.92
N ALA A 504 5.52 68.87 -20.88
CA ALA A 504 6.03 68.74 -19.51
C ALA A 504 6.69 67.38 -19.29
N PHE A 505 7.91 67.39 -18.72
CA PHE A 505 8.62 66.14 -18.46
C PHE A 505 9.52 66.23 -17.22
N GLU A 506 9.38 67.27 -16.39
CA GLU A 506 10.24 67.53 -15.25
C GLU A 506 9.83 66.69 -14.03
N ASN A 507 10.66 66.75 -12.98
CA ASN A 507 10.42 66.06 -11.70
C ASN A 507 10.41 64.56 -11.87
N GLN A 508 11.41 64.03 -12.57
CA GLN A 508 11.59 62.59 -12.68
C GLN A 508 12.32 62.09 -11.45
N LYS A 509 12.00 60.87 -11.03
CA LYS A 509 12.69 60.23 -9.92
C LYS A 509 13.03 58.81 -10.30
N PRO A 510 14.00 58.62 -11.19
CA PRO A 510 14.32 57.25 -11.65
C PRO A 510 14.76 56.37 -10.48
N LYS A 511 14.24 55.14 -10.47
CA LYS A 511 14.54 54.19 -9.42
C LYS A 511 15.89 53.53 -9.70
N GLY A 512 16.54 53.08 -8.62
CA GLY A 512 17.83 52.42 -8.71
C GLY A 512 17.78 50.90 -8.73
N TYR A 513 18.73 50.31 -9.46
CA TYR A 513 18.83 48.85 -9.64
C TYR A 513 20.28 48.39 -9.53
N TYR A 514 20.45 47.13 -9.23
CA TYR A 514 21.79 46.58 -9.25
C TYR A 514 22.23 46.44 -10.68
N PRO A 515 23.46 46.85 -11.01
CA PRO A 515 23.99 46.58 -12.36
C PRO A 515 23.90 45.08 -12.61
N GLN A 516 23.64 44.71 -13.86
CA GLN A 516 23.52 43.28 -14.10
C GLN A 516 24.88 42.61 -14.25
N THR A 517 25.94 43.38 -14.50
CA THR A 517 27.31 42.86 -14.52
C THR A 517 28.26 43.95 -14.02
N TYR A 518 29.49 43.54 -13.71
CA TYR A 518 30.51 44.49 -13.28
C TYR A 518 31.74 44.37 -14.16
N ASP A 519 32.43 45.50 -14.38
CA ASP A 519 33.44 45.58 -15.43
C ASP A 519 34.71 44.81 -15.08
N THR A 520 35.15 44.84 -13.82
CA THR A 520 36.49 44.34 -13.46
C THR A 520 36.51 42.81 -13.42
N LYS A 521 37.12 42.20 -14.41
CA LYS A 521 37.32 40.77 -14.37
C LYS A 521 38.65 40.38 -13.75
N GLU A 522 39.61 41.30 -13.69
CA GLU A 522 40.90 41.03 -13.08
C GLU A 522 41.38 42.32 -12.41
N GLY A 523 41.31 42.36 -11.08
CA GLY A 523 41.79 43.51 -10.33
C GLY A 523 43.23 43.37 -9.86
N HIS A 524 43.76 44.50 -9.38
CA HIS A 524 45.13 44.53 -8.88
C HIS A 524 45.21 45.48 -7.71
N TYR A 525 46.05 45.12 -6.74
CA TYR A 525 46.48 46.01 -5.68
C TYR A 525 48.00 45.97 -5.63
N ASP A 526 48.60 47.08 -5.26
CA ASP A 526 50.02 46.99 -4.94
C ASP A 526 50.21 46.40 -3.54
N VAL A 527 51.38 45.82 -3.32
CA VAL A 527 51.75 45.45 -1.97
C VAL A 527 51.99 46.72 -1.15
N ASP A 528 50.92 47.40 -0.73
CA ASP A 528 51.00 48.69 -0.04
C ASP A 528 50.87 48.56 1.46
N ASN A 529 50.77 47.33 1.97
CA ASN A 529 50.50 47.01 3.38
C ASN A 529 49.27 47.74 3.95
N ALA A 530 48.22 47.88 3.13
CA ALA A 530 46.99 48.55 3.56
C ALA A 530 45.77 47.70 3.26
N GLU A 531 44.67 48.00 3.95
CA GLU A 531 43.40 47.33 3.73
C GLU A 531 42.67 47.91 2.53
N HIS A 532 41.90 47.06 1.85
CA HIS A 532 41.14 47.45 0.67
C HIS A 532 39.81 46.75 0.73
N ASP A 533 38.77 47.41 0.24
CA ASP A 533 37.45 46.79 0.18
C ASP A 533 37.10 46.43 -1.26
N ILE A 534 36.90 45.13 -1.50
CA ILE A 534 36.66 44.62 -2.83
C ILE A 534 35.29 45.04 -3.32
N LEU A 535 34.34 45.26 -2.42
CA LEU A 535 33.04 45.74 -2.86
C LEU A 535 33.16 47.19 -3.30
N THR A 536 33.71 48.04 -2.42
CA THR A 536 33.97 49.43 -2.75
C THR A 536 34.70 49.57 -4.09
N ASP A 537 35.76 48.80 -4.31
CA ASP A 537 36.61 49.05 -5.47
C ASP A 537 36.10 48.41 -6.75
N PHE A 538 35.38 47.29 -6.68
CA PHE A 538 35.11 46.53 -7.91
C PHE A 538 33.65 46.20 -8.13
N VAL A 539 32.84 46.11 -7.07
CA VAL A 539 31.45 45.70 -7.17
C VAL A 539 30.63 46.76 -6.44
N PHE A 540 30.22 47.80 -7.16
CA PHE A 540 29.66 49.02 -6.61
C PHE A 540 28.81 49.70 -7.67
N GLY A 541 27.97 50.62 -7.24
CA GLY A 541 27.21 51.43 -8.18
C GLY A 541 25.76 51.00 -8.28
N THR A 542 25.00 51.81 -9.00
CA THR A 542 23.58 51.63 -9.18
C THR A 542 23.28 51.93 -10.65
N VAL A 543 22.32 51.24 -11.26
CA VAL A 543 21.87 51.64 -12.60
C VAL A 543 20.40 52.04 -12.55
N THR A 544 19.97 52.70 -13.62
CA THR A 544 18.57 52.98 -13.89
C THR A 544 17.94 51.80 -14.61
N LYS A 545 16.61 51.87 -14.79
CA LYS A 545 15.91 50.86 -15.59
C LYS A 545 16.49 50.79 -16.99
N ARG A 546 17.09 51.86 -17.49
CA ARG A 546 17.69 51.84 -18.81
C ARG A 546 19.17 51.55 -18.77
N ASN A 547 19.70 51.16 -17.61
CA ASN A 547 21.06 50.62 -17.48
C ASN A 547 22.09 51.75 -17.57
N THR A 548 21.71 52.92 -17.09
CA THR A 548 22.60 54.07 -17.02
C THR A 548 23.36 53.98 -15.70
N PHE A 549 24.67 53.74 -15.78
CA PHE A 549 25.45 53.48 -14.58
C PHE A 549 25.78 54.75 -13.81
N ILE A 550 25.66 54.67 -12.49
CA ILE A 550 25.94 55.78 -11.57
C ILE A 550 26.82 55.20 -10.46
N GLY A 551 28.13 55.50 -10.51
CA GLY A 551 29.07 54.85 -9.63
C GLY A 551 29.03 55.34 -8.19
N ASP A 552 28.72 56.60 -7.97
CA ASP A 552 28.82 57.13 -6.61
C ASP A 552 28.02 58.42 -6.52
N GLU A 553 28.14 59.09 -5.38
CA GLU A 553 27.31 60.24 -5.07
C GLU A 553 27.54 61.41 -6.01
N GLU A 554 28.78 61.69 -6.39
CA GLU A 554 28.96 62.84 -7.26
C GLU A 554 28.59 62.50 -8.69
N ALA A 555 28.64 61.21 -9.08
CA ALA A 555 28.06 60.84 -10.36
C ALA A 555 26.55 61.09 -10.36
N PHE A 556 25.93 60.97 -9.19
CA PHE A 556 24.52 61.26 -9.06
C PHE A 556 24.26 62.76 -9.07
N ALA A 557 25.12 63.54 -8.42
CA ALA A 557 25.00 65.00 -8.47
C ALA A 557 25.15 65.51 -9.92
N ILE A 558 26.07 64.90 -10.67
CA ILE A 558 26.18 65.17 -12.12
C ILE A 558 24.89 64.79 -12.83
N TYR A 559 24.36 63.60 -12.53
CA TYR A 559 23.14 63.13 -13.17
C TYR A 559 21.98 64.12 -12.99
N LYS A 560 21.82 64.66 -11.77
CA LYS A 560 20.67 65.51 -11.47
C LYS A 560 20.64 66.78 -12.29
N GLU A 561 21.79 67.22 -12.79
CA GLU A 561 21.82 68.40 -13.64
C GLU A 561 21.51 68.10 -15.11
N GLY A 562 21.27 66.84 -15.46
CA GLY A 562 20.88 66.48 -16.82
C GLY A 562 19.69 67.33 -17.25
N ALA A 563 19.66 67.73 -18.53
CA ALA A 563 18.63 68.65 -18.98
C ALA A 563 18.29 68.40 -20.44
N VAL A 564 17.04 68.67 -20.82
CA VAL A 564 16.61 68.67 -22.21
C VAL A 564 16.15 70.08 -22.55
N ASP A 565 16.71 70.62 -23.65
CA ASP A 565 16.49 72.01 -24.05
C ASP A 565 16.59 72.95 -22.84
N GLY A 566 17.63 72.74 -22.04
CA GLY A 566 17.82 73.59 -20.88
C GLY A 566 16.93 73.31 -19.69
N ARG A 567 15.98 72.37 -19.79
CA ARG A 567 15.10 72.05 -18.67
C ARG A 567 15.67 70.87 -17.90
N GLN A 568 15.93 71.05 -16.61
CA GLN A 568 16.48 69.97 -15.79
C GLN A 568 15.34 69.07 -15.33
N TYR A 569 15.36 67.78 -15.71
CA TYR A 569 14.19 66.91 -15.52
C TYR A 569 14.23 66.11 -14.22
N VAL A 570 15.36 65.99 -13.57
CA VAL A 570 15.39 65.23 -12.32
C VAL A 570 14.85 66.12 -11.21
N SER A 571 13.94 65.56 -10.42
CA SER A 571 13.32 66.33 -9.35
C SER A 571 14.39 66.88 -8.41
N LYS A 572 14.20 68.13 -7.97
CA LYS A 572 15.24 68.83 -7.21
C LYS A 572 15.50 68.17 -5.86
N ASP A 573 14.45 67.64 -5.21
CA ASP A 573 14.57 67.07 -3.87
C ASP A 573 15.00 65.60 -3.87
N TYR A 574 15.35 65.04 -5.02
CA TYR A 574 15.69 63.62 -5.13
C TYR A 574 17.13 63.38 -4.71
N THR A 575 17.33 62.57 -3.68
CA THR A 575 18.63 62.33 -3.08
C THR A 575 19.28 61.05 -3.57
N TYR A 576 20.63 61.03 -3.56
CA TYR A 576 21.40 59.84 -3.89
C TYR A 576 21.02 58.67 -3.00
N GLU A 577 20.71 58.93 -1.73
CA GLU A 577 20.43 57.84 -0.81
C GLU A 577 19.07 57.24 -1.11
N ALA A 578 18.16 58.02 -1.70
CA ALA A 578 16.90 57.48 -2.18
C ALA A 578 17.09 56.68 -3.47
N PHE A 579 18.10 56.99 -4.27
CA PHE A 579 18.28 56.30 -5.55
C PHE A 579 19.19 55.08 -5.47
N ARG A 580 20.29 55.19 -4.73
CA ARG A 580 21.35 54.19 -4.74
C ARG A 580 20.93 52.86 -4.13
N LYS A 581 21.53 51.80 -4.65
CA LYS A 581 21.42 50.52 -4.02
C LYS A 581 22.39 50.44 -2.85
N ASP A 582 21.86 50.20 -1.65
CA ASP A 582 22.72 49.77 -0.58
C ASP A 582 23.07 48.32 -0.86
N TYR A 583 24.28 47.93 -0.52
CA TYR A 583 24.65 46.57 -0.87
C TYR A 583 24.45 45.63 0.32
N LYS A 584 23.29 45.76 1.00
CA LYS A 584 23.10 45.25 2.36
C LYS A 584 23.47 43.78 2.49
N GLY A 585 22.92 42.91 1.66
CA GLY A 585 23.27 41.55 1.99
C GLY A 585 24.55 40.99 1.41
N TYR A 586 25.40 41.82 0.81
CA TYR A 586 26.45 41.32 -0.05
C TYR A 586 27.58 40.68 0.74
N LYS A 587 28.01 39.49 0.27
CA LYS A 587 29.12 38.76 0.85
C LYS A 587 30.16 38.49 -0.23
N VAL A 588 31.43 38.51 0.15
CA VAL A 588 32.54 38.29 -0.77
C VAL A 588 33.21 36.99 -0.38
N HIS A 589 33.27 36.05 -1.33
CA HIS A 589 33.93 34.77 -1.09
C HIS A 589 35.28 34.76 -1.78
N LEU A 590 36.35 34.51 -1.01
CA LEU A 590 37.71 34.53 -1.53
C LEU A 590 38.34 33.16 -1.50
N THR A 591 38.96 32.77 -2.61
CA THR A 591 39.79 31.57 -2.68
C THR A 591 41.23 32.01 -2.97
N ALA A 592 42.12 31.86 -2.00
CA ALA A 592 43.52 32.22 -2.20
C ALA A 592 44.20 31.22 -3.13
N SER A 593 45.45 31.53 -3.53
CA SER A 593 46.21 30.55 -4.29
C SER A 593 46.44 29.28 -3.47
N ASN A 594 46.33 29.43 -2.15
CA ASN A 594 46.22 28.37 -1.16
C ASN A 594 45.21 27.31 -1.48
N LEU A 595 44.14 27.68 -2.19
CA LEU A 595 42.82 27.08 -2.22
C LEU A 595 42.04 27.34 -0.93
N GLY A 596 42.67 27.97 0.07
CA GLY A 596 41.94 28.31 1.28
C GLY A 596 40.88 29.37 1.03
N GLU A 597 39.78 29.26 1.76
CA GLU A 597 38.58 30.05 1.50
C GLU A 597 38.25 30.94 2.69
N THR A 598 37.85 32.18 2.41
CA THR A 598 37.42 33.11 3.45
C THR A 598 36.26 33.91 2.90
N VAL A 599 35.55 34.58 3.81
CA VAL A 599 34.38 35.38 3.47
C VAL A 599 34.61 36.72 4.13
N THR A 600 35.05 37.69 3.34
CA THR A 600 35.33 39.05 3.78
C THR A 600 35.38 39.89 2.52
N SER A 601 34.99 41.15 2.64
CA SER A 601 35.25 42.08 1.54
C SER A 601 36.58 42.79 1.68
N LYS A 602 37.26 42.62 2.82
CA LYS A 602 38.50 43.34 3.12
C LYS A 602 39.72 42.47 2.87
N VAL A 603 40.71 43.03 2.18
CA VAL A 603 42.00 42.38 2.00
C VAL A 603 43.05 43.38 2.43
N THR A 604 44.12 42.88 3.03
CA THR A 604 45.28 43.69 3.38
C THR A 604 46.42 43.25 2.49
N ALA A 605 46.97 44.18 1.72
CA ALA A 605 47.95 43.83 0.68
C ALA A 605 49.34 43.78 1.29
N THR A 606 49.63 42.66 1.94
CA THR A 606 50.92 42.49 2.60
C THR A 606 51.92 41.67 1.78
N THR A 607 51.46 40.79 0.90
CA THR A 607 52.42 39.99 0.12
C THR A 607 51.78 39.57 -1.20
N ASP A 608 52.63 39.14 -2.13
CA ASP A 608 52.14 38.66 -3.41
C ASP A 608 51.18 37.50 -3.22
N GLU A 609 49.98 37.64 -3.77
CA GLU A 609 48.89 36.70 -3.58
C GLU A 609 47.94 36.82 -4.78
N THR A 610 47.10 35.80 -4.97
CA THR A 610 46.04 35.84 -5.97
C THR A 610 44.79 35.23 -5.35
N TYR A 611 43.67 35.97 -5.35
CA TYR A 611 42.37 35.42 -4.96
C TYR A 611 41.51 35.21 -6.19
N LEU A 612 40.65 34.20 -6.13
CA LEU A 612 39.45 34.17 -6.93
C LEU A 612 38.30 34.68 -6.08
N VAL A 613 37.49 35.55 -6.67
CA VAL A 613 36.50 36.34 -5.96
C VAL A 613 35.15 35.98 -6.53
N ASP A 614 34.26 35.52 -5.67
CA ASP A 614 32.84 35.32 -5.97
C ASP A 614 32.07 36.22 -5.03
N VAL A 615 31.40 37.21 -5.59
CA VAL A 615 30.54 38.10 -4.82
C VAL A 615 29.13 37.56 -4.89
N SER A 616 28.47 37.54 -3.74
CA SER A 616 27.10 37.05 -3.61
C SER A 616 26.21 38.15 -3.03
N ASP A 617 24.95 38.16 -3.47
CA ASP A 617 23.96 39.11 -2.96
C ASP A 617 23.10 38.54 -1.85
N GLY A 618 23.50 37.38 -1.29
CA GLY A 618 22.71 36.66 -0.32
C GLY A 618 22.01 35.43 -0.88
N GLU A 619 21.75 35.40 -2.17
CA GLU A 619 21.05 34.30 -2.83
C GLU A 619 21.80 33.76 -4.04
N LYS A 620 22.43 34.62 -4.83
CA LYS A 620 23.15 34.20 -6.03
C LYS A 620 24.48 34.94 -6.14
N VAL A 621 25.38 34.35 -6.93
CA VAL A 621 26.64 35.01 -7.28
C VAL A 621 26.37 36.05 -8.36
N VAL A 622 26.68 37.32 -8.06
CA VAL A 622 26.48 38.39 -9.02
C VAL A 622 27.74 38.74 -9.79
N HIS A 623 28.92 38.29 -9.34
CA HIS A 623 30.14 38.68 -10.04
C HIS A 623 31.27 37.74 -9.66
N HIS A 624 32.10 37.41 -10.66
CA HIS A 624 33.30 36.61 -10.45
C HIS A 624 34.49 37.34 -11.07
N MET A 625 35.62 37.37 -10.38
CA MET A 625 36.79 38.07 -10.89
C MET A 625 38.05 37.49 -10.24
N LYS A 626 39.20 37.78 -10.82
CA LYS A 626 40.48 37.49 -10.21
C LYS A 626 41.08 38.76 -9.60
N LEU A 627 41.64 38.64 -8.40
CA LEU A 627 42.32 39.74 -7.74
C LEU A 627 43.77 39.36 -7.52
N ASN A 628 44.68 40.21 -7.99
CA ASN A 628 46.11 40.05 -7.81
C ASN A 628 46.63 41.10 -6.84
N ILE A 629 47.60 40.70 -6.03
CA ILE A 629 48.29 41.59 -5.11
C ILE A 629 49.76 41.50 -5.42
N GLY A 630 50.36 42.62 -5.83
CA GLY A 630 51.72 42.58 -6.37
C GLY A 630 51.83 41.65 -7.57
N SER A 631 52.82 40.77 -7.54
CA SER A 631 53.08 39.85 -8.66
C SER A 631 52.03 38.75 -8.77
N GLY A 632 51.15 38.65 -7.79
CA GLY A 632 50.23 37.54 -7.79
C GLY A 632 50.93 36.30 -7.28
N ALA A 633 50.21 35.17 -7.38
CA ALA A 633 50.72 33.86 -7.02
C ALA A 633 49.90 32.84 -7.76
N ILE A 634 50.57 31.82 -8.28
CA ILE A 634 49.91 30.83 -9.12
C ILE A 634 48.97 30.00 -8.24
N MET A 635 47.74 29.81 -8.71
CA MET A 635 46.80 28.95 -7.98
C MET A 635 47.35 27.54 -7.90
N MET A 636 47.28 26.94 -6.71
CA MET A 636 47.67 25.55 -6.51
C MET A 636 46.50 24.62 -6.86
N GLU A 637 46.84 23.37 -7.20
CA GLU A 637 45.86 22.32 -7.39
C GLU A 637 45.84 21.42 -6.16
N ASN A 638 44.66 20.91 -5.84
CA ASN A 638 44.57 19.81 -4.88
C ASN A 638 45.10 18.55 -5.55
N LEU A 639 46.37 18.24 -5.34
CA LEU A 639 46.98 17.07 -5.97
C LEU A 639 46.47 15.77 -5.41
N ALA A 640 45.85 15.80 -4.24
CA ALA A 640 45.25 14.65 -3.59
C ALA A 640 43.85 14.33 -4.08
N LYS A 641 43.23 15.23 -4.85
CA LYS A 641 41.87 15.00 -5.33
C LYS A 641 41.80 13.66 -6.03
N GLY A 642 40.83 12.85 -5.64
CA GLY A 642 40.63 11.59 -6.33
C GLY A 642 41.72 10.56 -6.14
N ALA A 643 42.68 10.81 -5.26
CA ALA A 643 43.73 9.83 -5.04
C ALA A 643 43.11 8.50 -4.64
N LYS A 644 43.74 7.41 -5.02
CA LYS A 644 43.15 6.12 -4.73
C LYS A 644 43.84 5.50 -3.52
N VAL A 645 43.02 4.86 -2.70
CA VAL A 645 43.45 4.37 -1.40
C VAL A 645 44.19 3.04 -1.59
N ILE A 646 45.36 2.92 -0.96
CA ILE A 646 46.14 1.71 -1.08
C ILE A 646 46.09 0.86 0.18
N GLY A 647 45.68 1.41 1.32
CA GLY A 647 45.59 0.68 2.55
C GLY A 647 45.11 1.57 3.69
N THR A 648 44.45 0.99 4.68
CA THR A 648 43.96 1.73 5.83
C THR A 648 43.62 0.76 6.96
N SER A 649 43.73 1.24 8.20
CA SER A 649 43.25 0.46 9.32
C SER A 649 41.74 0.58 9.49
N GLY A 650 41.07 1.41 8.69
CA GLY A 650 39.64 1.55 8.76
C GLY A 650 38.96 0.89 7.56
N ASP A 651 37.81 1.40 7.14
CA ASP A 651 37.07 0.79 6.05
C ASP A 651 37.55 1.37 4.72
N PHE A 652 38.00 0.48 3.82
CA PHE A 652 38.54 0.88 2.52
C PHE A 652 37.64 1.89 1.83
N GLU A 653 36.31 1.64 1.88
CA GLU A 653 35.33 2.45 1.16
C GLU A 653 35.04 3.78 1.86
N GLN A 654 35.14 3.85 3.19
CA GLN A 654 35.04 5.16 3.84
C GLN A 654 36.33 5.94 3.71
N ALA A 655 37.47 5.24 3.61
CA ALA A 655 38.73 5.94 3.39
C ALA A 655 38.70 6.68 2.08
N LYS A 656 37.99 6.13 1.10
CA LYS A 656 38.01 6.74 -0.22
C LYS A 656 37.34 8.10 -0.22
N LYS A 657 36.49 8.36 0.74
CA LYS A 657 35.69 9.58 0.67
C LYS A 657 36.42 10.82 1.18
N ILE A 658 37.67 10.71 1.63
CA ILE A 658 38.36 11.90 2.10
C ILE A 658 39.09 12.54 0.92
N PHE A 659 38.84 12.03 -0.29
CA PHE A 659 39.47 12.53 -1.50
C PHE A 659 38.45 12.85 -2.58
N ASP A 660 37.16 12.79 -2.27
CA ASP A 660 36.14 13.32 -3.16
C ASP A 660 36.15 14.85 -3.01
N GLY A 661 35.18 15.53 -3.57
CA GLY A 661 35.33 16.96 -3.41
C GLY A 661 34.64 17.53 -2.21
N GLU A 662 33.96 16.69 -1.42
CA GLU A 662 32.92 17.16 -0.51
C GLU A 662 33.34 16.96 0.95
N LYS A 663 32.57 17.59 1.83
CA LYS A 663 32.74 17.45 3.28
C LYS A 663 31.54 16.74 3.89
N SER A 664 30.81 15.99 3.07
CA SER A 664 29.55 15.33 3.41
C SER A 664 29.75 13.87 3.73
N ASP A 665 30.67 13.58 4.63
CA ASP A 665 31.11 12.22 4.93
C ASP A 665 32.08 12.30 6.09
N ARG A 666 32.40 11.16 6.66
CA ARG A 666 33.37 11.15 7.73
C ARG A 666 34.15 9.86 7.62
N PHE A 667 35.41 9.91 8.04
CA PHE A 667 36.24 8.73 8.20
C PHE A 667 36.70 8.66 9.64
N PHE A 668 36.43 7.53 10.29
CA PHE A 668 36.88 7.32 11.65
C PHE A 668 37.02 5.83 11.89
N THR A 669 37.67 5.50 12.99
CA THR A 669 37.76 4.10 13.35
C THR A 669 37.30 3.88 14.76
N TRP A 670 37.27 2.59 15.09
CA TRP A 670 36.94 2.09 16.40
C TRP A 670 38.14 2.35 17.32
N GLY A 671 38.35 3.63 17.61
CA GLY A 671 39.46 4.01 18.46
C GLY A 671 39.90 5.45 18.22
N GLN A 672 41.03 5.78 18.85
CA GLN A 672 41.64 7.10 18.89
C GLN A 672 42.73 7.30 17.83
N THR A 673 43.09 6.27 17.07
CA THR A 673 44.14 6.36 16.06
C THR A 673 43.76 5.53 14.86
N ASN A 674 44.24 5.95 13.69
CA ASN A 674 44.04 5.23 12.44
C ASN A 674 44.96 5.84 11.40
N TRP A 675 44.89 5.28 10.19
CA TRP A 675 45.74 5.78 9.13
C TRP A 675 45.13 5.43 7.79
N ILE A 676 45.37 6.29 6.83
CA ILE A 676 45.07 5.99 5.43
C ILE A 676 46.32 6.26 4.63
N ALA A 677 46.69 5.31 3.79
CA ALA A 677 47.78 5.45 2.85
C ALA A 677 47.18 5.56 1.46
N PHE A 678 47.69 6.51 0.68
CA PHE A 678 47.09 6.80 -0.61
C PHE A 678 48.18 7.09 -1.65
N ASP A 679 47.77 6.93 -2.91
CA ASP A 679 48.64 7.02 -4.08
C ASP A 679 48.14 8.16 -4.97
N LEU A 680 48.93 9.24 -5.06
CA LEU A 680 48.52 10.34 -5.93
C LEU A 680 48.61 10.00 -7.40
N GLY A 681 49.10 8.81 -7.74
CA GLY A 681 49.24 8.34 -9.10
C GLY A 681 50.47 8.90 -9.77
N GLU A 682 50.50 10.20 -9.91
CA GLU A 682 51.59 10.94 -10.53
C GLU A 682 52.63 11.28 -9.45
N ILE A 683 53.56 12.19 -9.74
CA ILE A 683 54.45 12.77 -8.75
C ILE A 683 54.63 14.26 -9.09
N ASN A 684 54.30 15.14 -8.14
CA ASN A 684 54.42 16.61 -8.30
C ASN A 684 54.92 17.24 -7.03
N LEU A 685 54.90 18.57 -7.03
CA LEU A 685 55.48 19.32 -5.93
C LEU A 685 54.37 19.82 -5.02
N ALA A 686 54.42 19.36 -3.77
CA ALA A 686 53.44 19.68 -2.74
C ALA A 686 53.98 20.81 -1.88
N LYS A 687 53.22 21.87 -1.74
CA LYS A 687 53.68 22.99 -0.94
C LYS A 687 52.92 23.17 0.35
N GLU A 688 51.65 22.76 0.39
CA GLU A 688 50.86 22.81 1.61
C GLU A 688 49.90 21.64 1.63
N TRP A 689 49.30 21.44 2.80
CA TRP A 689 48.34 20.38 2.99
C TRP A 689 47.21 20.97 3.83
N ARG A 690 46.02 20.40 3.67
CA ARG A 690 44.84 20.87 4.38
C ARG A 690 44.00 19.68 4.81
N LEU A 691 43.54 19.72 6.05
CA LEU A 691 42.65 18.69 6.58
C LEU A 691 41.37 19.37 7.05
N PHE A 692 40.24 18.87 6.58
CA PHE A 692 38.95 19.38 7.00
C PHE A 692 38.44 18.52 8.14
N ASN A 693 38.32 19.11 9.31
CA ASN A 693 38.11 18.30 10.51
C ASN A 693 36.65 17.85 10.62
N ALA A 694 36.38 17.16 11.73
CA ALA A 694 35.07 16.54 11.93
C ALA A 694 33.95 17.56 11.86
N GLU A 695 34.16 18.73 12.46
CA GLU A 695 33.09 19.72 12.51
C GLU A 695 32.77 20.33 11.14
N THR A 696 33.55 20.05 10.10
CA THR A 696 33.16 20.52 8.77
C THR A 696 32.09 19.65 8.14
N ASN A 697 31.62 18.61 8.82
CA ASN A 697 30.65 17.70 8.21
C ASN A 697 29.42 18.50 7.82
N THR A 698 29.07 18.43 6.53
CA THR A 698 27.92 19.12 5.97
C THR A 698 26.66 18.27 5.97
N GLU A 699 26.80 16.96 6.15
CA GLU A 699 25.66 16.06 6.11
C GLU A 699 25.12 15.72 7.49
N ILE A 700 25.90 15.95 8.55
CA ILE A 700 25.48 15.76 9.93
C ILE A 700 26.17 16.78 10.82
N LYS A 701 25.40 17.60 11.53
CA LYS A 701 26.00 18.63 12.37
C LYS A 701 26.88 17.98 13.45
N THR A 702 28.18 18.19 13.34
CA THR A 702 29.15 17.47 14.17
C THR A 702 29.87 18.48 15.05
N ASP A 703 29.92 18.18 16.34
CA ASP A 703 30.60 19.02 17.33
C ASP A 703 32.11 18.77 17.30
N SER A 704 32.86 19.76 17.80
CA SER A 704 34.32 19.75 17.74
C SER A 704 34.96 18.69 18.63
N SER A 705 34.21 18.08 19.56
CA SER A 705 34.76 16.99 20.37
C SER A 705 35.13 15.77 19.55
N LEU A 706 34.63 15.66 18.33
CA LEU A 706 34.99 14.56 17.45
C LEU A 706 36.20 14.90 16.56
N ASN A 707 36.82 16.07 16.75
CA ASN A 707 37.89 16.51 15.84
C ASN A 707 39.17 15.71 16.04
N VAL A 708 39.87 15.44 14.94
CA VAL A 708 41.27 15.06 15.04
C VAL A 708 42.00 16.16 15.78
N ALA A 709 42.81 15.77 16.76
CA ALA A 709 43.57 16.71 17.59
C ALA A 709 45.06 16.58 17.41
N LYS A 710 45.51 15.37 17.12
CA LYS A 710 46.89 15.08 16.77
C LYS A 710 46.88 14.21 15.52
N GLY A 711 47.91 14.37 14.71
CA GLY A 711 48.06 13.52 13.55
C GLY A 711 49.31 13.92 12.81
N ARG A 712 49.66 13.10 11.82
CA ARG A 712 50.89 13.32 11.07
C ARG A 712 50.73 12.92 9.61
N LEU A 713 51.17 13.78 8.71
CA LEU A 713 51.15 13.48 7.29
C LEU A 713 52.57 13.07 6.89
N GLN A 714 52.66 12.00 6.11
CA GLN A 714 53.92 11.32 5.89
C GLN A 714 54.07 10.87 4.44
N ILE A 715 55.32 10.56 4.10
CA ILE A 715 55.69 10.13 2.78
C ILE A 715 56.39 8.79 2.87
N LEU A 716 56.33 8.03 1.77
CA LEU A 716 56.64 6.60 1.82
C LEU A 716 58.08 6.33 2.21
N LYS A 717 58.96 7.33 2.17
CA LYS A 717 60.30 7.22 2.74
C LYS A 717 61.01 5.95 2.27
N ASP A 718 60.91 5.67 0.97
CA ASP A 718 61.67 4.59 0.35
C ASP A 718 61.88 4.89 -1.12
N THR A 719 60.77 4.97 -1.87
CA THR A 719 60.75 5.32 -3.30
C THR A 719 61.28 4.17 -4.16
N THR A 720 62.06 3.26 -3.56
CA THR A 720 62.72 2.15 -4.24
C THR A 720 61.81 0.93 -4.43
N ILE A 721 60.76 0.81 -3.63
CA ILE A 721 60.00 -0.43 -3.55
C ILE A 721 58.81 -0.39 -4.50
N ASP A 722 58.34 -1.58 -4.86
CA ASP A 722 57.14 -1.82 -5.64
C ASP A 722 56.02 -2.26 -4.69
N LEU A 723 54.93 -1.48 -4.63
CA LEU A 723 53.81 -1.86 -3.80
C LEU A 723 53.16 -3.16 -4.29
N GLU A 724 52.94 -3.28 -5.62
CA GLU A 724 52.34 -4.48 -6.20
C GLU A 724 53.14 -5.76 -5.96
N LYS A 725 54.44 -5.67 -5.68
CA LYS A 725 55.26 -6.87 -5.46
C LYS A 725 54.87 -7.57 -4.17
N MET A 726 54.49 -6.82 -3.15
CA MET A 726 53.97 -7.39 -1.92
C MET A 726 52.60 -7.96 -2.20
N ASP A 727 52.22 -9.01 -1.50
CA ASP A 727 50.79 -9.29 -1.63
C ASP A 727 50.08 -8.71 -0.42
N ILE A 728 48.76 -8.92 -0.39
CA ILE A 728 47.85 -7.99 0.29
C ILE A 728 48.17 -7.91 1.77
N LYS A 729 48.40 -9.06 2.42
CA LYS A 729 48.58 -9.04 3.89
C LYS A 729 49.85 -8.28 4.29
N ASN A 730 50.98 -8.56 3.62
CA ASN A 730 52.23 -7.86 3.91
C ASN A 730 52.20 -6.41 3.46
N ARG A 731 51.63 -6.16 2.28
CA ARG A 731 51.40 -4.80 1.81
C ARG A 731 50.79 -3.93 2.91
N LYS A 732 49.61 -4.36 3.40
CA LYS A 732 48.94 -3.75 4.54
C LYS A 732 49.89 -3.56 5.72
N GLU A 733 50.70 -4.59 6.01
CA GLU A 733 51.62 -4.57 7.14
C GLU A 733 52.76 -3.58 6.92
N TYR A 734 53.36 -3.59 5.73
CA TYR A 734 54.38 -2.59 5.42
C TYR A 734 53.82 -1.19 5.65
N LEU A 735 52.64 -0.92 5.07
CA LEU A 735 52.04 0.41 5.10
C LEU A 735 51.62 0.81 6.51
N SER A 736 51.45 -0.17 7.41
CA SER A 736 51.20 0.13 8.82
C SER A 736 52.49 0.39 9.59
N ASN A 737 53.64 -0.11 9.12
CA ASN A 737 54.89 0.03 9.84
C ASN A 737 55.33 1.49 9.89
N ASP A 738 55.38 2.04 11.09
CA ASP A 738 55.83 3.42 11.33
C ASP A 738 57.23 3.66 10.78
N GLU A 739 58.09 2.64 10.78
CA GLU A 739 59.46 2.82 10.31
C GLU A 739 59.56 3.19 8.85
N ASN A 740 58.53 2.88 8.04
CA ASN A 740 58.60 3.01 6.59
C ASN A 740 58.02 4.32 6.07
N TRP A 741 57.85 5.31 6.94
CA TRP A 741 57.29 6.60 6.57
C TRP A 741 58.07 7.67 7.30
N THR A 742 58.21 8.83 6.69
CA THR A 742 58.82 9.96 7.37
C THR A 742 57.85 11.14 7.33
N ASP A 743 57.70 11.77 8.49
CA ASP A 743 56.83 12.93 8.66
C ASP A 743 57.23 14.09 7.74
N VAL A 744 56.23 14.63 7.04
CA VAL A 744 56.38 15.86 6.27
C VAL A 744 55.60 17.01 6.89
N ALA A 745 54.69 16.73 7.81
CA ALA A 745 53.93 17.75 8.52
C ALA A 745 53.33 17.10 9.74
N GLN A 746 53.26 17.88 10.82
CA GLN A 746 52.64 17.45 12.07
C GLN A 746 51.48 18.36 12.40
N MET A 747 50.49 17.80 13.08
CA MET A 747 49.29 18.52 13.44
C MET A 747 49.13 18.34 14.92
N ASP A 748 48.93 19.43 15.65
CA ASP A 748 48.78 19.31 17.09
C ASP A 748 47.83 20.41 17.57
N ASP A 749 46.75 20.61 16.83
CA ASP A 749 45.64 21.45 17.28
C ASP A 749 44.37 21.01 16.56
N ALA A 750 43.29 20.81 17.32
CA ALA A 750 42.03 20.34 16.74
C ALA A 750 41.26 21.50 16.10
N LYS A 751 41.93 22.16 15.14
CA LYS A 751 41.29 23.25 14.41
C LYS A 751 40.24 22.69 13.46
N ALA A 752 39.19 23.49 13.22
CA ALA A 752 38.16 23.07 12.26
C ALA A 752 38.77 22.78 10.90
N ILE A 753 39.68 23.63 10.43
CA ILE A 753 40.42 23.38 9.20
C ILE A 753 41.88 23.58 9.53
N PHE A 754 42.71 22.60 9.20
CA PHE A 754 44.12 22.65 9.51
C PHE A 754 44.90 22.71 8.21
N ASN A 755 45.76 23.72 8.12
CA ASN A 755 46.56 23.99 6.95
C ASN A 755 47.95 24.40 7.40
N SER A 756 48.95 23.89 6.70
CA SER A 756 50.32 24.25 6.99
C SER A 756 51.15 23.90 5.77
N LYS A 757 52.39 24.34 5.78
CA LYS A 757 53.24 24.20 4.60
C LYS A 757 54.15 22.98 4.68
N LEU A 758 54.60 22.54 3.51
CA LEU A 758 55.56 21.46 3.38
C LEU A 758 56.80 22.03 2.71
N SER A 759 57.98 21.64 3.20
CA SER A 759 59.23 21.99 2.55
C SER A 759 59.33 21.35 1.17
N ASN A 760 58.53 21.86 0.23
CA ASN A 760 58.47 21.40 -1.15
C ASN A 760 58.67 19.89 -1.27
N VAL A 761 57.78 19.18 -0.62
CA VAL A 761 57.79 17.71 -0.65
C VAL A 761 57.31 17.24 -2.02
N LEU A 762 57.86 16.14 -2.49
CA LEU A 762 57.16 15.42 -3.57
C LEU A 762 57.41 13.94 -3.44
N SER A 763 56.29 13.21 -3.36
CA SER A 763 56.23 11.78 -3.06
C SER A 763 54.96 11.26 -3.72
N ARG A 764 55.07 10.16 -4.45
CA ARG A 764 53.86 9.62 -5.08
C ARG A 764 52.93 9.02 -4.02
N TYR A 765 53.51 8.56 -2.91
CA TYR A 765 52.83 7.75 -1.92
C TYR A 765 52.82 8.47 -0.59
N TRP A 766 51.66 8.43 0.06
CA TRP A 766 51.44 9.24 1.24
C TRP A 766 50.70 8.40 2.29
N ARG A 767 50.76 8.88 3.51
CA ARG A 767 49.93 8.28 4.53
C ARG A 767 49.70 9.34 5.59
N PHE A 768 48.44 9.49 6.00
CA PHE A 768 48.10 10.37 7.10
C PHE A 768 47.65 9.51 8.27
N CYS A 769 48.09 9.89 9.47
CA CYS A 769 47.88 9.12 10.69
C CYS A 769 47.16 10.01 11.68
N VAL A 770 45.97 9.59 12.10
CA VAL A 770 45.33 10.22 13.25
C VAL A 770 45.95 9.61 14.49
N ASP A 771 46.48 10.47 15.39
CA ASP A 771 47.12 10.00 16.59
C ASP A 771 46.34 10.30 17.86
N GLY A 772 45.28 11.08 17.78
CA GLY A 772 44.51 11.43 18.96
C GLY A 772 43.38 12.34 18.53
N GLY A 773 42.40 12.47 19.43
CA GLY A 773 41.20 13.23 19.15
C GLY A 773 40.95 14.30 20.19
N ALA A 774 40.05 15.21 19.85
CA ALA A 774 39.67 16.26 20.79
C ALA A 774 39.14 15.69 22.10
N SER A 775 38.55 14.50 22.07
CA SER A 775 37.96 13.91 23.27
C SER A 775 38.11 12.38 23.21
N SER A 776 37.36 11.69 24.07
CA SER A 776 37.35 10.23 24.09
C SER A 776 36.59 9.65 22.91
N TYR A 777 35.72 10.45 22.30
CA TYR A 777 35.03 10.07 21.07
C TYR A 777 36.02 9.70 19.97
N TYR A 778 35.57 8.88 19.04
CA TYR A 778 36.45 8.48 17.95
C TYR A 778 36.65 9.67 17.04
N PRO A 779 37.89 10.07 16.77
CA PRO A 779 38.12 11.28 15.96
C PRO A 779 37.70 11.06 14.52
N GLN A 780 37.14 12.10 13.91
CA GLN A 780 36.67 12.07 12.53
C GLN A 780 37.29 13.21 11.75
N TYR A 781 37.46 12.99 10.45
CA TYR A 781 37.72 14.08 9.51
C TYR A 781 37.01 13.74 8.19
N THR A 782 36.86 14.77 7.36
CA THR A 782 36.02 14.65 6.19
C THR A 782 36.78 14.70 4.88
N GLU A 783 37.91 15.41 4.82
CA GLU A 783 38.56 15.67 3.55
C GLU A 783 40.01 16.00 3.81
N LEU A 784 40.89 15.52 2.93
CA LEU A 784 42.33 15.75 3.01
C LEU A 784 42.82 16.34 1.69
N GLN A 785 43.62 17.39 1.78
CA GLN A 785 44.15 18.07 0.60
C GLN A 785 45.66 18.09 0.65
N ILE A 786 46.29 17.78 -0.47
CA ILE A 786 47.70 18.07 -0.66
C ILE A 786 47.83 19.08 -1.82
N LEU A 787 48.43 20.23 -1.54
CA LEU A 787 48.34 21.41 -2.40
C LEU A 787 49.70 21.74 -3.02
N GLY A 788 49.73 21.81 -4.35
CA GLY A 788 50.95 22.16 -5.05
C GLY A 788 50.77 22.29 -6.55
N GLN A 789 51.87 22.06 -7.28
CA GLN A 789 51.93 22.40 -8.69
C GLN A 789 51.99 21.16 -9.57
N ARG A 790 51.43 21.28 -10.78
CA ARG A 790 51.53 20.29 -11.87
C ARG A 790 50.59 19.11 -11.68
N THR B 4 43.87 -18.07 4.64
CA THR B 4 43.12 -19.23 4.14
C THR B 4 41.66 -19.12 4.51
N ASP B 5 41.13 -17.86 4.72
CA ASP B 5 39.91 -17.69 5.50
C ASP B 5 38.65 -17.94 4.69
N GLN B 6 38.69 -17.74 3.38
CA GLN B 6 37.51 -18.12 2.60
C GLN B 6 37.34 -19.63 2.63
N GLN B 7 38.44 -20.36 2.59
CA GLN B 7 38.34 -21.82 2.64
C GLN B 7 37.81 -22.29 3.99
N VAL B 8 38.24 -21.66 5.09
CA VAL B 8 37.79 -22.08 6.43
C VAL B 8 36.25 -22.05 6.49
N GLY B 9 35.65 -20.91 6.13
CA GLY B 9 34.20 -20.81 6.18
C GLY B 9 33.50 -21.89 5.35
N ALA B 10 34.09 -22.23 4.20
CA ALA B 10 33.51 -23.27 3.37
C ALA B 10 33.51 -24.61 4.08
N LYS B 11 34.65 -24.97 4.70
CA LYS B 11 34.70 -26.23 5.44
C LYS B 11 33.67 -26.24 6.56
N LEU B 12 33.64 -25.17 7.37
CA LEU B 12 32.66 -25.06 8.46
C LEU B 12 31.23 -25.23 7.95
N VAL B 13 30.86 -24.52 6.90
CA VAL B 13 29.50 -24.63 6.38
C VAL B 13 29.21 -26.07 5.97
N GLN B 14 30.17 -26.73 5.33
CA GLN B 14 29.94 -28.11 4.91
C GLN B 14 29.77 -29.04 6.10
N GLU B 15 30.55 -28.82 7.16
CA GLU B 15 30.38 -29.69 8.32
C GLU B 15 29.00 -29.49 8.93
N ILE B 16 28.54 -28.25 9.00
CA ILE B 16 27.20 -28.00 9.52
C ILE B 16 26.16 -28.63 8.60
N ARG B 17 26.26 -28.34 7.29
CA ARG B 17 25.24 -28.83 6.36
C ARG B 17 25.20 -30.34 6.30
N GLU B 18 26.33 -31.00 6.51
CA GLU B 18 26.35 -32.47 6.49
C GLU B 18 25.95 -33.07 7.83
N GLY B 19 25.66 -32.25 8.83
CA GLY B 19 25.18 -32.76 10.09
C GLY B 19 26.24 -33.31 11.01
N LYS B 20 27.48 -32.85 10.90
CA LYS B 20 28.55 -33.40 11.73
C LYS B 20 28.73 -32.72 13.06
N ARG B 21 28.00 -31.64 13.34
CA ARG B 21 28.13 -30.99 14.63
C ARG B 21 27.26 -31.62 15.71
N GLY B 22 26.47 -32.64 15.38
CA GLY B 22 25.46 -33.13 16.29
C GLY B 22 24.39 -32.07 16.45
N PRO B 23 23.73 -32.04 17.61
CA PRO B 23 22.74 -31.00 17.86
C PRO B 23 23.40 -29.62 17.88
N LEU B 24 22.73 -28.65 17.28
CA LEU B 24 23.28 -27.31 17.10
C LEU B 24 22.72 -26.32 18.12
N TYR B 25 23.57 -25.35 18.49
CA TYR B 25 23.19 -24.19 19.26
C TYR B 25 23.57 -22.94 18.46
N ALA B 26 22.61 -22.04 18.28
CA ALA B 26 22.82 -20.82 17.51
C ALA B 26 22.35 -19.63 18.34
N GLY B 27 22.77 -18.44 17.95
CA GLY B 27 22.28 -17.24 18.61
C GLY B 27 22.26 -16.03 17.74
N TYR B 28 21.25 -15.19 17.95
CA TYR B 28 21.15 -13.88 17.31
C TYR B 28 21.88 -12.85 18.16
N PHE B 29 22.91 -12.20 17.59
CA PHE B 29 23.65 -11.16 18.29
C PHE B 29 23.14 -9.80 17.84
N ARG B 30 22.67 -9.00 18.78
CA ARG B 30 22.19 -7.67 18.41
C ARG B 30 23.39 -6.77 18.15
N THR B 31 23.48 -6.23 16.93
CA THR B 31 24.69 -5.52 16.50
C THR B 31 24.99 -4.31 17.37
N TRP B 32 23.94 -3.63 17.86
CA TRP B 32 24.19 -2.43 18.65
C TRP B 32 24.71 -2.73 20.05
N HIS B 33 24.88 -4.01 20.37
CA HIS B 33 25.53 -4.41 21.61
C HIS B 33 26.90 -5.01 21.36
N ASP B 34 27.43 -4.87 20.15
CA ASP B 34 28.86 -5.08 19.95
C ASP B 34 29.60 -3.76 20.21
N ARG B 35 30.71 -3.85 20.93
CA ARG B 35 31.39 -2.65 21.43
C ARG B 35 31.93 -1.76 20.30
N ALA B 36 32.02 -2.27 19.07
CA ALA B 36 32.42 -1.48 17.91
C ALA B 36 31.24 -0.82 17.20
N SER B 37 30.00 -0.96 17.68
CA SER B 37 28.85 -0.39 16.99
C SER B 37 28.71 1.09 17.32
N THR B 38 28.32 1.88 16.30
CA THR B 38 28.15 3.31 16.49
C THR B 38 26.90 3.79 15.78
N GLY B 39 26.23 4.78 16.38
CA GLY B 39 25.03 5.36 15.83
C GLY B 39 25.33 6.42 14.80
N ILE B 40 24.30 7.17 14.41
CA ILE B 40 24.48 8.17 13.36
C ILE B 40 25.43 9.28 13.80
N ASP B 41 25.55 9.54 15.11
CA ASP B 41 26.54 10.50 15.59
C ASP B 41 27.94 9.92 15.71
N GLY B 42 28.16 8.67 15.30
CA GLY B 42 29.50 8.12 15.33
C GLY B 42 30.03 7.73 16.69
N LYS B 43 29.19 7.77 17.73
CA LYS B 43 29.64 7.39 19.06
C LYS B 43 29.26 5.94 19.37
N GLN B 44 30.08 5.31 20.21
CA GLN B 44 29.84 3.95 20.66
C GLN B 44 28.50 3.80 21.36
N GLN B 45 27.79 2.71 21.07
CA GLN B 45 26.50 2.50 21.72
C GLN B 45 26.62 1.73 23.03
N HIS B 46 27.47 0.71 23.09
CA HIS B 46 27.61 -0.12 24.29
C HIS B 46 28.97 -0.79 24.32
N PRO B 47 29.82 -0.47 25.29
CA PRO B 47 31.14 -1.08 25.37
C PRO B 47 31.18 -2.46 26.02
N GLU B 48 30.04 -2.97 26.51
CA GLU B 48 30.11 -4.10 27.43
C GLU B 48 30.41 -5.44 26.76
N ASN B 49 30.07 -5.64 25.49
CA ASN B 49 30.18 -6.98 24.91
C ASN B 49 30.75 -6.93 23.49
N THR B 50 31.14 -8.09 22.97
CA THR B 50 31.60 -8.20 21.57
C THR B 50 31.34 -9.60 21.00
N MET B 51 30.99 -9.65 19.71
CA MET B 51 30.85 -10.93 19.03
C MET B 51 32.10 -11.78 19.14
N ALA B 52 33.27 -11.16 19.29
CA ALA B 52 34.52 -11.91 19.34
C ALA B 52 34.58 -12.86 20.52
N GLU B 53 33.81 -12.61 21.58
CA GLU B 53 33.82 -13.46 22.77
C GLU B 53 32.80 -14.58 22.76
N VAL B 54 31.94 -14.64 21.74
CA VAL B 54 30.98 -15.74 21.69
C VAL B 54 31.74 -17.06 21.67
N PRO B 55 31.45 -18.00 22.56
CA PRO B 55 32.32 -19.16 22.72
C PRO B 55 32.05 -20.23 21.66
N LYS B 56 32.93 -21.24 21.68
CA LYS B 56 32.90 -22.31 20.67
C LYS B 56 31.56 -23.02 20.62
N GLU B 57 30.85 -23.09 21.76
CA GLU B 57 29.57 -23.79 21.85
C GLU B 57 28.51 -23.20 20.94
N VAL B 58 28.70 -22.01 20.39
CA VAL B 58 27.75 -21.44 19.45
C VAL B 58 28.20 -21.81 18.04
N ASP B 59 27.50 -22.78 17.43
CA ASP B 59 27.87 -23.25 16.10
C ASP B 59 27.64 -22.19 15.04
N ILE B 60 26.58 -21.42 15.17
CA ILE B 60 26.24 -20.37 14.21
C ILE B 60 25.82 -19.13 14.97
N LEU B 61 26.40 -18.00 14.60
CA LEU B 61 26.07 -16.72 15.19
C LEU B 61 25.43 -15.89 14.08
N PHE B 62 24.21 -15.43 14.33
CA PHE B 62 23.49 -14.62 13.37
C PHE B 62 23.68 -13.13 13.67
N VAL B 63 23.99 -12.36 12.63
CA VAL B 63 24.09 -10.90 12.71
C VAL B 63 22.68 -10.35 12.63
N PHE B 64 22.21 -9.74 13.70
CA PHE B 64 20.88 -9.14 13.71
C PHE B 64 21.02 -7.62 13.83
N HIS B 65 20.54 -6.89 12.84
CA HIS B 65 20.91 -5.49 12.68
C HIS B 65 19.84 -4.52 13.15
N ASP B 66 20.25 -3.54 13.94
CA ASP B 66 19.47 -2.35 14.17
C ASP B 66 20.37 -1.32 14.83
N HIS B 67 20.02 -0.04 14.64
CA HIS B 67 20.71 1.09 15.27
C HIS B 67 22.16 1.29 14.84
N THR B 68 22.87 0.22 14.47
CA THR B 68 24.24 0.39 13.98
C THR B 68 24.22 1.16 12.66
N ALA B 69 24.94 2.28 12.62
CA ALA B 69 24.91 3.12 11.43
C ALA B 69 25.72 2.50 10.30
N SER B 70 25.39 2.90 9.07
CA SER B 70 25.98 2.27 7.89
C SER B 70 27.49 2.50 7.80
N ASP B 71 27.99 3.64 8.30
CA ASP B 71 29.42 3.95 8.31
C ASP B 71 30.08 3.53 9.60
N SER B 72 29.45 2.68 10.39
CA SER B 72 30.00 2.33 11.69
C SER B 72 31.23 1.44 11.49
N PRO B 73 32.27 1.62 12.31
CA PRO B 73 33.42 0.68 12.25
C PRO B 73 33.04 -0.76 12.49
N PHE B 74 31.84 -1.00 13.05
CA PHE B 74 31.44 -2.37 13.34
C PHE B 74 31.52 -3.25 12.10
N TRP B 75 31.12 -2.71 10.95
CA TRP B 75 31.04 -3.54 9.75
C TRP B 75 32.42 -4.07 9.35
N SER B 76 33.43 -3.21 9.31
CA SER B 76 34.74 -3.73 8.95
C SER B 76 35.32 -4.55 10.10
N GLU B 77 34.96 -4.20 11.34
CA GLU B 77 35.40 -5.02 12.46
C GLU B 77 34.82 -6.42 12.36
N LEU B 78 33.56 -6.54 11.96
CA LEU B 78 32.98 -7.86 11.73
C LEU B 78 33.74 -8.61 10.65
N LYS B 79 33.92 -7.97 9.49
CA LYS B 79 34.41 -8.68 8.32
C LYS B 79 35.88 -9.04 8.44
N ASP B 80 36.71 -8.12 8.94
CA ASP B 80 38.16 -8.31 8.98
C ASP B 80 38.66 -8.87 10.30
N SER B 81 37.80 -9.01 11.30
CA SER B 81 38.29 -9.40 12.62
C SER B 81 37.42 -10.52 13.21
N TYR B 82 36.14 -10.23 13.45
CA TYR B 82 35.25 -11.20 14.10
C TYR B 82 35.14 -12.47 13.26
N VAL B 83 34.96 -12.36 11.95
CA VAL B 83 34.76 -13.55 11.13
C VAL B 83 35.96 -14.47 11.25
N HIS B 84 37.17 -13.90 11.25
CA HIS B 84 38.38 -14.73 11.36
C HIS B 84 38.42 -15.43 12.72
N LYS B 85 38.18 -14.71 13.80
CA LYS B 85 38.39 -15.31 15.11
C LYS B 85 37.29 -16.33 15.44
N LEU B 86 36.07 -16.11 14.94
CA LEU B 86 34.99 -17.07 15.17
C LEU B 86 35.19 -18.31 14.32
N HIS B 87 35.65 -18.15 13.07
CA HIS B 87 35.93 -19.29 12.21
C HIS B 87 36.97 -20.21 12.85
N GLN B 88 37.98 -19.63 13.49
CA GLN B 88 39.04 -20.42 14.07
C GLN B 88 38.55 -21.39 15.13
N GLN B 89 37.45 -21.08 15.81
CA GLN B 89 36.86 -22.00 16.78
C GLN B 89 35.74 -22.84 16.20
N GLY B 90 35.37 -22.63 14.94
CA GLY B 90 34.32 -23.40 14.30
C GLY B 90 33.00 -22.71 14.12
N THR B 91 32.87 -21.42 14.48
CA THR B 91 31.60 -20.72 14.42
C THR B 91 31.39 -20.05 13.07
N ALA B 92 30.27 -20.34 12.43
CA ALA B 92 29.90 -19.70 11.18
C ALA B 92 29.01 -18.50 11.45
N LEU B 93 29.14 -17.48 10.61
CA LEU B 93 28.36 -16.27 10.73
C LEU B 93 27.35 -16.16 9.61
N VAL B 94 26.13 -15.75 9.93
CA VAL B 94 25.06 -15.62 8.96
C VAL B 94 24.47 -14.23 9.09
N GLN B 95 24.31 -13.55 7.97
CA GLN B 95 23.66 -12.27 8.00
C GLN B 95 22.16 -12.50 7.93
N THR B 96 21.42 -11.74 8.73
CA THR B 96 19.98 -11.84 8.80
C THR B 96 19.39 -10.61 8.13
N ILE B 97 18.39 -10.82 7.27
CA ILE B 97 17.63 -9.71 6.67
C ILE B 97 16.14 -10.04 6.71
N GLY B 98 15.30 -9.00 6.76
CA GLY B 98 13.87 -9.21 6.75
C GLY B 98 13.31 -9.34 5.35
N VAL B 99 12.19 -10.05 5.23
CA VAL B 99 11.59 -10.28 3.92
C VAL B 99 11.29 -8.97 3.20
N ASN B 100 11.16 -7.85 3.93
CA ASN B 100 10.85 -6.60 3.24
C ASN B 100 11.97 -6.17 2.31
N GLU B 101 13.20 -6.63 2.55
CA GLU B 101 14.30 -6.42 1.62
C GLU B 101 14.08 -7.13 0.29
N LEU B 102 13.05 -7.96 0.18
CA LEU B 102 12.81 -8.80 -0.99
C LEU B 102 11.53 -8.50 -1.76
N ASN B 103 10.62 -7.67 -1.23
CA ASN B 103 9.25 -7.60 -1.77
C ASN B 103 8.83 -6.21 -2.23
N GLY B 104 9.76 -5.27 -2.35
CA GLY B 104 9.44 -3.92 -2.76
C GLY B 104 9.41 -2.89 -1.66
N ARG B 105 9.43 -3.31 -0.39
CA ARG B 105 9.19 -2.39 0.71
C ARG B 105 10.45 -1.70 1.20
N THR B 106 11.64 -2.28 1.01
CA THR B 106 12.85 -1.73 1.64
C THR B 106 14.08 -2.05 0.79
N GLY B 107 15.12 -1.22 0.97
CA GLY B 107 16.46 -1.54 0.54
C GLY B 107 16.55 -1.67 -0.97
N LEU B 108 17.48 -2.53 -1.40
CA LEU B 108 17.71 -2.74 -2.83
C LEU B 108 16.42 -3.09 -3.56
N SER B 109 15.46 -3.67 -2.85
CA SER B 109 14.17 -4.05 -3.42
C SER B 109 13.44 -2.89 -4.07
N LYS B 110 13.66 -1.66 -3.58
CA LYS B 110 13.00 -0.49 -4.15
C LYS B 110 13.63 -0.06 -5.46
N ASP B 111 14.74 -0.66 -5.84
CA ASP B 111 15.48 -0.25 -7.03
C ASP B 111 15.38 -1.27 -8.15
N TYR B 112 14.62 -2.35 -7.99
CA TYR B 112 14.52 -3.29 -9.08
C TYR B 112 13.05 -3.55 -9.37
N PRO B 113 12.69 -3.71 -10.64
CA PRO B 113 11.30 -3.98 -10.97
C PRO B 113 10.92 -5.42 -10.62
N ASP B 114 9.63 -5.62 -10.38
CA ASP B 114 9.09 -6.94 -10.05
C ASP B 114 8.87 -7.73 -11.35
N THR B 115 10.00 -8.13 -11.95
CA THR B 115 10.02 -8.89 -13.18
C THR B 115 11.04 -10.01 -13.04
N PRO B 116 10.94 -11.07 -13.87
CA PRO B 116 11.91 -12.17 -13.79
C PRO B 116 13.36 -11.74 -13.78
N GLU B 117 13.77 -10.95 -14.78
CA GLU B 117 15.17 -10.52 -14.81
C GLU B 117 15.43 -9.44 -13.77
N GLY B 118 14.41 -8.65 -13.41
CA GLY B 118 14.60 -7.65 -12.36
C GLY B 118 14.78 -8.26 -10.98
N ASN B 119 13.93 -9.23 -10.63
CA ASN B 119 14.09 -9.94 -9.36
C ASN B 119 15.36 -10.76 -9.34
N LYS B 120 15.77 -11.30 -10.50
CA LYS B 120 17.05 -11.98 -10.58
C LYS B 120 18.20 -11.06 -10.22
N ALA B 121 18.18 -9.82 -10.73
CA ALA B 121 19.24 -8.88 -10.42
C ALA B 121 19.22 -8.44 -8.97
N LEU B 122 18.02 -8.31 -8.38
CA LEU B 122 17.90 -7.99 -6.96
C LEU B 122 18.53 -9.08 -6.11
N ALA B 123 18.23 -10.35 -6.42
CA ALA B 123 18.80 -11.46 -5.68
C ALA B 123 20.32 -11.39 -5.67
N ALA B 124 20.94 -11.06 -6.80
CA ALA B 124 22.40 -10.99 -6.84
C ALA B 124 22.92 -9.82 -6.04
N ALA B 125 22.18 -8.70 -6.02
CA ALA B 125 22.60 -7.52 -5.26
C ALA B 125 22.47 -7.76 -3.77
N ILE B 126 21.40 -8.46 -3.35
CA ILE B 126 21.24 -8.89 -1.96
C ILE B 126 22.41 -9.77 -1.52
N VAL B 127 22.78 -10.76 -2.35
CA VAL B 127 23.92 -11.61 -2.00
C VAL B 127 25.19 -10.79 -1.91
N LYS B 128 25.35 -9.80 -2.79
CA LYS B 128 26.58 -9.01 -2.75
C LYS B 128 26.60 -8.09 -1.54
N ALA B 129 25.47 -7.43 -1.27
CA ALA B 129 25.44 -6.46 -0.19
C ALA B 129 25.50 -7.13 1.17
N PHE B 130 24.76 -8.23 1.35
CA PHE B 130 24.58 -8.78 2.69
C PHE B 130 25.43 -10.00 3.00
N VAL B 131 25.98 -10.67 2.01
CA VAL B 131 26.84 -11.83 2.25
C VAL B 131 28.28 -11.54 1.86
N THR B 132 28.50 -11.22 0.57
CA THR B 132 29.85 -11.05 0.05
C THR B 132 30.56 -9.86 0.68
N ASP B 133 29.94 -8.68 0.61
CA ASP B 133 30.56 -7.48 1.17
C ASP B 133 30.76 -7.60 2.68
N ARG B 134 29.89 -8.34 3.37
CA ARG B 134 29.96 -8.42 4.83
C ARG B 134 30.96 -9.47 5.30
N GLY B 135 31.30 -10.44 4.45
CA GLY B 135 32.28 -11.44 4.84
C GLY B 135 31.74 -12.62 5.61
N VAL B 136 30.42 -12.83 5.59
CA VAL B 136 29.79 -13.85 6.43
C VAL B 136 29.59 -15.12 5.61
N ASP B 137 29.02 -16.14 6.23
CA ASP B 137 28.98 -17.47 5.65
C ASP B 137 27.59 -17.89 5.22
N GLY B 138 26.66 -16.96 5.12
CA GLY B 138 25.31 -17.36 4.76
C GLY B 138 24.33 -16.21 4.93
N LEU B 139 23.08 -16.52 4.62
CA LEU B 139 22.00 -15.55 4.63
C LEU B 139 20.79 -16.18 5.31
N ASP B 140 20.10 -15.37 6.13
CA ASP B 140 18.93 -15.80 6.88
C ASP B 140 17.81 -14.80 6.61
N ILE B 141 16.71 -15.26 6.03
CA ILE B 141 15.58 -14.41 5.69
C ILE B 141 14.55 -14.53 6.81
N ASP B 142 14.20 -13.39 7.38
CA ASP B 142 13.27 -13.31 8.50
C ASP B 142 11.88 -13.00 7.99
N ILE B 143 10.94 -13.93 8.18
CA ILE B 143 9.60 -13.76 7.66
C ILE B 143 8.61 -13.88 8.81
N GLU B 144 8.03 -12.75 9.18
CA GLU B 144 7.11 -12.70 10.30
C GLU B 144 5.76 -12.15 9.85
N HIS B 145 4.82 -12.16 10.78
CA HIS B 145 3.52 -11.57 10.54
C HIS B 145 3.64 -10.05 10.66
N GLU B 146 3.11 -9.34 9.67
CA GLU B 146 3.05 -7.88 9.73
C GLU B 146 1.63 -7.50 10.17
N PHE B 147 1.49 -7.15 11.45
CA PHE B 147 0.17 -6.86 12.01
C PHE B 147 -0.37 -5.54 11.47
N THR B 148 0.46 -4.49 11.48
CA THR B 148 0.01 -3.17 11.05
C THR B 148 -0.43 -3.19 9.59
N ASN B 149 0.47 -3.54 8.69
CA ASN B 149 0.23 -3.38 7.25
C ASN B 149 0.46 -4.70 6.51
N LYS B 150 -0.59 -5.55 6.47
CA LYS B 150 -0.49 -6.90 5.94
C LYS B 150 0.14 -6.90 4.56
N ARG B 151 0.87 -7.98 4.26
CA ARG B 151 1.49 -8.14 2.97
C ARG B 151 0.50 -8.71 1.95
N THR B 152 0.57 -8.17 0.73
CA THR B 152 -0.33 -8.63 -0.33
C THR B 152 0.18 -9.95 -0.91
N PRO B 153 -0.70 -10.72 -1.53
CA PRO B 153 -0.23 -11.89 -2.27
C PRO B 153 0.81 -11.56 -3.32
N GLU B 154 0.75 -10.38 -3.94
CA GLU B 154 1.75 -10.01 -4.93
C GLU B 154 3.11 -9.76 -4.28
N GLU B 155 3.11 -9.17 -3.08
CA GLU B 155 4.36 -8.96 -2.36
C GLU B 155 4.99 -10.28 -1.94
N ASP B 156 4.17 -11.25 -1.52
CA ASP B 156 4.72 -12.54 -1.12
C ASP B 156 5.23 -13.32 -2.32
N ALA B 157 4.50 -13.30 -3.44
CA ALA B 157 4.97 -13.99 -4.63
C ALA B 157 6.32 -13.44 -5.07
N ARG B 158 6.50 -12.12 -4.98
CA ARG B 158 7.80 -11.57 -5.33
C ARG B 158 8.88 -12.02 -4.37
N ALA B 159 8.60 -11.97 -3.06
CA ALA B 159 9.57 -12.45 -2.08
C ALA B 159 9.97 -13.90 -2.35
N LEU B 160 9.01 -14.75 -2.71
CA LEU B 160 9.38 -16.12 -3.04
C LEU B 160 10.25 -16.16 -4.29
N ASN B 161 9.89 -15.39 -5.33
CA ASN B 161 10.70 -15.40 -6.55
C ASN B 161 12.11 -14.93 -6.28
N VAL B 162 12.26 -13.83 -5.53
CA VAL B 162 13.61 -13.36 -5.22
C VAL B 162 14.34 -14.41 -4.39
N PHE B 163 13.62 -15.05 -3.46
CA PHE B 163 14.21 -16.07 -2.61
C PHE B 163 14.69 -17.26 -3.43
N LYS B 164 13.87 -17.69 -4.40
CA LYS B 164 14.30 -18.81 -5.24
C LYS B 164 15.50 -18.43 -6.11
N GLU B 165 15.60 -17.16 -6.52
CA GLU B 165 16.78 -16.75 -7.27
C GLU B 165 18.03 -16.75 -6.37
N ILE B 166 17.90 -16.20 -5.16
CA ILE B 166 18.98 -16.31 -4.17
C ILE B 166 19.40 -17.77 -4.01
N ALA B 167 18.44 -18.68 -3.90
CA ALA B 167 18.74 -20.09 -3.72
C ALA B 167 19.55 -20.66 -4.88
N GLN B 168 19.53 -20.02 -6.06
CA GLN B 168 20.43 -20.47 -7.12
C GLN B 168 21.82 -19.85 -6.99
N LEU B 169 21.97 -18.73 -6.28
CA LEU B 169 23.31 -18.19 -6.07
C LEU B 169 24.04 -18.86 -4.91
N ILE B 170 23.36 -19.08 -3.79
CA ILE B 170 24.00 -19.63 -2.59
C ILE B 170 23.15 -20.76 -2.04
N GLY B 171 23.79 -21.61 -1.25
CA GLY B 171 23.08 -22.67 -0.55
C GLY B 171 23.32 -24.03 -1.19
N LYS B 172 22.67 -25.04 -0.61
CA LYS B 172 22.92 -26.42 -1.02
C LYS B 172 22.65 -26.63 -2.51
N ASN B 173 21.76 -25.82 -3.09
CA ASN B 173 21.39 -25.88 -4.49
C ASN B 173 21.88 -24.67 -5.28
N GLY B 174 22.94 -24.02 -4.80
CA GLY B 174 23.42 -22.82 -5.41
C GLY B 174 24.78 -23.00 -6.06
N SER B 175 25.13 -22.00 -6.87
CA SER B 175 26.47 -21.97 -7.45
C SER B 175 27.52 -21.97 -6.35
N ASP B 176 27.35 -21.10 -5.34
CA ASP B 176 28.30 -20.99 -4.25
C ASP B 176 27.76 -21.76 -3.04
N LYS B 177 28.17 -23.02 -2.93
CA LYS B 177 27.74 -23.88 -1.83
C LYS B 177 28.54 -23.64 -0.55
N SER B 178 29.40 -22.61 -0.52
CA SER B 178 30.15 -22.29 0.70
C SER B 178 29.35 -21.44 1.66
N LYS B 179 28.15 -21.00 1.25
CA LYS B 179 27.29 -20.13 2.02
C LYS B 179 26.04 -20.91 2.44
N LEU B 180 25.55 -20.63 3.66
CA LEU B 180 24.30 -21.21 4.15
C LEU B 180 23.12 -20.34 3.73
N LEU B 181 21.98 -20.99 3.52
CA LEU B 181 20.74 -20.30 3.21
C LEU B 181 19.71 -20.79 4.21
N ILE B 182 19.09 -19.85 4.94
CA ILE B 182 18.30 -20.13 6.13
C ILE B 182 17.07 -19.23 6.12
N MET B 183 15.96 -19.74 6.63
CA MET B 183 14.79 -18.93 6.92
C MET B 183 14.52 -18.97 8.42
N ASP B 184 14.12 -17.84 9.00
CA ASP B 184 13.57 -17.87 10.35
C ASP B 184 12.22 -17.20 10.34
N THR B 185 11.27 -17.71 11.14
CA THR B 185 9.89 -17.32 10.92
C THR B 185 9.09 -17.46 12.21
N THR B 186 7.95 -16.79 12.24
CA THR B 186 6.95 -16.97 13.27
C THR B 186 5.67 -17.58 12.73
N LEU B 187 5.68 -18.07 11.49
CA LEU B 187 4.47 -18.43 10.77
C LEU B 187 4.34 -19.95 10.59
N SER B 188 3.15 -20.48 10.91
CA SER B 188 2.95 -21.88 10.61
C SER B 188 2.77 -22.07 9.10
N VAL B 189 2.85 -23.33 8.68
CA VAL B 189 2.81 -23.67 7.26
C VAL B 189 1.63 -23.03 6.56
N GLU B 190 0.44 -23.13 7.16
CA GLU B 190 -0.77 -22.63 6.53
C GLU B 190 -0.72 -21.12 6.28
N ASN B 191 0.14 -20.38 7.00
CA ASN B 191 0.29 -18.95 6.80
C ASN B 191 1.61 -18.59 6.15
N ASN B 192 2.32 -19.57 5.59
CA ASN B 192 3.70 -19.36 5.15
C ASN B 192 3.82 -19.82 3.70
N PRO B 193 3.23 -19.07 2.78
CA PRO B 193 3.38 -19.43 1.36
C PRO B 193 4.83 -19.40 0.91
N ILE B 194 5.63 -18.45 1.40
CA ILE B 194 7.03 -18.39 0.99
C ILE B 194 7.75 -19.65 1.44
N PHE B 195 7.46 -20.11 2.65
CA PHE B 195 8.10 -21.32 3.15
C PHE B 195 7.75 -22.51 2.28
N LYS B 196 6.46 -22.66 1.95
CA LYS B 196 6.05 -23.80 1.14
C LYS B 196 6.87 -23.85 -0.15
N GLY B 197 7.17 -22.69 -0.72
CA GLY B 197 7.87 -22.65 -1.99
C GLY B 197 9.38 -22.79 -1.92
N ILE B 198 10.02 -22.31 -0.85
CA ILE B 198 11.47 -22.30 -0.80
C ILE B 198 12.05 -23.48 -0.03
N ALA B 199 11.22 -24.24 0.68
CA ALA B 199 11.71 -25.18 1.69
C ALA B 199 12.74 -26.15 1.15
N GLU B 200 12.54 -26.60 -0.10
CA GLU B 200 13.47 -27.54 -0.73
C GLU B 200 14.88 -26.98 -0.82
N ASP B 201 15.02 -25.65 -0.79
CA ASP B 201 16.31 -24.98 -0.93
C ASP B 201 16.93 -24.56 0.42
N LEU B 202 16.29 -24.86 1.54
CA LEU B 202 16.76 -24.39 2.85
C LEU B 202 17.69 -25.40 3.51
N ASP B 203 18.73 -24.88 4.15
CA ASP B 203 19.53 -25.69 5.06
C ASP B 203 18.77 -25.89 6.38
N TYR B 204 18.31 -24.80 6.99
CA TYR B 204 17.59 -24.85 8.25
C TYR B 204 16.38 -23.93 8.23
N LEU B 205 15.37 -24.32 9.00
CA LEU B 205 14.23 -23.48 9.32
C LEU B 205 14.35 -23.16 10.81
N LEU B 206 14.49 -21.87 11.14
CA LEU B 206 14.58 -21.40 12.51
C LEU B 206 13.24 -20.83 12.95
N ARG B 207 12.52 -21.55 13.83
CA ARG B 207 11.16 -21.16 14.23
C ARG B 207 11.23 -20.50 15.60
N GLN B 208 10.99 -19.19 15.64
CA GLN B 208 10.90 -18.46 16.90
C GLN B 208 9.69 -18.93 17.69
N TYR B 209 9.91 -19.37 18.94
CA TYR B 209 8.84 -19.81 19.84
C TYR B 209 8.98 -19.15 21.21
N TYR B 210 9.15 -17.82 21.23
CA TYR B 210 9.39 -17.14 22.50
C TYR B 210 8.13 -17.15 23.33
N GLY B 211 8.27 -17.37 24.62
CA GLY B 211 7.12 -17.45 25.49
C GLY B 211 6.37 -18.76 25.33
N SER B 212 5.37 -18.92 26.19
CA SER B 212 4.59 -20.14 26.22
C SER B 212 3.92 -20.39 24.87
N GLN B 213 3.73 -21.68 24.54
CA GLN B 213 3.14 -22.08 23.27
C GLN B 213 1.91 -22.98 23.46
N GLY B 214 1.24 -22.91 24.60
CA GLY B 214 -0.05 -23.56 24.74
C GLY B 214 0.06 -24.93 25.40
N GLY B 215 -1.03 -25.34 26.05
CA GLY B 215 -1.04 -26.63 26.75
C GLY B 215 -0.20 -26.56 28.02
N GLU B 216 -0.24 -27.65 28.78
CA GLU B 216 0.36 -27.58 30.11
C GLU B 216 1.87 -27.77 30.05
N ALA B 217 2.41 -28.50 29.06
CA ALA B 217 3.85 -28.51 28.87
C ALA B 217 4.34 -27.33 28.05
N GLU B 218 3.43 -26.48 27.58
CA GLU B 218 3.70 -25.21 26.91
C GLU B 218 4.30 -25.35 25.52
N VAL B 219 4.09 -26.49 24.84
CA VAL B 219 4.68 -26.69 23.53
C VAL B 219 3.64 -27.14 22.51
N ASP B 220 2.36 -26.87 22.78
CA ASP B 220 1.31 -27.29 21.85
C ASP B 220 1.57 -26.76 20.45
N THR B 221 1.86 -25.47 20.32
CA THR B 221 2.02 -24.89 18.98
C THR B 221 3.22 -25.49 18.28
N ILE B 222 4.27 -25.85 19.03
CA ILE B 222 5.43 -26.49 18.41
C ILE B 222 5.04 -27.83 17.82
N ASN B 223 4.28 -28.63 18.59
CA ASN B 223 3.89 -29.97 18.16
C ASN B 223 2.97 -29.91 16.95
N SER B 224 1.98 -29.01 16.98
CA SER B 224 1.06 -28.94 15.85
C SER B 224 1.73 -28.30 14.65
N ASP B 225 2.68 -27.37 14.85
CA ASP B 225 3.42 -26.82 13.73
C ASP B 225 4.30 -27.86 13.07
N TRP B 226 5.08 -28.61 13.87
CA TRP B 226 5.99 -29.59 13.29
C TRP B 226 5.24 -30.66 12.49
N ASN B 227 4.01 -30.96 12.90
CA ASN B 227 3.21 -31.94 12.18
C ASN B 227 2.99 -31.51 10.73
N GLN B 228 2.94 -30.20 10.46
CA GLN B 228 2.88 -29.64 9.11
C GLN B 228 4.27 -29.42 8.51
N TYR B 229 5.19 -28.84 9.29
CA TYR B 229 6.55 -28.63 8.80
C TYR B 229 7.15 -29.93 8.28
N GLN B 230 6.88 -31.07 8.94
CA GLN B 230 7.55 -32.33 8.58
C GLN B 230 7.34 -32.71 7.12
N ASN B 231 6.30 -32.19 6.49
CA ASN B 231 6.03 -32.49 5.10
C ASN B 231 6.90 -31.70 4.13
N TYR B 232 7.71 -30.75 4.64
CA TYR B 232 8.54 -29.92 3.78
C TYR B 232 10.03 -30.00 4.11
N ILE B 233 10.40 -30.34 5.34
CA ILE B 233 11.80 -30.45 5.71
C ILE B 233 11.98 -31.68 6.59
N ASP B 234 13.24 -32.06 6.76
CA ASP B 234 13.59 -33.10 7.70
C ASP B 234 13.74 -32.51 9.10
N ALA B 235 13.46 -33.33 10.12
CA ALA B 235 13.63 -32.86 11.50
C ALA B 235 15.03 -32.36 11.76
N SER B 236 16.04 -32.95 11.11
CA SER B 236 17.43 -32.54 11.24
C SER B 236 17.70 -31.12 10.75
N GLN B 237 16.68 -30.48 10.16
CA GLN B 237 16.77 -29.11 9.65
C GLN B 237 15.98 -28.11 10.48
N PHE B 238 15.39 -28.54 11.60
CA PHE B 238 14.40 -27.75 12.34
C PHE B 238 15.01 -27.26 13.65
N MET B 239 15.13 -25.95 13.80
CA MET B 239 15.63 -25.33 15.01
C MET B 239 14.51 -24.51 15.64
N ILE B 240 14.37 -24.61 16.96
CA ILE B 240 13.38 -23.81 17.68
C ILE B 240 14.12 -22.81 18.57
N GLY B 241 13.45 -21.70 18.86
CA GLY B 241 14.12 -20.57 19.50
C GLY B 241 13.42 -20.02 20.73
N PHE B 242 14.23 -19.61 21.71
CA PHE B 242 13.82 -18.82 22.84
C PHE B 242 14.54 -17.48 22.80
N SER B 243 14.08 -16.56 23.64
CA SER B 243 14.66 -15.22 23.70
C SER B 243 15.25 -15.01 25.08
N PHE B 244 16.46 -14.46 25.14
CA PHE B 244 16.95 -13.90 26.40
C PHE B 244 16.16 -12.63 26.71
N PHE B 245 16.40 -12.08 27.91
CA PHE B 245 15.63 -10.95 28.39
C PHE B 245 16.27 -9.65 27.88
N GLU B 246 15.51 -8.88 27.12
CA GLU B 246 15.99 -7.62 26.55
C GLU B 246 15.74 -6.44 27.49
N GLU B 247 16.75 -5.61 27.68
CA GLU B 247 16.64 -4.46 28.56
C GLU B 247 15.44 -3.60 28.18
N SER B 248 14.67 -3.20 29.20
CA SER B 248 13.55 -2.27 29.05
C SER B 248 12.44 -2.82 28.18
N ALA B 249 12.41 -4.15 28.01
CA ALA B 249 11.31 -4.76 27.29
C ALA B 249 10.01 -4.51 28.04
N SER B 250 8.95 -4.24 27.28
CA SER B 250 7.65 -3.87 27.79
C SER B 250 6.66 -4.99 27.52
N LYS B 251 5.45 -4.83 28.07
CA LYS B 251 4.35 -5.73 27.75
C LYS B 251 4.32 -6.00 26.24
N GLY B 252 4.26 -7.27 25.87
CA GLY B 252 4.27 -7.62 24.47
C GLY B 252 5.62 -8.07 23.97
N ASN B 253 6.67 -7.85 24.74
CA ASN B 253 8.00 -8.39 24.45
C ASN B 253 8.62 -8.98 25.72
N LEU B 254 7.79 -9.55 26.58
CA LEU B 254 8.21 -10.14 27.85
C LEU B 254 7.86 -11.63 27.82
N TRP B 255 8.86 -12.48 27.56
CA TRP B 255 8.65 -13.90 27.24
C TRP B 255 8.85 -14.85 28.41
N PHE B 256 9.71 -14.52 29.36
CA PHE B 256 10.00 -15.41 30.49
C PHE B 256 10.54 -16.76 30.06
N ASP B 257 11.45 -16.74 29.07
CA ASP B 257 12.12 -17.94 28.63
C ASP B 257 13.31 -18.30 29.48
N VAL B 258 13.78 -17.41 30.37
CA VAL B 258 14.89 -17.67 31.27
C VAL B 258 14.45 -17.36 32.70
N ASN B 259 15.33 -17.62 33.66
CA ASN B 259 14.91 -17.52 35.05
C ASN B 259 14.81 -16.07 35.49
N GLU B 260 13.81 -15.78 36.32
CA GLU B 260 13.58 -14.43 36.81
C GLU B 260 14.60 -14.04 37.88
N TYR B 261 14.81 -12.72 38.00
CA TYR B 261 15.64 -12.12 39.04
C TYR B 261 15.36 -12.72 40.42
N ASP B 262 16.42 -12.98 41.15
CA ASP B 262 16.32 -13.45 42.54
C ASP B 262 17.22 -12.58 43.39
N PRO B 263 16.67 -11.71 44.24
CA PRO B 263 17.54 -10.86 45.06
C PRO B 263 18.42 -11.67 45.98
N ASN B 264 18.07 -12.93 46.21
CA ASN B 264 18.84 -13.84 47.05
C ASN B 264 19.86 -14.65 46.26
N ASN B 265 19.97 -14.44 44.94
CA ASN B 265 20.89 -15.23 44.10
C ASN B 265 21.22 -14.49 42.82
N PRO B 266 22.32 -13.73 42.78
CA PRO B 266 22.65 -12.97 41.56
C PRO B 266 22.96 -13.85 40.35
N GLU B 267 23.25 -15.14 40.55
CA GLU B 267 23.57 -16.06 39.48
C GLU B 267 22.33 -16.71 38.85
N LYS B 268 21.14 -16.49 39.42
CA LYS B 268 19.94 -17.20 38.99
C LYS B 268 19.68 -17.10 37.48
N GLY B 269 19.97 -15.96 36.87
CA GLY B 269 19.75 -15.83 35.44
C GLY B 269 20.61 -16.78 34.63
N LYS B 270 21.75 -17.19 35.19
CA LYS B 270 22.66 -18.13 34.54
C LYS B 270 22.28 -19.58 34.79
N ASP B 271 21.20 -19.83 35.52
CA ASP B 271 20.75 -21.18 35.88
C ASP B 271 19.69 -21.64 34.87
N ILE B 272 19.90 -22.79 34.24
CA ILE B 272 18.92 -23.23 33.25
C ILE B 272 17.83 -24.12 33.82
N GLU B 273 17.97 -24.60 35.06
CA GLU B 273 16.93 -25.44 35.67
C GLU B 273 15.61 -24.67 35.71
N GLY B 274 14.54 -25.31 35.26
CA GLY B 274 13.24 -24.68 35.27
C GLY B 274 12.92 -23.77 34.08
N THR B 275 13.88 -23.44 33.23
CA THR B 275 13.63 -22.45 32.18
C THR B 275 12.99 -23.07 30.94
N ARG B 276 12.22 -22.25 30.22
CA ARG B 276 11.72 -22.68 28.91
C ARG B 276 12.88 -23.03 27.97
N ALA B 277 13.99 -22.29 28.07
CA ALA B 277 15.14 -22.57 27.24
C ALA B 277 15.61 -23.99 27.42
N LYS B 278 15.64 -24.48 28.67
CA LYS B 278 16.02 -25.86 28.91
C LYS B 278 15.02 -26.83 28.27
N LYS B 279 13.72 -26.54 28.42
CA LYS B 279 12.68 -27.36 27.81
C LYS B 279 12.85 -27.45 26.30
N TYR B 280 13.26 -26.35 25.66
CA TYR B 280 13.44 -26.40 24.21
C TYR B 280 14.66 -27.23 23.85
N ALA B 281 15.70 -27.15 24.66
CA ALA B 281 16.86 -28.01 24.42
C ALA B 281 16.46 -29.47 24.42
N GLU B 282 15.46 -29.83 25.23
CA GLU B 282 15.03 -31.20 25.45
C GLU B 282 13.89 -31.63 24.53
N TRP B 283 13.15 -30.69 23.95
CA TRP B 283 12.02 -31.06 23.13
C TRP B 283 12.50 -31.77 21.87
N GLN B 284 11.78 -32.82 21.48
CA GLN B 284 12.05 -33.49 20.23
C GLN B 284 10.72 -33.78 19.53
N PRO B 285 10.68 -33.68 18.21
CA PRO B 285 9.43 -33.97 17.48
C PRO B 285 8.95 -35.40 17.70
N SER B 286 7.63 -35.56 17.73
CA SER B 286 7.05 -36.90 17.87
C SER B 286 7.33 -37.75 16.66
N THR B 287 7.45 -37.13 15.49
CA THR B 287 7.61 -37.86 14.25
C THR B 287 8.78 -37.27 13.48
N GLY B 288 9.24 -38.04 12.50
CA GLY B 288 10.25 -37.57 11.58
C GLY B 288 11.64 -37.93 12.04
N GLY B 289 12.12 -37.21 13.04
CA GLY B 289 13.45 -37.43 13.58
C GLY B 289 13.71 -36.46 14.70
N LEU B 290 14.97 -36.44 15.15
CA LEU B 290 15.44 -35.47 16.14
C LEU B 290 15.61 -34.11 15.48
N LYS B 291 15.45 -33.05 16.29
CA LYS B 291 15.53 -31.72 15.73
C LYS B 291 16.99 -31.34 15.49
N ALA B 292 17.20 -30.24 14.76
CA ALA B 292 18.57 -29.80 14.50
C ALA B 292 19.20 -29.20 15.74
N GLY B 293 18.39 -28.59 16.61
CA GLY B 293 18.90 -27.93 17.79
C GLY B 293 18.02 -26.75 18.16
N ILE B 294 18.59 -25.80 18.90
CA ILE B 294 17.85 -24.61 19.33
C ILE B 294 18.71 -23.39 19.07
N PHE B 295 18.08 -22.22 19.16
CA PHE B 295 18.77 -20.96 19.09
C PHE B 295 18.16 -19.96 20.07
N SER B 296 18.93 -18.95 20.42
CA SER B 296 18.46 -17.90 21.31
C SER B 296 18.47 -16.57 20.58
N TYR B 297 17.46 -15.75 20.84
CA TYR B 297 17.50 -14.38 20.41
C TYR B 297 18.12 -13.52 21.50
N ALA B 298 18.98 -12.58 21.10
CA ALA B 298 19.64 -11.63 22.01
C ALA B 298 20.64 -12.36 22.88
N ILE B 299 21.59 -13.06 22.25
CA ILE B 299 22.62 -13.80 22.97
C ILE B 299 23.55 -12.89 23.75
N ASP B 300 23.61 -11.61 23.39
CA ASP B 300 24.40 -10.66 24.16
C ASP B 300 23.81 -10.45 25.56
N ARG B 301 22.56 -10.87 25.78
CA ARG B 301 21.92 -10.80 27.09
C ARG B 301 21.94 -12.14 27.80
N ASP B 302 22.75 -13.09 27.32
CA ASP B 302 22.88 -14.39 27.96
C ASP B 302 23.26 -14.23 29.42
N GLY B 303 22.43 -14.76 30.31
CA GLY B 303 22.76 -14.79 31.72
C GLY B 303 22.04 -13.72 32.53
N VAL B 304 21.55 -12.68 31.89
CA VAL B 304 20.78 -11.67 32.59
C VAL B 304 19.46 -12.29 33.05
N ALA B 305 19.17 -12.16 34.33
CA ALA B 305 17.91 -12.68 34.85
C ALA B 305 16.74 -11.85 34.33
N HIS B 306 15.59 -12.52 34.17
CA HIS B 306 14.41 -11.87 33.64
C HIS B 306 13.77 -10.96 34.69
N VAL B 307 13.17 -9.87 34.22
CA VAL B 307 12.51 -8.90 35.08
C VAL B 307 11.40 -9.66 35.79
N PRO B 308 11.08 -9.35 37.04
CA PRO B 308 10.08 -10.15 37.73
C PRO B 308 8.72 -10.02 37.09
N SER B 309 7.93 -11.10 37.16
CA SER B 309 6.59 -11.12 36.54
C SER B 309 5.67 -10.04 37.09
N THR B 310 5.91 -9.55 38.30
CA THR B 310 5.14 -8.40 38.78
C THR B 310 5.33 -7.18 37.87
N TYR B 311 6.39 -7.15 37.06
CA TYR B 311 6.65 -6.03 36.17
C TYR B 311 6.00 -6.18 34.80
N LYS B 312 5.28 -7.28 34.55
CA LYS B 312 4.86 -7.63 33.19
C LYS B 312 3.87 -6.67 32.59
N ASN B 313 3.43 -5.63 33.31
CA ASN B 313 2.48 -4.68 32.76
C ASN B 313 3.12 -3.36 32.37
N ARG B 314 4.43 -3.20 32.58
CA ARG B 314 5.09 -1.95 32.24
C ARG B 314 5.03 -1.72 30.73
N THR B 315 5.02 -0.45 30.35
CA THR B 315 4.87 -0.08 28.94
C THR B 315 5.76 1.11 28.62
N SER B 316 5.65 1.53 27.36
CA SER B 316 6.28 2.76 26.85
C SER B 316 6.01 3.95 27.76
N THR B 317 4.75 4.13 28.15
CA THR B 317 4.29 5.28 28.91
C THR B 317 4.10 4.98 30.39
N ASN B 318 4.50 3.80 30.83
CA ASN B 318 4.26 3.36 32.18
C ASN B 318 5.52 2.60 32.60
N LEU B 319 6.59 3.34 32.87
CA LEU B 319 7.89 2.70 32.99
C LEU B 319 8.05 2.18 34.41
N GLN B 320 8.65 0.99 34.51
CA GLN B 320 8.84 0.34 35.77
C GLN B 320 10.24 -0.27 35.68
N ARG B 321 11.23 0.61 35.74
CA ARG B 321 12.61 0.19 35.55
C ARG B 321 13.05 -0.71 36.69
N HIS B 322 13.92 -1.66 36.36
CA HIS B 322 14.43 -2.65 37.31
C HIS B 322 15.93 -2.81 37.10
N GLU B 323 16.61 -3.27 38.15
CA GLU B 323 18.05 -3.50 38.10
C GLU B 323 18.48 -4.37 36.91
N VAL B 324 17.65 -5.33 36.50
CA VAL B 324 18.04 -6.18 35.37
C VAL B 324 18.00 -5.45 34.04
N ASP B 325 17.41 -4.25 34.00
CA ASP B 325 17.46 -3.50 32.75
C ASP B 325 18.87 -2.99 32.45
N ASN B 326 19.78 -3.02 33.42
CA ASN B 326 21.13 -2.57 33.20
C ASN B 326 21.86 -3.45 32.20
N ILE B 327 22.82 -2.85 31.48
CA ILE B 327 23.65 -3.58 30.52
C ILE B 327 24.82 -4.17 31.29
N SER B 328 25.26 -5.36 30.91
CA SER B 328 26.38 -5.95 31.63
C SER B 328 27.12 -6.92 30.73
N HIS B 329 28.35 -7.22 31.13
CA HIS B 329 29.15 -8.14 30.34
C HIS B 329 28.65 -9.57 30.55
N THR B 330 28.56 -10.32 29.47
CA THR B 330 28.15 -11.72 29.57
C THR B 330 29.32 -12.63 29.25
N ASP B 331 29.33 -13.82 29.87
CA ASP B 331 30.28 -14.84 29.50
C ASP B 331 29.60 -16.07 28.89
N TYR B 332 28.36 -15.90 28.44
CA TYR B 332 27.67 -16.92 27.64
C TYR B 332 27.51 -18.23 28.40
N THR B 333 27.24 -18.12 29.70
CA THR B 333 27.05 -19.30 30.54
C THR B 333 25.81 -20.09 30.16
N VAL B 334 24.67 -19.40 29.95
CA VAL B 334 23.45 -20.13 29.60
C VAL B 334 23.60 -20.83 28.26
N SER B 335 24.22 -20.16 27.29
CA SER B 335 24.44 -20.78 25.98
C SER B 335 25.32 -22.02 26.09
N ARG B 336 26.39 -21.97 26.89
CA ARG B 336 27.26 -23.13 26.97
C ARG B 336 26.56 -24.31 27.65
N LYS B 337 25.80 -24.05 28.71
CA LYS B 337 25.08 -25.12 29.40
C LYS B 337 24.06 -25.79 28.47
N LEU B 338 23.33 -24.98 27.68
CA LEU B 338 22.30 -25.54 26.78
C LEU B 338 22.92 -26.38 25.67
N LYS B 339 24.04 -25.96 25.11
CA LYS B 339 24.72 -26.76 24.09
C LYS B 339 25.21 -28.05 24.69
N THR B 340 25.85 -27.97 25.85
CA THR B 340 26.41 -29.15 26.48
C THR B 340 25.33 -30.13 26.88
N LEU B 341 24.19 -29.63 27.34
CA LEU B 341 23.07 -30.51 27.66
C LEU B 341 22.63 -31.30 26.42
N MET B 342 22.51 -30.63 25.27
CA MET B 342 22.09 -31.31 24.05
C MET B 342 23.12 -32.34 23.60
N THR B 343 24.40 -31.97 23.55
CA THR B 343 25.39 -32.93 23.06
C THR B 343 25.52 -34.14 23.97
N GLU B 344 25.13 -34.01 25.24
CA GLU B 344 25.10 -35.13 26.18
C GLU B 344 23.75 -35.84 26.19
N ASP B 345 22.79 -35.37 25.42
CA ASP B 345 21.53 -36.07 25.32
C ASP B 345 21.79 -37.39 24.59
N LYS B 346 21.54 -38.51 25.28
CA LYS B 346 21.96 -39.80 24.74
C LYS B 346 21.16 -40.20 23.49
N ARG B 347 20.07 -39.51 23.18
CA ARG B 347 19.36 -39.76 21.94
C ARG B 347 20.15 -39.35 20.71
N TYR B 348 21.21 -38.56 20.86
CA TYR B 348 22.09 -38.24 19.76
C TYR B 348 23.30 -39.17 19.69
N ASP B 349 23.33 -40.23 20.48
CA ASP B 349 24.30 -41.29 20.24
C ASP B 349 23.99 -41.97 18.93
N VAL B 350 25.02 -42.39 18.20
CA VAL B 350 24.81 -42.99 16.90
C VAL B 350 24.20 -44.37 17.08
N ILE B 351 23.32 -44.76 16.15
CA ILE B 351 22.82 -46.13 16.09
C ILE B 351 23.99 -47.08 16.02
N ASP B 352 23.95 -48.16 16.82
CA ASP B 352 25.11 -49.03 16.91
C ASP B 352 24.68 -50.52 16.92
N GLN B 353 25.70 -51.38 17.03
CA GLN B 353 25.49 -52.83 17.10
C GLN B 353 24.40 -53.23 18.07
N LYS B 354 24.22 -52.51 19.18
CA LYS B 354 23.21 -53.03 20.10
C LYS B 354 21.80 -52.58 19.75
N ASP B 355 21.64 -51.55 18.90
CA ASP B 355 20.33 -51.27 18.31
C ASP B 355 20.02 -52.24 17.18
N ILE B 356 20.87 -52.27 16.16
CA ILE B 356 20.70 -53.12 14.98
C ILE B 356 21.90 -54.07 14.92
N PRO B 357 21.76 -55.30 15.42
CA PRO B 357 22.90 -56.23 15.41
C PRO B 357 23.48 -56.50 14.03
N ASP B 358 22.65 -56.75 13.02
CA ASP B 358 23.14 -57.09 11.69
C ASP B 358 23.79 -55.88 11.03
N PRO B 359 25.09 -55.92 10.71
CA PRO B 359 25.72 -54.72 10.13
C PRO B 359 25.19 -54.33 8.76
N ALA B 360 24.68 -55.25 7.97
CA ALA B 360 24.09 -54.85 6.69
C ALA B 360 22.74 -54.16 6.90
N LEU B 361 21.93 -54.68 7.82
CA LEU B 361 20.69 -54.02 8.16
C LEU B 361 20.94 -52.63 8.73
N ARG B 362 21.91 -52.52 9.65
CA ARG B 362 22.21 -51.23 10.29
C ARG B 362 22.61 -50.20 9.25
N GLU B 363 23.38 -50.61 8.26
CA GLU B 363 23.82 -49.66 7.26
C GLU B 363 22.63 -49.09 6.50
N GLN B 364 21.68 -49.95 6.09
CA GLN B 364 20.55 -49.48 5.29
C GLN B 364 19.58 -48.65 6.11
N ILE B 365 19.38 -49.00 7.38
CA ILE B 365 18.53 -48.19 8.26
C ILE B 365 19.14 -46.81 8.45
N ILE B 366 20.42 -46.75 8.82
CA ILE B 366 21.06 -45.45 9.06
C ILE B 366 20.99 -44.58 7.83
N GLN B 367 21.24 -45.16 6.65
CA GLN B 367 21.20 -44.35 5.44
C GLN B 367 19.81 -43.77 5.20
N GLN B 368 18.77 -44.44 5.69
CA GLN B 368 17.41 -44.02 5.35
C GLN B 368 16.65 -43.37 6.49
N VAL B 369 17.07 -43.61 7.73
CA VAL B 369 16.36 -43.10 8.90
C VAL B 369 17.13 -41.98 9.61
N GLY B 370 18.46 -41.93 9.49
CA GLY B 370 19.30 -40.99 10.19
C GLY B 370 20.28 -41.71 11.08
N GLN B 371 21.16 -40.94 11.69
CA GLN B 371 22.26 -41.59 12.41
C GLN B 371 22.02 -41.75 13.89
N TYR B 372 20.98 -41.17 14.46
CA TYR B 372 20.87 -41.11 15.90
C TYR B 372 19.85 -42.11 16.42
N LYS B 373 20.17 -42.67 17.59
CA LYS B 373 19.25 -43.59 18.24
C LYS B 373 17.87 -42.97 18.36
N GLY B 374 17.81 -41.67 18.62
CA GLY B 374 16.52 -41.01 18.79
C GLY B 374 15.68 -40.96 17.53
N ASP B 375 16.31 -41.11 16.36
CA ASP B 375 15.55 -41.14 15.11
C ASP B 375 14.70 -42.41 14.98
N LEU B 376 15.13 -43.53 15.57
CA LEU B 376 14.50 -44.83 15.31
C LEU B 376 13.01 -44.80 15.65
N GLU B 377 12.67 -44.45 16.89
CA GLU B 377 11.27 -44.48 17.28
C GLU B 377 10.45 -43.35 16.69
N ARG B 378 11.08 -42.45 15.92
CA ARG B 378 10.37 -41.30 15.38
C ARG B 378 10.14 -41.38 13.88
N TYR B 379 11.05 -42.00 13.14
CA TYR B 379 10.95 -42.03 11.68
C TYR B 379 9.64 -42.64 11.23
N ASN B 380 8.90 -41.90 10.38
CA ASN B 380 7.53 -42.26 10.02
C ASN B 380 7.34 -42.30 8.51
N LYS B 381 8.38 -42.62 7.76
CA LYS B 381 8.18 -42.66 6.32
C LYS B 381 8.42 -44.09 5.83
N THR B 382 9.32 -44.28 4.85
CA THR B 382 9.46 -45.57 4.19
C THR B 382 10.87 -46.10 4.36
N LEU B 383 10.95 -47.42 4.59
CA LEU B 383 12.22 -48.15 4.69
C LEU B 383 12.22 -49.27 3.66
N VAL B 384 13.24 -49.26 2.78
CA VAL B 384 13.43 -50.26 1.74
C VAL B 384 14.66 -51.08 2.08
N LEU B 385 14.47 -52.35 2.39
CA LEU B 385 15.58 -53.24 2.70
C LEU B 385 15.84 -54.16 1.51
N THR B 386 17.09 -54.20 1.04
CA THR B 386 17.43 -54.95 -0.15
C THR B 386 18.66 -55.82 0.07
N GLY B 387 18.86 -56.77 -0.83
CA GLY B 387 20.11 -57.49 -0.92
C GLY B 387 20.14 -58.80 -0.16
N ASP B 388 21.25 -59.51 -0.37
CA ASP B 388 21.48 -60.80 0.27
C ASP B 388 22.49 -60.72 1.42
N LYS B 389 23.00 -59.52 1.74
CA LYS B 389 23.89 -59.42 2.88
C LYS B 389 23.15 -59.38 4.21
N ILE B 390 21.88 -58.99 4.22
CA ILE B 390 21.08 -58.94 5.45
C ILE B 390 20.68 -60.35 5.87
N GLN B 391 21.06 -60.74 7.07
CA GLN B 391 20.72 -62.07 7.59
C GLN B 391 19.67 -62.04 8.68
N ASN B 392 19.56 -60.94 9.41
CA ASN B 392 18.68 -60.85 10.57
C ASN B 392 17.93 -59.53 10.55
N LEU B 393 16.68 -59.53 11.01
CA LEU B 393 15.91 -58.30 11.07
C LEU B 393 15.74 -57.81 12.50
N LYS B 394 16.50 -58.35 13.44
CA LYS B 394 16.39 -57.91 14.83
C LYS B 394 16.77 -56.44 14.94
N GLY B 395 15.89 -55.66 15.56
CA GLY B 395 16.03 -54.22 15.65
C GLY B 395 15.06 -53.47 14.78
N LEU B 396 14.50 -54.14 13.77
CA LEU B 396 13.47 -53.52 12.95
C LEU B 396 12.26 -53.10 13.79
N GLU B 397 11.99 -53.81 14.88
CA GLU B 397 10.84 -53.45 15.72
C GLU B 397 10.98 -52.07 16.37
N LYS B 398 12.18 -51.50 16.41
CA LYS B 398 12.40 -50.22 17.09
C LYS B 398 11.94 -49.02 16.26
N LEU B 399 11.70 -49.20 14.96
CA LEU B 399 11.10 -48.15 14.14
C LEU B 399 9.59 -48.14 14.36
N SER B 400 9.21 -47.70 15.57
CA SER B 400 7.86 -47.89 16.06
C SER B 400 6.80 -47.21 15.22
N LYS B 401 7.16 -46.21 14.42
CA LYS B 401 6.17 -45.48 13.63
C LYS B 401 6.42 -45.56 12.15
N LEU B 402 7.20 -46.54 11.70
CA LEU B 402 7.44 -46.66 10.27
C LEU B 402 6.12 -46.83 9.55
N GLN B 403 5.97 -46.12 8.44
CA GLN B 403 4.70 -46.20 7.74
C GLN B 403 4.71 -47.20 6.61
N LYS B 404 5.86 -47.48 6.00
CA LYS B 404 5.92 -48.48 4.95
C LYS B 404 7.22 -49.24 5.08
N LEU B 405 7.11 -50.57 5.19
CA LEU B 405 8.26 -51.46 5.18
C LEU B 405 8.26 -52.24 3.88
N GLU B 406 9.40 -52.23 3.20
CA GLU B 406 9.53 -52.85 1.88
C GLU B 406 10.74 -53.78 1.91
N LEU B 407 10.51 -55.09 1.84
CA LEU B 407 11.59 -56.09 1.86
C LEU B 407 11.82 -56.60 0.44
N ARG B 408 12.93 -56.21 -0.17
CA ARG B 408 13.24 -56.56 -1.55
C ARG B 408 14.44 -57.50 -1.66
N GLN B 409 14.17 -58.75 -2.08
CA GLN B 409 15.20 -59.74 -2.38
C GLN B 409 16.06 -60.07 -1.15
N LEU B 410 15.42 -60.16 0.02
CA LEU B 410 16.11 -60.53 1.25
C LEU B 410 16.22 -62.05 1.29
N SER B 411 17.07 -62.55 0.37
CA SER B 411 17.14 -63.98 0.12
C SER B 411 17.74 -64.74 1.29
N ASN B 412 18.47 -64.07 2.17
CA ASN B 412 19.07 -64.74 3.32
C ASN B 412 18.34 -64.47 4.63
N VAL B 413 17.17 -63.84 4.58
CA VAL B 413 16.35 -63.68 5.77
C VAL B 413 15.45 -64.90 5.89
N LYS B 414 15.47 -65.52 7.07
CA LYS B 414 14.82 -66.80 7.29
C LYS B 414 13.55 -66.70 8.11
N GLU B 415 13.37 -65.62 8.86
CA GLU B 415 12.32 -65.57 9.86
C GLU B 415 11.77 -64.15 9.95
N ILE B 416 10.44 -64.06 10.02
CA ILE B 416 9.72 -62.80 10.28
C ILE B 416 8.66 -63.10 11.33
N THR B 417 8.72 -62.40 12.44
CA THR B 417 7.78 -62.57 13.55
C THR B 417 7.37 -61.18 14.02
N PRO B 418 6.21 -61.05 14.70
CA PRO B 418 5.77 -59.71 15.16
C PRO B 418 6.80 -58.99 16.01
N GLU B 419 7.59 -59.72 16.78
CA GLU B 419 8.61 -59.12 17.65
C GLU B 419 9.71 -58.45 16.87
N LEU B 420 9.89 -58.80 15.59
CA LEU B 420 10.83 -58.11 14.71
C LEU B 420 10.17 -56.97 13.94
N LEU B 421 8.87 -56.80 14.09
CA LEU B 421 8.12 -55.82 13.32
C LEU B 421 7.65 -54.63 14.16
N PRO B 422 7.70 -53.43 13.56
CA PRO B 422 7.28 -52.20 14.26
C PRO B 422 5.86 -52.24 14.79
N GLU B 423 5.65 -51.55 15.90
CA GLU B 423 4.31 -51.39 16.44
C GLU B 423 3.32 -50.85 15.39
N SER B 424 3.80 -50.02 14.46
CA SER B 424 2.89 -49.46 13.46
C SER B 424 2.29 -50.52 12.53
N MET B 425 2.93 -51.69 12.39
CA MET B 425 2.32 -52.76 11.60
C MET B 425 0.98 -53.19 12.17
N LYS B 426 0.74 -52.96 13.47
CA LYS B 426 -0.56 -53.23 14.08
C LYS B 426 -1.58 -52.21 13.69
N LYS B 427 -1.20 -51.19 12.93
CA LYS B 427 -1.99 -50.00 12.65
C LYS B 427 -2.03 -49.67 11.17
N ASP B 428 -2.00 -50.68 10.30
CA ASP B 428 -2.15 -50.53 8.85
C ASP B 428 -0.94 -49.92 8.20
N ALA B 429 0.25 -49.98 8.80
CA ALA B 429 1.43 -49.62 8.04
C ALA B 429 1.58 -50.60 6.89
N GLU B 430 2.18 -50.14 5.80
CA GLU B 430 2.31 -50.98 4.62
C GLU B 430 3.44 -51.97 4.78
N LEU B 431 3.19 -53.20 4.33
CA LEU B 431 4.14 -54.30 4.43
C LEU B 431 4.24 -54.93 3.05
N VAL B 432 5.33 -54.63 2.35
CA VAL B 432 5.62 -55.16 1.02
C VAL B 432 6.84 -56.06 1.14
N MET B 433 6.73 -57.28 0.61
CA MET B 433 7.89 -58.16 0.57
C MET B 433 7.91 -58.91 -0.76
N VAL B 434 9.04 -58.84 -1.45
CA VAL B 434 9.22 -59.41 -2.78
C VAL B 434 10.46 -60.29 -2.74
N GLY B 435 10.38 -61.44 -3.41
CA GLY B 435 11.54 -62.33 -3.53
C GLY B 435 12.07 -62.88 -2.22
N MET B 436 11.20 -63.20 -1.26
CA MET B 436 11.63 -63.74 0.03
C MET B 436 11.89 -65.25 -0.07
N THR B 437 12.88 -65.59 -0.90
CA THR B 437 13.12 -66.99 -1.23
C THR B 437 13.84 -67.75 -0.13
N GLY B 438 14.32 -67.10 0.91
CA GLY B 438 14.96 -67.83 1.98
C GLY B 438 14.05 -67.94 3.20
N LEU B 439 12.94 -67.22 3.15
CA LEU B 439 12.08 -67.10 4.32
C LEU B 439 11.45 -68.44 4.65
N GLU B 440 11.59 -68.87 5.89
CA GLU B 440 11.04 -70.16 6.28
C GLU B 440 9.87 -70.07 7.24
N LYS B 441 9.84 -69.03 8.06
CA LYS B 441 8.73 -68.78 8.98
C LYS B 441 8.20 -67.37 8.73
N LEU B 442 6.91 -67.27 8.43
CA LEU B 442 6.22 -65.99 8.23
C LEU B 442 5.14 -65.85 9.31
N ASN B 443 5.45 -65.15 10.39
CA ASN B 443 4.52 -65.01 11.50
C ASN B 443 4.03 -63.56 11.55
N LEU B 444 2.78 -63.33 11.12
CA LEU B 444 2.16 -62.00 11.21
C LEU B 444 0.95 -61.98 12.12
N SER B 445 0.85 -62.94 13.04
CA SER B 445 -0.34 -63.06 13.87
C SER B 445 -0.53 -61.85 14.77
N GLY B 446 -1.79 -61.47 14.98
CA GLY B 446 -2.11 -60.44 15.94
C GLY B 446 -1.73 -59.03 15.53
N LEU B 447 -1.65 -58.75 14.24
CA LEU B 447 -1.23 -57.44 13.76
C LEU B 447 -2.37 -56.62 13.18
N ASN B 448 -3.61 -57.10 13.27
CA ASN B 448 -4.78 -56.43 12.69
C ASN B 448 -4.59 -56.17 11.21
N ARG B 449 -3.85 -57.04 10.54
CA ARG B 449 -3.66 -56.89 9.11
C ARG B 449 -5.01 -57.04 8.42
N GLN B 450 -5.33 -56.07 7.56
CA GLN B 450 -6.60 -56.07 6.89
C GLN B 450 -6.56 -56.75 5.54
N THR B 451 -5.39 -56.83 4.92
CA THR B 451 -5.20 -57.68 3.74
C THR B 451 -3.80 -58.25 3.76
N LEU B 452 -3.52 -59.11 2.79
CA LEU B 452 -2.19 -59.60 2.52
C LEU B 452 -1.58 -58.92 1.29
N ASP B 453 -2.19 -57.85 0.84
CA ASP B 453 -1.69 -57.13 -0.32
C ASP B 453 -0.27 -56.64 -0.06
N GLY B 454 0.56 -56.65 -1.08
CA GLY B 454 1.95 -56.32 -0.92
C GLY B 454 2.85 -57.49 -0.60
N ILE B 455 2.28 -58.63 -0.25
CA ILE B 455 3.07 -59.82 0.06
C ILE B 455 3.11 -60.71 -1.19
N ASP B 456 4.30 -60.83 -1.77
CA ASP B 456 4.54 -61.61 -2.97
C ASP B 456 4.66 -63.09 -2.55
N VAL B 457 3.50 -63.70 -2.28
CA VAL B 457 3.45 -65.05 -1.75
C VAL B 457 3.99 -66.07 -2.73
N ASN B 458 4.03 -65.75 -4.03
CA ASN B 458 4.53 -66.71 -5.01
C ASN B 458 6.02 -66.96 -4.82
N SER B 459 6.74 -65.96 -4.31
CA SER B 459 8.19 -65.99 -4.19
C SER B 459 8.67 -66.65 -2.90
N ILE B 460 7.79 -66.88 -1.93
CA ILE B 460 8.21 -67.45 -0.65
C ILE B 460 8.35 -68.96 -0.81
N THR B 461 9.28 -69.37 -1.67
CA THR B 461 9.41 -70.76 -2.07
C THR B 461 9.97 -71.68 -1.00
N HIS B 462 10.46 -71.18 0.13
CA HIS B 462 11.04 -72.03 1.16
C HIS B 462 10.24 -72.02 2.44
N LEU B 463 9.02 -71.55 2.40
CA LEU B 463 8.22 -71.43 3.61
C LEU B 463 7.97 -72.81 4.21
N THR B 464 8.20 -72.95 5.54
CA THR B 464 7.85 -74.17 6.25
C THR B 464 6.79 -73.95 7.31
N SER B 465 6.51 -72.71 7.70
CA SER B 465 5.36 -72.47 8.56
C SER B 465 4.93 -71.01 8.42
N PHE B 466 3.65 -70.76 8.66
CA PHE B 466 3.15 -69.41 8.72
C PHE B 466 2.05 -69.29 9.76
N ASP B 467 1.86 -68.08 10.27
CA ASP B 467 0.77 -67.78 11.21
C ASP B 467 0.25 -66.39 10.88
N ILE B 468 -0.90 -66.33 10.21
CA ILE B 468 -1.61 -65.09 9.94
C ILE B 468 -2.91 -65.04 10.71
N SER B 469 -2.99 -65.82 11.78
CA SER B 469 -4.16 -65.82 12.66
C SER B 469 -4.27 -64.50 13.41
N HIS B 470 -5.43 -64.29 14.03
CA HIS B 470 -5.71 -63.10 14.84
C HIS B 470 -5.39 -61.82 14.07
N ASN B 471 -5.92 -61.73 12.86
CA ASN B 471 -5.78 -60.51 12.09
C ASN B 471 -7.16 -59.99 11.72
N SER B 472 -7.24 -59.11 10.73
CA SER B 472 -8.50 -58.54 10.28
C SER B 472 -8.73 -58.91 8.81
N LEU B 473 -8.42 -60.14 8.45
CA LEU B 473 -8.46 -60.56 7.07
C LEU B 473 -9.86 -61.05 6.67
N ASP B 474 -10.21 -60.85 5.42
CA ASP B 474 -11.41 -61.47 4.86
C ASP B 474 -10.98 -62.67 4.03
N LEU B 475 -11.22 -63.88 4.55
CA LEU B 475 -10.88 -65.10 3.83
C LEU B 475 -12.12 -65.76 3.16
N SER B 476 -13.10 -64.94 2.79
CA SER B 476 -14.24 -65.39 1.99
C SER B 476 -13.80 -66.05 0.70
N GLU B 477 -14.70 -66.88 0.16
CA GLU B 477 -14.42 -67.58 -1.09
C GLU B 477 -13.94 -66.66 -2.20
N LYS B 478 -14.59 -65.51 -2.38
CA LYS B 478 -14.22 -64.64 -3.48
C LYS B 478 -13.05 -63.72 -3.16
N SER B 479 -12.65 -63.61 -1.89
CA SER B 479 -11.62 -62.67 -1.48
C SER B 479 -10.23 -63.00 -2.03
N GLU B 480 -9.54 -61.99 -2.54
CA GLU B 480 -8.18 -62.19 -3.04
C GLU B 480 -7.24 -62.70 -1.95
N ASP B 481 -7.56 -62.40 -0.69
CA ASP B 481 -6.72 -62.89 0.40
C ASP B 481 -6.90 -64.38 0.64
N ARG B 482 -8.02 -64.98 0.21
CA ARG B 482 -8.09 -66.44 0.29
C ARG B 482 -7.16 -67.08 -0.74
N LYS B 483 -7.10 -66.54 -1.96
CA LYS B 483 -6.15 -67.05 -2.95
C LYS B 483 -4.73 -66.92 -2.45
N LEU B 484 -4.37 -65.76 -1.91
CA LEU B 484 -3.04 -65.60 -1.34
C LEU B 484 -2.80 -66.60 -0.20
N LEU B 485 -3.82 -66.84 0.63
CA LEU B 485 -3.70 -67.83 1.69
C LEU B 485 -3.34 -69.21 1.13
N MET B 486 -4.02 -69.60 0.06
CA MET B 486 -3.80 -70.92 -0.53
C MET B 486 -2.40 -71.03 -1.12
N THR B 487 -1.87 -69.98 -1.73
CA THR B 487 -0.49 -70.08 -2.17
C THR B 487 0.46 -70.29 -1.00
N LEU B 488 0.23 -69.62 0.13
CA LEU B 488 1.13 -69.85 1.25
C LEU B 488 0.98 -71.26 1.80
N MET B 489 -0.22 -71.82 1.72
CA MET B 489 -0.42 -73.20 2.12
C MET B 489 0.25 -74.15 1.15
N GLU B 490 0.19 -73.83 -0.15
CA GLU B 490 0.91 -74.66 -1.12
C GLU B 490 2.41 -74.63 -0.86
N GLN B 491 2.97 -73.45 -0.56
CA GLN B 491 4.40 -73.37 -0.29
C GLN B 491 4.79 -74.27 0.88
N VAL B 492 4.00 -74.23 1.95
CA VAL B 492 4.29 -75.08 3.11
C VAL B 492 4.18 -76.56 2.76
N SER B 493 3.15 -76.96 2.00
CA SER B 493 2.89 -78.38 1.78
C SER B 493 4.03 -79.06 1.03
N ASN B 494 4.78 -78.32 0.19
CA ASN B 494 5.96 -78.87 -0.48
C ASN B 494 7.10 -79.21 0.48
N HIS B 495 7.01 -78.88 1.75
CA HIS B 495 8.13 -79.09 2.66
C HIS B 495 7.77 -79.84 3.91
N GLN B 496 6.48 -79.95 4.23
CA GLN B 496 6.06 -80.36 5.56
C GLN B 496 4.59 -80.68 5.43
N LYS B 497 4.12 -81.63 6.22
CA LYS B 497 2.70 -81.91 6.16
C LYS B 497 1.97 -80.74 6.81
N ILE B 498 0.95 -80.23 6.11
CA ILE B 498 0.18 -79.12 6.65
C ILE B 498 -0.44 -79.51 7.99
N THR B 499 -0.14 -78.73 9.04
CA THR B 499 -0.82 -78.76 10.32
C THR B 499 -1.60 -77.47 10.53
N VAL B 500 -2.52 -77.51 11.50
CA VAL B 500 -3.19 -76.28 11.92
C VAL B 500 -2.21 -75.29 12.52
N LYS B 501 -1.15 -75.78 13.15
CA LYS B 501 -0.16 -74.91 13.79
C LYS B 501 0.79 -74.24 12.79
N ASN B 502 1.17 -74.93 11.70
CA ASN B 502 2.11 -74.40 10.71
C ASN B 502 1.42 -73.72 9.53
N THR B 503 0.09 -73.63 9.53
CA THR B 503 -0.66 -72.85 8.57
C THR B 503 -1.81 -72.13 9.29
N ALA B 504 -1.52 -71.54 10.46
CA ALA B 504 -2.56 -70.93 11.27
C ALA B 504 -3.13 -69.71 10.55
N PHE B 505 -4.46 -69.64 10.48
CA PHE B 505 -5.08 -68.49 9.82
C PHE B 505 -6.44 -68.13 10.43
N GLU B 506 -6.78 -68.69 11.60
CA GLU B 506 -8.07 -68.53 12.25
C GLU B 506 -8.11 -67.24 13.08
N ASN B 507 -9.29 -66.95 13.64
CA ASN B 507 -9.51 -65.79 14.51
C ASN B 507 -9.35 -64.48 13.75
N GLN B 508 -9.97 -64.39 12.58
CA GLN B 508 -10.00 -63.13 11.86
C GLN B 508 -11.15 -62.28 12.37
N LYS B 509 -10.93 -60.96 12.38
CA LYS B 509 -11.95 -59.99 12.74
C LYS B 509 -11.92 -58.88 11.69
N PRO B 510 -12.38 -59.20 10.48
CA PRO B 510 -12.34 -58.20 9.40
C PRO B 510 -13.19 -56.98 9.75
N LYS B 511 -12.68 -55.82 9.40
CA LYS B 511 -13.39 -54.58 9.69
C LYS B 511 -14.49 -54.33 8.66
N GLY B 512 -15.52 -53.60 9.08
CA GLY B 512 -16.61 -53.27 8.19
C GLY B 512 -16.42 -51.91 7.52
N TYR B 513 -16.91 -51.79 6.29
CA TYR B 513 -16.79 -50.56 5.52
C TYR B 513 -18.12 -50.26 4.85
N TYR B 514 -18.34 -48.98 4.53
CA TYR B 514 -19.53 -48.62 3.77
C TYR B 514 -19.39 -49.12 2.36
N PRO B 515 -20.41 -49.78 1.80
CA PRO B 515 -20.33 -50.14 0.38
C PRO B 515 -20.08 -48.89 -0.44
N GLN B 516 -19.26 -49.03 -1.48
CA GLN B 516 -18.93 -47.88 -2.30
C GLN B 516 -19.96 -47.62 -3.38
N THR B 517 -20.86 -48.56 -3.64
CA THR B 517 -22.03 -48.31 -4.47
C THR B 517 -23.18 -49.12 -3.92
N TYR B 518 -24.38 -48.75 -4.34
CA TYR B 518 -25.58 -49.47 -3.96
C TYR B 518 -26.31 -49.88 -5.23
N ASP B 519 -27.02 -51.00 -5.16
CA ASP B 519 -27.46 -51.66 -6.39
C ASP B 519 -28.66 -50.96 -7.05
N THR B 520 -29.63 -50.50 -6.25
CA THR B 520 -30.89 -50.03 -6.80
C THR B 520 -30.71 -48.68 -7.50
N LYS B 521 -30.70 -48.68 -8.83
CA LYS B 521 -30.74 -47.42 -9.55
C LYS B 521 -32.16 -46.90 -9.73
N GLU B 522 -33.16 -47.77 -9.57
CA GLU B 522 -34.56 -47.38 -9.72
C GLU B 522 -35.35 -48.27 -8.77
N GLY B 523 -35.73 -47.72 -7.62
CA GLY B 523 -36.53 -48.46 -6.66
C GLY B 523 -38.00 -48.30 -6.96
N HIS B 524 -38.82 -49.04 -6.19
CA HIS B 524 -40.26 -48.97 -6.42
C HIS B 524 -40.96 -49.24 -5.10
N TYR B 525 -42.11 -48.63 -4.93
CA TYR B 525 -43.03 -49.00 -3.87
C TYR B 525 -44.41 -49.24 -4.47
N ASP B 526 -45.16 -50.10 -3.81
CA ASP B 526 -46.58 -50.12 -4.08
C ASP B 526 -47.22 -48.91 -3.40
N VAL B 527 -48.37 -48.46 -3.93
CA VAL B 527 -49.28 -47.58 -3.19
C VAL B 527 -49.86 -48.27 -1.97
N ASP B 528 -49.15 -48.21 -0.85
CA ASP B 528 -49.49 -48.94 0.36
C ASP B 528 -50.19 -48.13 1.44
N ASN B 529 -50.16 -46.81 1.41
CA ASN B 529 -50.43 -46.06 2.64
C ASN B 529 -49.63 -46.70 3.77
N ALA B 530 -48.39 -47.08 3.48
CA ALA B 530 -47.51 -47.57 4.53
C ALA B 530 -46.21 -46.79 4.51
N GLU B 531 -45.61 -46.68 5.66
CA GLU B 531 -44.36 -45.95 5.74
C GLU B 531 -43.22 -46.86 5.30
N HIS B 532 -42.19 -46.25 4.77
CA HIS B 532 -41.01 -46.96 4.31
C HIS B 532 -39.78 -46.13 4.64
N ASP B 533 -38.68 -46.82 4.94
CA ASP B 533 -37.41 -46.16 5.18
C ASP B 533 -36.50 -46.43 3.97
N ILE B 534 -36.13 -45.37 3.26
CA ILE B 534 -35.34 -45.58 2.06
C ILE B 534 -33.91 -45.98 2.38
N LEU B 535 -33.41 -45.67 3.57
CA LEU B 535 -32.11 -46.22 3.94
C LEU B 535 -32.22 -47.72 4.19
N THR B 536 -33.13 -48.10 5.10
CA THR B 536 -33.40 -49.52 5.35
C THR B 536 -33.60 -50.31 4.08
N ASP B 537 -34.36 -49.79 3.12
CA ASP B 537 -34.71 -50.62 1.99
C ASP B 537 -33.70 -50.57 0.86
N PHE B 538 -32.93 -49.49 0.72
CA PHE B 538 -32.13 -49.38 -0.49
C PHE B 538 -30.67 -49.03 -0.25
N VAL B 539 -30.38 -48.36 0.86
CA VAL B 539 -29.04 -47.87 1.16
C VAL B 539 -28.71 -48.38 2.56
N PHE B 540 -28.10 -49.57 2.60
CA PHE B 540 -27.90 -50.36 3.81
C PHE B 540 -26.75 -51.32 3.55
N GLY B 541 -26.21 -51.87 4.62
CA GLY B 541 -25.24 -52.94 4.51
C GLY B 541 -23.81 -52.48 4.79
N THR B 542 -22.92 -53.48 4.83
CA THR B 542 -21.52 -53.31 5.15
C THR B 542 -20.72 -54.19 4.21
N VAL B 543 -19.51 -53.76 3.86
CA VAL B 543 -18.60 -54.61 3.11
C VAL B 543 -17.30 -54.79 3.91
N THR B 544 -16.55 -55.83 3.55
CA THR B 544 -15.20 -56.01 4.07
C THR B 544 -14.24 -55.14 3.26
N LYS B 545 -12.98 -55.10 3.71
CA LYS B 545 -11.98 -54.39 2.91
C LYS B 545 -11.88 -54.96 1.50
N ARG B 546 -12.20 -56.23 1.31
CA ARG B 546 -12.13 -56.84 -0.02
C ARG B 546 -13.44 -56.76 -0.77
N ASN B 547 -14.40 -55.98 -0.25
CA ASN B 547 -15.66 -55.64 -0.93
C ASN B 547 -16.66 -56.79 -0.91
N THR B 548 -16.63 -57.58 0.15
CA THR B 548 -17.60 -58.65 0.32
C THR B 548 -18.80 -58.09 1.05
N PHE B 549 -19.95 -58.01 0.35
CA PHE B 549 -21.14 -57.38 0.91
C PHE B 549 -21.86 -58.29 1.90
N ILE B 550 -22.27 -57.72 3.02
CA ILE B 550 -22.99 -58.40 4.09
C ILE B 550 -24.23 -57.57 4.39
N GLY B 551 -25.39 -58.00 3.89
CA GLY B 551 -26.57 -57.14 3.93
C GLY B 551 -27.11 -56.84 5.31
N ASP B 552 -26.99 -57.79 6.24
CA ASP B 552 -27.69 -57.73 7.52
C ASP B 552 -27.11 -58.79 8.46
N GLU B 553 -27.75 -58.99 9.60
CA GLU B 553 -27.24 -59.95 10.58
C GLU B 553 -27.40 -61.38 10.07
N GLU B 554 -28.28 -61.58 9.08
CA GLU B 554 -28.38 -62.83 8.32
C GLU B 554 -27.03 -63.19 7.69
N ALA B 555 -26.64 -62.38 6.71
CA ALA B 555 -25.46 -62.66 5.90
C ALA B 555 -24.21 -62.76 6.76
N PHE B 556 -24.17 -62.04 7.89
CA PHE B 556 -22.99 -62.09 8.74
C PHE B 556 -22.89 -63.42 9.48
N ALA B 557 -24.02 -63.97 9.94
CA ALA B 557 -23.97 -65.29 10.57
C ALA B 557 -23.54 -66.36 9.58
N ILE B 558 -24.03 -66.28 8.34
CA ILE B 558 -23.51 -67.16 7.28
C ILE B 558 -22.02 -66.92 7.11
N TYR B 559 -21.61 -65.64 7.09
CA TYR B 559 -20.21 -65.31 6.91
C TYR B 559 -19.34 -65.97 7.98
N LYS B 560 -19.80 -65.98 9.24
CA LYS B 560 -19.00 -66.57 10.32
C LYS B 560 -18.81 -68.08 10.16
N GLU B 561 -19.63 -68.74 9.32
CA GLU B 561 -19.44 -70.15 9.04
C GLU B 561 -18.31 -70.38 8.07
N GLY B 562 -17.71 -69.32 7.55
CA GLY B 562 -16.67 -69.45 6.56
C GLY B 562 -15.58 -70.38 7.00
N ALA B 563 -15.12 -71.22 6.07
CA ALA B 563 -14.15 -72.25 6.39
C ALA B 563 -13.26 -72.50 5.19
N VAL B 564 -11.99 -72.81 5.48
CA VAL B 564 -11.01 -73.30 4.52
C VAL B 564 -10.56 -74.67 4.99
N ASP B 565 -10.59 -75.66 4.09
CA ASP B 565 -10.25 -77.04 4.44
C ASP B 565 -10.93 -77.45 5.75
N GLY B 566 -12.20 -77.08 5.90
CA GLY B 566 -12.96 -77.39 7.10
C GLY B 566 -12.66 -76.51 8.30
N ARG B 567 -11.67 -75.61 8.21
CA ARG B 567 -11.31 -74.76 9.34
C ARG B 567 -12.04 -73.42 9.26
N GLN B 568 -12.79 -73.10 10.31
CA GLN B 568 -13.51 -71.83 10.37
C GLN B 568 -12.62 -70.70 10.87
N TYR B 569 -12.45 -69.68 10.01
CA TYR B 569 -11.46 -68.63 10.22
C TYR B 569 -12.02 -67.38 10.92
N VAL B 570 -13.32 -67.16 10.91
CA VAL B 570 -13.88 -65.98 11.55
C VAL B 570 -13.90 -66.21 13.06
N SER B 571 -13.41 -65.23 13.82
CA SER B 571 -13.35 -65.38 15.26
C SER B 571 -14.75 -65.62 15.84
N LYS B 572 -14.83 -66.52 16.83
CA LYS B 572 -16.14 -66.95 17.32
C LYS B 572 -16.87 -65.80 18.03
N ASP B 573 -16.15 -64.99 18.80
CA ASP B 573 -16.77 -63.92 19.57
C ASP B 573 -17.07 -62.67 18.76
N TYR B 574 -16.66 -62.62 17.50
CA TYR B 574 -16.83 -61.41 16.71
C TYR B 574 -18.32 -61.16 16.49
N THR B 575 -18.81 -60.04 16.99
CA THR B 575 -20.26 -59.80 16.95
C THR B 575 -20.60 -59.03 15.69
N TYR B 576 -21.83 -59.24 15.21
CA TYR B 576 -22.33 -58.42 14.12
C TYR B 576 -22.25 -56.95 14.48
N GLU B 577 -22.40 -56.64 15.76
CA GLU B 577 -22.47 -55.24 16.15
C GLU B 577 -21.11 -54.58 16.07
N ALA B 578 -20.02 -55.34 16.20
CA ALA B 578 -18.69 -54.77 15.99
C ALA B 578 -18.39 -54.57 14.52
N PHE B 579 -19.01 -55.36 13.66
CA PHE B 579 -18.73 -55.33 12.23
C PHE B 579 -19.61 -54.32 11.52
N ARG B 580 -20.86 -54.21 11.95
CA ARG B 580 -21.88 -53.41 11.28
C ARG B 580 -21.46 -51.94 11.15
N LYS B 581 -21.79 -51.31 10.01
CA LYS B 581 -21.79 -49.88 9.88
C LYS B 581 -23.09 -49.28 10.39
N ASP B 582 -23.03 -48.47 11.45
CA ASP B 582 -24.19 -47.63 11.76
C ASP B 582 -24.19 -46.48 10.76
N TYR B 583 -25.35 -46.08 10.28
CA TYR B 583 -25.38 -45.04 9.25
C TYR B 583 -25.63 -43.64 9.84
N LYS B 584 -24.89 -43.30 10.91
CA LYS B 584 -25.26 -42.24 11.84
C LYS B 584 -25.56 -40.91 11.14
N GLY B 585 -24.60 -40.40 10.38
CA GLY B 585 -24.84 -39.08 9.87
C GLY B 585 -25.65 -39.01 8.58
N TYR B 586 -26.28 -40.10 8.16
CA TYR B 586 -26.80 -40.17 6.81
C TYR B 586 -28.10 -39.36 6.66
N LYS B 587 -28.18 -38.60 5.58
CA LYS B 587 -29.36 -37.81 5.25
C LYS B 587 -29.85 -38.13 3.84
N VAL B 588 -31.17 -38.05 3.66
CA VAL B 588 -31.82 -38.37 2.40
C VAL B 588 -32.47 -37.09 1.88
N HIS B 589 -32.11 -36.68 0.66
CA HIS B 589 -32.72 -35.52 0.02
C HIS B 589 -33.63 -35.99 -1.11
N LEU B 590 -34.89 -35.55 -1.05
CA LEU B 590 -35.94 -35.99 -1.97
C LEU B 590 -36.39 -34.82 -2.84
N THR B 591 -36.42 -35.03 -4.14
CA THR B 591 -37.00 -34.09 -5.11
C THR B 591 -38.21 -34.77 -5.74
N ALA B 592 -39.42 -34.35 -5.35
CA ALA B 592 -40.63 -34.91 -5.92
C ALA B 592 -40.81 -34.43 -7.36
N SER B 593 -41.78 -35.04 -8.07
CA SER B 593 -42.19 -34.51 -9.38
C SER B 593 -42.79 -33.11 -9.24
N ASN B 594 -43.19 -32.76 -8.01
CA ASN B 594 -43.42 -31.37 -7.59
C ASN B 594 -42.28 -30.44 -8.02
N LEU B 595 -41.05 -30.96 -8.08
CA LEU B 595 -39.78 -30.25 -7.94
C LEU B 595 -39.59 -29.79 -6.51
N GLY B 596 -40.57 -30.01 -5.64
CA GLY B 596 -40.41 -29.70 -4.25
C GLY B 596 -39.37 -30.59 -3.60
N GLU B 597 -38.69 -30.06 -2.60
CA GLU B 597 -37.55 -30.73 -2.00
C GLU B 597 -37.83 -31.00 -0.53
N THR B 598 -37.44 -32.19 -0.05
CA THR B 598 -37.60 -32.57 1.34
C THR B 598 -36.37 -33.36 1.79
N VAL B 599 -36.18 -33.44 3.11
CA VAL B 599 -35.05 -34.16 3.69
C VAL B 599 -35.61 -35.12 4.72
N THR B 600 -35.77 -36.39 4.33
CA THR B 600 -36.28 -37.42 5.20
C THR B 600 -35.93 -38.76 4.58
N SER B 601 -35.72 -39.75 5.44
CA SER B 601 -35.53 -41.13 5.00
C SER B 601 -36.85 -41.88 4.86
N LYS B 602 -37.94 -41.29 5.36
CA LYS B 602 -39.24 -41.93 5.40
C LYS B 602 -40.13 -41.40 4.29
N VAL B 603 -40.84 -42.32 3.62
CA VAL B 603 -41.82 -41.96 2.60
C VAL B 603 -43.07 -42.81 2.81
N THR B 604 -44.23 -42.15 2.88
CA THR B 604 -45.52 -42.82 2.95
C THR B 604 -46.11 -42.85 1.54
N ALA B 605 -46.35 -44.07 1.04
CA ALA B 605 -46.73 -44.28 -0.35
C ALA B 605 -48.26 -44.20 -0.49
N THR B 606 -48.76 -42.96 -0.57
CA THR B 606 -50.19 -42.74 -0.66
C THR B 606 -50.65 -42.45 -2.08
N THR B 607 -49.76 -42.03 -2.96
CA THR B 607 -50.18 -41.64 -4.30
C THR B 607 -49.08 -41.96 -5.28
N ASP B 608 -49.47 -42.04 -6.56
CA ASP B 608 -48.52 -42.19 -7.64
C ASP B 608 -47.57 -41.00 -7.64
N GLU B 609 -46.28 -41.28 -7.51
CA GLU B 609 -45.30 -40.22 -7.31
C GLU B 609 -43.95 -40.73 -7.79
N THR B 610 -43.05 -39.80 -8.11
CA THR B 610 -41.68 -40.14 -8.48
C THR B 610 -40.73 -39.15 -7.81
N TYR B 611 -39.84 -39.67 -6.98
CA TYR B 611 -38.76 -38.91 -6.38
C TYR B 611 -37.47 -39.22 -7.12
N LEU B 612 -36.60 -38.24 -7.17
CA LEU B 612 -35.18 -38.54 -7.35
C LEU B 612 -34.57 -38.42 -5.97
N VAL B 613 -33.67 -39.35 -5.65
CA VAL B 613 -33.21 -39.46 -4.28
C VAL B 613 -31.69 -39.32 -4.26
N ASP B 614 -31.20 -38.65 -3.22
CA ASP B 614 -29.76 -38.49 -3.03
C ASP B 614 -29.49 -38.74 -1.55
N VAL B 615 -28.81 -39.81 -1.24
CA VAL B 615 -28.41 -40.08 0.13
C VAL B 615 -27.04 -39.49 0.33
N SER B 616 -26.86 -38.85 1.48
CA SER B 616 -25.63 -38.19 1.83
C SER B 616 -25.13 -38.79 3.13
N ASP B 617 -23.82 -38.90 3.26
CA ASP B 617 -23.24 -39.45 4.48
C ASP B 617 -22.84 -38.38 5.47
N GLY B 618 -23.28 -37.14 5.24
CA GLY B 618 -22.81 -36.01 6.01
C GLY B 618 -21.80 -35.14 5.28
N GLU B 619 -21.09 -35.71 4.29
CA GLU B 619 -20.09 -34.96 3.54
C GLU B 619 -20.30 -35.03 2.03
N LYS B 620 -20.65 -36.20 1.50
CA LYS B 620 -20.84 -36.34 0.06
C LYS B 620 -22.08 -37.18 -0.20
N VAL B 621 -22.59 -37.07 -1.41
CA VAL B 621 -23.67 -37.95 -1.84
C VAL B 621 -23.04 -39.31 -2.14
N VAL B 622 -23.50 -40.33 -1.44
CA VAL B 622 -22.98 -41.68 -1.64
C VAL B 622 -23.81 -42.46 -2.65
N HIS B 623 -25.00 -41.99 -2.99
CA HIS B 623 -25.86 -42.72 -3.91
C HIS B 623 -26.95 -41.81 -4.44
N HIS B 624 -27.27 -42.00 -5.73
CA HIS B 624 -28.40 -41.35 -6.37
C HIS B 624 -29.29 -42.37 -7.07
N MET B 625 -30.60 -42.21 -6.93
CA MET B 625 -31.52 -43.16 -7.54
C MET B 625 -32.87 -42.49 -7.76
N LYS B 626 -33.69 -43.13 -8.59
CA LYS B 626 -35.09 -42.76 -8.78
C LYS B 626 -35.95 -43.71 -7.96
N LEU B 627 -36.95 -43.15 -7.28
CA LEU B 627 -37.92 -43.91 -6.53
C LEU B 627 -39.28 -43.70 -7.16
N ASN B 628 -40.01 -44.78 -7.44
CA ASN B 628 -41.34 -44.70 -7.98
C ASN B 628 -42.33 -45.16 -6.92
N ILE B 629 -43.52 -44.56 -6.90
CA ILE B 629 -44.58 -45.04 -6.03
C ILE B 629 -45.80 -45.33 -6.89
N GLY B 630 -46.37 -46.53 -6.72
CA GLY B 630 -47.31 -47.06 -7.70
C GLY B 630 -46.78 -46.87 -9.10
N SER B 631 -47.63 -46.25 -9.94
CA SER B 631 -47.44 -46.01 -11.37
C SER B 631 -46.40 -44.92 -11.66
N GLY B 632 -45.89 -44.23 -10.63
CA GLY B 632 -45.00 -43.09 -10.82
C GLY B 632 -45.71 -41.78 -11.15
N ALA B 633 -44.90 -40.78 -11.48
CA ALA B 633 -45.36 -39.46 -11.93
C ALA B 633 -44.22 -38.82 -12.69
N ILE B 634 -44.51 -38.19 -13.82
CA ILE B 634 -43.42 -37.64 -14.62
C ILE B 634 -42.94 -36.36 -13.95
N MET B 635 -41.63 -36.13 -14.00
CA MET B 635 -41.03 -34.95 -13.35
C MET B 635 -41.41 -33.69 -14.12
N MET B 636 -41.85 -32.67 -13.39
CA MET B 636 -42.21 -31.42 -14.04
C MET B 636 -41.01 -30.53 -14.27
N GLU B 637 -41.11 -29.70 -15.31
CA GLU B 637 -40.14 -28.64 -15.56
C GLU B 637 -40.70 -27.31 -15.06
N ASN B 638 -39.79 -26.46 -14.56
CA ASN B 638 -40.14 -25.06 -14.30
C ASN B 638 -40.34 -24.39 -15.64
N LEU B 639 -41.60 -24.24 -16.06
CA LEU B 639 -41.78 -23.63 -17.38
C LEU B 639 -41.44 -22.14 -17.32
N ALA B 640 -41.35 -21.55 -16.12
CA ALA B 640 -41.02 -20.14 -16.00
C ALA B 640 -39.53 -19.85 -16.12
N LYS B 641 -38.66 -20.84 -15.96
CA LYS B 641 -37.22 -20.60 -16.04
C LYS B 641 -36.88 -19.89 -17.34
N GLY B 642 -36.14 -18.78 -17.22
CA GLY B 642 -35.76 -17.97 -18.35
C GLY B 642 -36.86 -17.12 -18.96
N ALA B 643 -38.03 -17.04 -18.31
CA ALA B 643 -39.14 -16.26 -18.84
C ALA B 643 -38.73 -14.82 -19.17
N LYS B 644 -39.26 -14.31 -20.27
CA LYS B 644 -39.05 -12.92 -20.64
C LYS B 644 -40.05 -12.05 -19.90
N VAL B 645 -39.56 -10.97 -19.31
CA VAL B 645 -40.45 -10.02 -18.66
C VAL B 645 -40.98 -9.08 -19.74
N ILE B 646 -42.29 -8.92 -19.78
CA ILE B 646 -42.93 -8.05 -20.76
C ILE B 646 -43.44 -6.76 -20.15
N GLY B 647 -43.51 -6.66 -18.83
CA GLY B 647 -43.95 -5.47 -18.15
C GLY B 647 -43.91 -5.68 -16.66
N THR B 648 -43.76 -4.61 -15.89
CA THR B 648 -43.75 -4.71 -14.42
C THR B 648 -43.92 -3.31 -13.84
N SER B 649 -44.48 -3.25 -12.64
CA SER B 649 -44.52 -2.00 -11.89
C SER B 649 -43.18 -1.67 -11.22
N GLY B 650 -42.20 -2.57 -11.28
CA GLY B 650 -40.92 -2.34 -10.67
C GLY B 650 -39.84 -2.11 -11.71
N ASP B 651 -38.61 -2.55 -11.40
CA ASP B 651 -37.49 -2.37 -12.32
C ASP B 651 -37.32 -3.61 -13.21
N PHE B 652 -37.33 -3.38 -14.52
CA PHE B 652 -37.16 -4.44 -15.51
C PHE B 652 -36.05 -5.43 -15.18
N GLU B 653 -34.87 -4.94 -14.79
CA GLU B 653 -33.77 -5.87 -14.57
C GLU B 653 -33.89 -6.65 -13.26
N GLN B 654 -34.50 -6.06 -12.22
CA GLN B 654 -34.66 -6.90 -11.03
C GLN B 654 -35.82 -7.85 -11.22
N ALA B 655 -36.79 -7.49 -12.07
CA ALA B 655 -37.89 -8.42 -12.34
C ALA B 655 -37.39 -9.71 -12.99
N LYS B 656 -36.34 -9.62 -13.82
CA LYS B 656 -35.82 -10.79 -14.52
C LYS B 656 -35.21 -11.82 -13.60
N LYS B 657 -34.81 -11.45 -12.38
CA LYS B 657 -34.05 -12.37 -11.54
C LYS B 657 -34.97 -13.34 -10.84
N ILE B 658 -36.29 -13.24 -11.02
CA ILE B 658 -37.18 -14.19 -10.36
C ILE B 658 -37.37 -15.41 -11.25
N PHE B 659 -36.63 -15.47 -12.36
CA PHE B 659 -36.71 -16.57 -13.30
C PHE B 659 -35.35 -17.16 -13.64
N ASP B 660 -34.27 -16.77 -12.96
CA ASP B 660 -33.03 -17.54 -13.01
C ASP B 660 -33.22 -18.72 -12.07
N GLY B 661 -32.18 -19.46 -11.76
CA GLY B 661 -32.50 -20.59 -10.93
C GLY B 661 -32.40 -20.36 -9.44
N GLU B 662 -32.06 -19.15 -9.03
CA GLU B 662 -31.47 -18.92 -7.72
C GLU B 662 -32.43 -18.23 -6.76
N LYS B 663 -31.99 -18.22 -5.50
CA LYS B 663 -32.63 -17.47 -4.43
C LYS B 663 -31.72 -16.33 -3.98
N SER B 664 -30.76 -15.96 -4.81
CA SER B 664 -29.72 -14.99 -4.49
C SER B 664 -30.08 -13.62 -5.03
N ASP B 665 -31.27 -13.15 -4.74
CA ASP B 665 -31.78 -11.93 -5.35
C ASP B 665 -33.13 -11.66 -4.72
N ARG B 666 -33.63 -10.46 -4.93
CA ARG B 666 -34.94 -10.14 -4.42
C ARG B 666 -35.58 -9.20 -5.41
N PHE B 667 -36.90 -9.29 -5.52
CA PHE B 667 -37.69 -8.34 -6.28
C PHE B 667 -38.65 -7.69 -5.30
N PHE B 668 -38.62 -6.36 -5.24
CA PHE B 668 -39.57 -5.62 -4.43
C PHE B 668 -39.72 -4.24 -5.03
N THR B 669 -40.76 -3.54 -4.61
CA THR B 669 -40.96 -2.16 -5.01
C THR B 669 -41.24 -1.33 -3.76
N TRP B 670 -41.33 -0.03 -3.99
CA TRP B 670 -41.60 0.96 -2.97
C TRP B 670 -43.08 0.98 -2.60
N GLY B 671 -43.50 -0.06 -1.90
CA GLY B 671 -44.88 -0.17 -1.45
C GLY B 671 -45.27 -1.60 -1.15
N GLN B 672 -46.56 -1.79 -0.91
CA GLN B 672 -47.11 -3.08 -0.53
C GLN B 672 -47.61 -3.90 -1.71
N THR B 673 -47.59 -3.37 -2.94
CA THR B 673 -48.10 -4.13 -4.08
C THR B 673 -47.22 -3.89 -5.30
N ASN B 674 -47.20 -4.88 -6.19
CA ASN B 674 -46.49 -4.77 -7.46
C ASN B 674 -46.95 -5.93 -8.34
N TRP B 675 -46.44 -5.93 -9.57
CA TRP B 675 -46.79 -6.98 -10.51
C TRP B 675 -45.66 -7.13 -11.52
N ILE B 676 -45.50 -8.36 -12.01
CA ILE B 676 -44.61 -8.69 -13.13
C ILE B 676 -45.40 -9.48 -14.16
N ALA B 677 -45.30 -9.09 -15.43
CA ALA B 677 -45.91 -9.84 -16.52
C ALA B 677 -44.80 -10.50 -17.32
N PHE B 678 -44.95 -11.80 -17.61
CA PHE B 678 -43.89 -12.53 -18.26
C PHE B 678 -44.44 -13.47 -19.33
N ASP B 679 -43.54 -13.81 -20.25
CA ASP B 679 -43.82 -14.54 -21.49
C ASP B 679 -43.07 -15.87 -21.49
N LEU B 680 -43.82 -16.98 -21.36
CA LEU B 680 -43.16 -18.29 -21.41
C LEU B 680 -42.68 -18.66 -22.80
N GLY B 681 -42.88 -17.82 -23.82
CA GLY B 681 -42.37 -18.06 -25.15
C GLY B 681 -43.20 -19.05 -25.97
N GLU B 682 -43.26 -20.27 -25.44
CA GLU B 682 -44.11 -21.34 -25.91
C GLU B 682 -45.46 -21.25 -25.21
N ILE B 683 -46.26 -22.32 -25.35
CA ILE B 683 -47.44 -22.58 -24.53
C ILE B 683 -47.34 -24.04 -24.20
N ASN B 684 -47.32 -24.37 -22.92
CA ASN B 684 -47.24 -25.75 -22.50
C ASN B 684 -48.26 -25.88 -21.42
N LEU B 685 -48.24 -27.00 -20.74
CA LEU B 685 -49.33 -27.25 -19.83
C LEU B 685 -48.77 -27.03 -18.43
N ALA B 686 -49.36 -26.08 -17.73
CA ALA B 686 -48.91 -25.68 -16.40
C ALA B 686 -49.77 -26.41 -15.40
N LYS B 687 -49.15 -27.13 -14.49
CA LYS B 687 -49.95 -27.91 -13.55
C LYS B 687 -49.79 -27.38 -12.14
N GLU B 688 -48.63 -26.82 -11.77
CA GLU B 688 -48.40 -26.22 -10.45
C GLU B 688 -47.47 -25.03 -10.55
N TRP B 689 -47.46 -24.25 -9.46
CA TRP B 689 -46.63 -23.06 -9.37
C TRP B 689 -46.01 -23.04 -7.98
N ARG B 690 -44.83 -22.42 -7.88
CA ARG B 690 -44.13 -22.28 -6.61
C ARG B 690 -43.50 -20.90 -6.49
N LEU B 691 -43.62 -20.32 -5.32
CA LEU B 691 -43.02 -19.02 -5.03
C LEU B 691 -42.04 -19.13 -3.87
N PHE B 692 -40.83 -18.65 -4.08
CA PHE B 692 -39.83 -18.60 -3.02
C PHE B 692 -39.87 -17.23 -2.38
N ASN B 693 -40.28 -17.17 -1.12
CA ASN B 693 -40.56 -15.89 -0.52
C ASN B 693 -39.28 -15.16 -0.14
N ALA B 694 -39.45 -14.00 0.52
CA ALA B 694 -38.32 -13.14 0.86
C ALA B 694 -37.32 -13.86 1.75
N GLU B 695 -37.82 -14.60 2.76
CA GLU B 695 -36.91 -15.19 3.74
C GLU B 695 -36.02 -16.27 3.14
N THR B 696 -36.31 -16.72 1.91
CA THR B 696 -35.44 -17.69 1.24
C THR B 696 -34.20 -17.06 0.64
N ASN B 697 -33.94 -15.78 0.85
CA ASN B 697 -32.79 -15.12 0.22
C ASN B 697 -31.49 -15.79 0.68
N THR B 698 -30.70 -16.28 -0.28
CA THR B 698 -29.41 -16.87 0.02
C THR B 698 -28.27 -15.86 -0.02
N GLU B 699 -28.54 -14.65 -0.50
CA GLU B 699 -27.53 -13.59 -0.60
C GLU B 699 -27.55 -12.62 0.55
N ILE B 700 -28.69 -12.45 1.22
CA ILE B 700 -28.86 -11.50 2.31
C ILE B 700 -29.81 -12.14 3.30
N LYS B 701 -29.33 -12.43 4.51
CA LYS B 701 -30.21 -13.12 5.45
C LYS B 701 -31.43 -12.25 5.69
N THR B 702 -32.59 -12.74 5.25
CA THR B 702 -33.81 -11.93 5.23
C THR B 702 -34.85 -12.55 6.15
N ASP B 703 -35.36 -11.73 7.07
CA ASP B 703 -36.38 -12.14 8.00
C ASP B 703 -37.74 -12.20 7.31
N SER B 704 -38.65 -13.02 7.87
CA SER B 704 -39.90 -13.31 7.21
C SER B 704 -40.88 -12.13 7.20
N SER B 705 -40.64 -11.11 8.02
CA SER B 705 -41.49 -9.93 7.98
C SER B 705 -41.44 -9.22 6.64
N LEU B 706 -40.47 -9.54 5.79
CA LEU B 706 -40.42 -9.03 4.42
C LEU B 706 -41.08 -9.96 3.43
N ASN B 707 -41.80 -10.98 3.89
CA ASN B 707 -42.40 -11.96 3.00
C ASN B 707 -43.66 -11.39 2.36
N VAL B 708 -43.85 -11.69 1.07
CA VAL B 708 -45.16 -11.54 0.46
C VAL B 708 -46.16 -12.36 1.26
N ALA B 709 -47.30 -11.75 1.61
CA ALA B 709 -48.32 -12.44 2.39
C ALA B 709 -49.60 -12.69 1.63
N LYS B 710 -49.78 -12.09 0.47
CA LYS B 710 -51.02 -12.18 -0.29
C LYS B 710 -50.71 -11.83 -1.74
N GLY B 711 -51.26 -12.60 -2.67
CA GLY B 711 -50.90 -12.40 -4.06
C GLY B 711 -51.78 -13.23 -4.97
N ARG B 712 -51.59 -13.04 -6.28
CA ARG B 712 -52.37 -13.77 -7.28
C ARG B 712 -51.51 -14.05 -8.50
N LEU B 713 -51.57 -15.29 -9.01
CA LEU B 713 -50.91 -15.63 -10.28
C LEU B 713 -51.99 -15.67 -11.37
N GLN B 714 -51.69 -15.10 -12.53
CA GLN B 714 -52.74 -14.81 -13.51
C GLN B 714 -52.26 -15.11 -14.93
N ILE B 715 -53.25 -15.20 -15.84
CA ILE B 715 -53.02 -15.46 -17.26
C ILE B 715 -53.72 -14.39 -18.11
N LEU B 716 -53.22 -14.21 -19.33
CA LEU B 716 -53.52 -13.02 -20.13
C LEU B 716 -54.99 -12.90 -20.54
N LYS B 717 -55.79 -13.97 -20.47
CA LYS B 717 -57.25 -13.84 -20.64
C LYS B 717 -57.58 -13.07 -21.92
N ASP B 718 -56.88 -13.38 -23.01
CA ASP B 718 -57.24 -12.77 -24.28
C ASP B 718 -56.76 -13.61 -25.45
N THR B 719 -55.43 -13.76 -25.57
CA THR B 719 -54.77 -14.60 -26.58
C THR B 719 -54.86 -14.03 -28.00
N THR B 720 -55.89 -13.23 -28.30
CA THR B 720 -56.11 -12.65 -29.63
C THR B 720 -55.48 -11.27 -29.78
N ILE B 721 -54.57 -10.88 -28.90
CA ILE B 721 -54.02 -9.54 -28.89
C ILE B 721 -52.59 -9.59 -29.42
N ASP B 722 -52.18 -8.49 -30.04
CA ASP B 722 -50.80 -8.33 -30.49
C ASP B 722 -50.12 -7.35 -29.55
N LEU B 723 -49.29 -7.87 -28.64
CA LEU B 723 -48.57 -7.01 -27.70
C LEU B 723 -47.51 -6.18 -28.42
N GLU B 724 -46.77 -6.80 -29.34
CA GLU B 724 -45.76 -6.08 -30.12
C GLU B 724 -46.38 -4.95 -30.93
N LYS B 725 -47.68 -5.03 -31.23
CA LYS B 725 -48.36 -3.98 -32.01
C LYS B 725 -48.53 -2.69 -31.22
N MET B 726 -48.65 -2.77 -29.90
CA MET B 726 -48.90 -1.58 -29.11
C MET B 726 -47.60 -0.79 -28.89
N ASP B 727 -47.77 0.49 -28.58
CA ASP B 727 -46.66 1.30 -28.11
C ASP B 727 -46.26 0.85 -26.71
N ILE B 728 -45.04 1.23 -26.33
CA ILE B 728 -44.50 0.83 -25.03
C ILE B 728 -45.38 1.39 -23.91
N LYS B 729 -45.75 2.67 -24.01
CA LYS B 729 -46.57 3.31 -22.99
C LYS B 729 -47.96 2.66 -22.91
N ASN B 730 -48.60 2.45 -24.06
CA ASN B 730 -49.91 1.80 -24.06
C ASN B 730 -49.82 0.35 -23.62
N ARG B 731 -48.82 -0.38 -24.12
CA ARG B 731 -48.57 -1.75 -23.70
C ARG B 731 -48.59 -1.88 -22.18
N LYS B 732 -47.68 -1.18 -21.50
CA LYS B 732 -47.58 -1.27 -20.05
C LYS B 732 -48.92 -1.01 -19.35
N GLU B 733 -49.64 0.05 -19.74
CA GLU B 733 -50.92 0.33 -19.11
C GLU B 733 -51.88 -0.83 -19.31
N TYR B 734 -51.85 -1.44 -20.50
CA TYR B 734 -52.62 -2.65 -20.76
C TYR B 734 -52.25 -3.77 -19.78
N LEU B 735 -50.95 -4.08 -19.68
CA LEU B 735 -50.56 -5.18 -18.79
C LEU B 735 -50.78 -4.88 -17.32
N SER B 736 -50.89 -3.60 -16.93
CA SER B 736 -51.23 -3.30 -15.54
C SER B 736 -52.73 -3.39 -15.28
N ASN B 737 -53.55 -3.26 -16.32
CA ASN B 737 -55.02 -3.29 -16.17
C ASN B 737 -55.44 -4.68 -15.72
N ASP B 738 -55.97 -4.75 -14.49
CA ASP B 738 -56.38 -6.02 -13.91
C ASP B 738 -57.50 -6.68 -14.74
N GLU B 739 -58.29 -5.90 -15.48
CA GLU B 739 -59.37 -6.47 -16.28
C GLU B 739 -58.88 -7.35 -17.42
N ASN B 740 -57.60 -7.26 -17.77
CA ASN B 740 -57.03 -8.09 -18.82
C ASN B 740 -56.42 -9.39 -18.28
N TRP B 741 -56.74 -9.79 -17.04
CA TRP B 741 -56.13 -10.99 -16.47
C TRP B 741 -57.17 -11.80 -15.70
N THR B 742 -56.96 -13.12 -15.69
CA THR B 742 -57.81 -14.06 -14.97
C THR B 742 -56.97 -14.80 -13.93
N ASP B 743 -57.45 -14.81 -12.70
CA ASP B 743 -56.80 -15.57 -11.64
C ASP B 743 -56.78 -17.04 -11.98
N VAL B 744 -55.59 -17.64 -11.93
CA VAL B 744 -55.46 -19.09 -12.04
C VAL B 744 -54.98 -19.73 -10.76
N ALA B 745 -54.50 -18.94 -9.79
CA ALA B 745 -54.12 -19.42 -8.48
C ALA B 745 -54.04 -18.23 -7.56
N GLN B 746 -54.42 -18.43 -6.32
CA GLN B 746 -54.40 -17.39 -5.32
C GLN B 746 -53.50 -17.78 -4.15
N MET B 747 -52.87 -16.78 -3.54
CA MET B 747 -51.93 -16.98 -2.44
C MET B 747 -52.34 -16.11 -1.27
N ASP B 748 -52.46 -16.70 -0.08
CA ASP B 748 -52.80 -15.90 1.09
C ASP B 748 -52.13 -16.49 2.33
N ASP B 749 -50.86 -16.86 2.22
CA ASP B 749 -50.13 -17.16 3.45
C ASP B 749 -48.66 -16.86 3.20
N ALA B 750 -48.06 -16.12 4.14
CA ALA B 750 -46.67 -15.68 4.01
C ALA B 750 -45.73 -16.83 4.39
N LYS B 751 -45.92 -17.94 3.69
CA LYS B 751 -45.02 -19.09 3.82
C LYS B 751 -43.71 -18.80 3.13
N ALA B 752 -42.63 -19.37 3.68
CA ALA B 752 -41.33 -19.24 3.04
C ALA B 752 -41.35 -19.74 1.60
N ILE B 753 -41.98 -20.89 1.36
CA ILE B 753 -42.15 -21.43 0.02
C ILE B 753 -43.62 -21.76 -0.15
N PHE B 754 -44.25 -21.22 -1.20
CA PHE B 754 -45.67 -21.39 -1.48
C PHE B 754 -45.82 -22.15 -2.79
N ASN B 755 -46.64 -23.21 -2.76
CA ASN B 755 -46.83 -24.10 -3.90
C ASN B 755 -48.30 -24.50 -3.96
N SER B 756 -48.81 -24.63 -5.18
CA SER B 756 -50.17 -25.14 -5.39
C SER B 756 -50.29 -25.55 -6.85
N LYS B 757 -51.40 -26.24 -7.16
CA LYS B 757 -51.59 -26.69 -8.52
C LYS B 757 -52.48 -25.73 -9.28
N LEU B 758 -52.40 -25.82 -10.59
CA LEU B 758 -53.16 -25.01 -11.53
C LEU B 758 -53.92 -25.96 -12.43
N SER B 759 -55.24 -26.01 -12.26
CA SER B 759 -56.17 -26.70 -13.13
C SER B 759 -55.72 -26.65 -14.60
N ASN B 760 -54.64 -27.38 -14.87
CA ASN B 760 -54.04 -27.61 -16.18
C ASN B 760 -54.21 -26.46 -17.18
N VAL B 761 -53.67 -25.31 -16.86
CA VAL B 761 -53.80 -24.15 -17.72
C VAL B 761 -52.74 -24.20 -18.80
N LEU B 762 -53.08 -23.72 -20.00
CA LEU B 762 -52.11 -23.49 -21.07
C LEU B 762 -52.14 -22.01 -21.43
N SER B 763 -51.06 -21.30 -21.15
CA SER B 763 -51.04 -19.85 -21.35
C SER B 763 -49.62 -19.41 -21.65
N ARG B 764 -49.44 -18.67 -22.72
CA ARG B 764 -48.09 -18.17 -23.02
C ARG B 764 -47.73 -17.00 -22.11
N TYR B 765 -48.73 -16.24 -21.69
CA TYR B 765 -48.54 -14.96 -21.03
C TYR B 765 -49.10 -15.04 -19.62
N TRP B 766 -48.33 -14.51 -18.66
CA TRP B 766 -48.61 -14.71 -17.25
C TRP B 766 -48.37 -13.41 -16.48
N ARG B 767 -48.91 -13.35 -15.27
CA ARG B 767 -48.58 -12.23 -14.40
C ARG B 767 -48.78 -12.63 -12.95
N PHE B 768 -47.83 -12.25 -12.09
CA PHE B 768 -47.97 -12.42 -10.65
C PHE B 768 -48.09 -11.05 -10.00
N CYS B 769 -48.97 -10.96 -9.02
CA CYS B 769 -49.30 -9.70 -8.34
C CYS B 769 -49.07 -9.88 -6.86
N VAL B 770 -48.13 -9.14 -6.31
CA VAL B 770 -48.05 -9.03 -4.86
C VAL B 770 -49.12 -8.06 -4.42
N ASP B 771 -49.99 -8.49 -3.51
CA ASP B 771 -51.07 -7.65 -3.04
C ASP B 771 -50.86 -7.16 -1.62
N GLY B 772 -49.90 -7.71 -0.91
CA GLY B 772 -49.64 -7.29 0.44
C GLY B 772 -48.52 -8.12 1.02
N GLY B 773 -47.97 -7.62 2.13
CA GLY B 773 -46.84 -8.23 2.78
C GLY B 773 -47.09 -8.57 4.24
N ALA B 774 -46.20 -9.40 4.77
CA ALA B 774 -46.28 -9.80 6.17
C ALA B 774 -46.26 -8.62 7.12
N SER B 775 -45.66 -7.51 6.75
CA SER B 775 -45.54 -6.38 7.68
C SER B 775 -45.62 -5.07 6.90
N SER B 776 -45.26 -3.97 7.57
CA SER B 776 -45.24 -2.70 6.88
C SER B 776 -44.05 -2.59 5.92
N TYR B 777 -43.01 -3.40 6.14
CA TYR B 777 -41.88 -3.47 5.21
C TYR B 777 -42.34 -3.84 3.81
N TYR B 778 -41.56 -3.43 2.84
CA TYR B 778 -41.93 -3.70 1.46
C TYR B 778 -41.75 -5.19 1.15
N PRO B 779 -42.78 -5.88 0.66
CA PRO B 779 -42.68 -7.33 0.45
C PRO B 779 -41.70 -7.68 -0.66
N GLN B 780 -40.97 -8.77 -0.45
CA GLN B 780 -39.97 -9.26 -1.38
C GLN B 780 -40.22 -10.72 -1.66
N TYR B 781 -39.80 -11.17 -2.84
CA TYR B 781 -39.66 -12.59 -3.07
C TYR B 781 -38.50 -12.82 -4.03
N THR B 782 -38.03 -14.07 -4.08
CA THR B 782 -36.78 -14.35 -4.78
C THR B 782 -36.95 -15.14 -6.06
N GLU B 783 -37.97 -16.00 -6.16
CA GLU B 783 -38.04 -16.90 -7.32
C GLU B 783 -39.46 -17.38 -7.51
N LEU B 784 -39.87 -17.47 -8.78
CA LEU B 784 -41.21 -17.94 -9.11
C LEU B 784 -41.11 -19.09 -10.12
N GLN B 785 -41.82 -20.18 -9.85
CA GLN B 785 -41.80 -21.37 -10.69
C GLN B 785 -43.19 -21.70 -11.21
N ILE B 786 -43.30 -21.94 -12.52
CA ILE B 786 -44.48 -22.54 -13.12
C ILE B 786 -44.08 -23.92 -13.62
N LEU B 787 -44.68 -24.94 -13.03
CA LEU B 787 -44.21 -26.31 -13.15
C LEU B 787 -45.23 -27.09 -13.98
N GLY B 788 -44.77 -27.66 -15.07
CA GLY B 788 -45.68 -28.40 -15.91
C GLY B 788 -44.94 -29.16 -16.99
N GLN B 789 -45.64 -29.52 -18.04
CA GLN B 789 -45.01 -30.56 -18.82
C GLN B 789 -44.68 -30.04 -20.22
N ARG B 790 -43.66 -30.64 -20.83
CA ARG B 790 -43.10 -30.18 -22.10
C ARG B 790 -42.45 -28.82 -21.91
C1 NAG C . -16.70 15.91 3.03
C2 NAG C . -17.46 14.95 2.04
C3 NAG C . -18.50 14.03 2.74
C4 NAG C . -18.77 14.43 4.18
C5 NAG C . -18.91 15.94 4.21
C6 NAG C . -19.44 16.47 5.53
C7 NAG C . -18.70 16.74 0.77
C8 NAG C . -19.09 17.17 -0.62
N2 NAG C . -17.99 15.59 0.85
O1 NAG C . -15.69 15.20 3.68
O3 NAG C . -17.98 12.70 2.69
O4 NAG C . -20.02 13.90 4.63
O5 NAG C . -17.64 16.56 3.96
O6 NAG C . -18.50 16.40 6.58
O7 NAG C . -19.01 17.40 1.77
C1 BMA C . -20.03 12.53 5.13
C2 BMA C . -21.21 12.41 6.11
C3 BMA C . -21.42 10.97 6.59
C4 BMA C . -21.33 9.91 5.42
C5 BMA C . -20.13 10.18 4.50
C6 BMA C . -20.19 9.35 3.24
O2 BMA C . -22.46 12.81 5.47
O3 BMA C . -22.72 10.90 7.19
O4 BMA C . -21.28 8.53 5.91
O5 BMA C . -20.14 11.58 4.08
O6 BMA C . -18.85 9.08 2.82
C1 MAN C . -22.83 10.13 8.41
C2 MAN C . -24.26 9.56 8.43
C3 MAN C . -25.27 10.70 8.59
C4 MAN C . -24.99 11.48 9.85
C5 MAN C . -23.54 12.03 9.82
C6 MAN C . -23.08 12.70 11.10
O2 MAN C . -24.48 8.75 9.57
O3 MAN C . -26.64 10.23 8.60
O4 MAN C . -25.95 12.54 9.91
O5 MAN C . -22.61 10.92 9.57
O6 MAN C . -21.63 12.96 11.02
C1 MAN C . -24.65 7.39 9.13
C2 MAN C . -25.25 6.61 10.31
C3 MAN C . -24.14 6.33 11.37
C4 MAN C . -22.86 5.70 10.74
C5 MAN C . -22.35 6.57 9.57
C6 MAN C . -21.16 5.94 8.81
O2 MAN C . -25.77 5.35 9.87
O3 MAN C . -24.62 5.55 12.50
O4 MAN C . -21.82 5.58 11.73
O5 MAN C . -23.43 6.79 8.61
O6 MAN C . -21.66 4.90 7.98
C1 MAN C . -27.08 5.12 10.44
C2 MAN C . -27.31 3.60 10.25
C3 MAN C . -27.58 3.30 8.73
C4 MAN C . -28.71 4.25 8.14
C5 MAN C . -28.40 5.72 8.41
C6 MAN C . -29.58 6.58 8.05
O2 MAN C . -28.43 3.15 11.02
O3 MAN C . -27.86 1.91 8.47
O4 MAN C . -28.84 4.09 6.72
O5 MAN C . -28.13 5.93 9.83
O6 MAN C . -29.37 7.88 8.61
C1 MAN C . -18.50 7.72 3.19
C2 MAN C . -17.01 7.53 2.92
C3 MAN C . -16.77 7.79 1.37
C4 MAN C . -17.68 6.83 0.53
C5 MAN C . -19.17 7.00 0.97
C6 MAN C . -20.09 6.02 0.29
O2 MAN C . -16.55 6.21 3.28
O3 MAN C . -15.40 7.77 0.88
O4 MAN C . -17.53 7.09 -0.87
O5 MAN C . -19.28 6.81 2.43
O6 MAN C . -19.28 4.91 0.04
C1 MAN C . -14.44 8.24 1.87
C2 MAN C . -14.70 9.76 2.21
C3 MAN C . -14.37 10.68 1.02
C4 MAN C . -12.96 10.38 0.44
C5 MAN C . -12.73 8.79 0.23
C6 MAN C . -11.30 8.40 -0.03
O2 MAN C . -13.90 10.21 3.34
O3 MAN C . -14.47 12.06 1.41
O4 MAN C . -12.71 11.18 -0.81
O5 MAN C . -13.12 8.02 1.42
O6 MAN C . -10.72 9.11 -1.16
C1 MAN C . -20.06 3.71 0.08
C2 MAN C . -19.02 2.58 0.02
C3 MAN C . -18.34 2.58 -1.41
C4 MAN C . -19.38 2.55 -2.55
C5 MAN C . -20.32 3.78 -2.37
C6 MAN C . -21.38 3.90 -3.46
O2 MAN C . -19.65 1.30 0.24
O3 MAN C . -17.38 1.56 -1.61
O4 MAN C . -18.76 2.52 -3.87
O5 MAN C . -20.97 3.71 -1.00
O6 MAN C . -21.01 3.13 -4.63
C1 NAG D . 11.02 -10.95 16.79
C2 NAG D . 12.38 -10.79 16.08
C3 NAG D . 12.99 -9.39 16.34
C4 NAG D . 12.54 -8.79 17.66
C5 NAG D . 12.30 -9.91 18.67
C6 NAG D . 12.04 -9.38 20.08
C7 NAG D . 14.11 -12.47 15.64
C8 NAG D . 14.08 -12.01 14.22
N2 NAG D . 13.28 -11.85 16.48
O1 NAG D . 10.08 -10.14 16.16
O3 NAG D . 12.64 -8.53 15.26
O4 NAG D . 13.55 -7.93 18.19
O5 NAG D . 11.18 -10.69 18.27
O6 NAG D . 10.69 -9.57 20.47
O7 NAG D . 14.86 -13.36 16.00
C1 BMA D . 13.32 -6.51 18.15
C2 BMA D . 14.02 -5.92 19.40
C3 BMA D . 14.22 -4.38 19.33
C4 BMA D . 14.82 -3.94 17.97
C5 BMA D . 14.05 -4.52 16.75
C6 BMA D . 14.85 -4.37 15.47
O2 BMA D . 15.34 -6.50 19.55
O3 BMA D . 15.09 -3.97 20.39
O4 BMA D . 14.87 -2.48 17.90
O5 BMA D . 13.78 -5.96 16.90
O6 BMA D . 14.06 -4.80 14.33
C1 MAN D . 14.76 -2.72 21.03
C2 MAN D . 16.10 -2.10 21.53
C3 MAN D . 16.67 -2.99 22.61
C4 MAN D . 15.64 -3.16 23.75
C5 MAN D . 14.27 -3.70 23.22
C6 MAN D . 13.14 -3.73 24.30
O2 MAN D . 15.91 -0.87 22.21
O3 MAN D . 17.95 -2.49 23.07
O4 MAN D . 16.16 -4.08 24.71
O5 MAN D . 13.82 -2.89 22.08
O6 MAN D . 11.90 -4.20 23.73
C1 MAN D . 16.28 0.22 21.35
C2 MAN D . 16.24 1.50 22.22
C3 MAN D . 14.77 1.95 22.53
C4 MAN D . 13.88 2.00 21.26
C5 MAN D . 14.00 0.69 20.45
C6 MAN D . 13.26 0.72 19.11
O2 MAN D . 16.87 2.58 21.52
O3 MAN D . 14.69 3.21 23.24
O4 MAN D . 12.48 2.22 21.62
O5 MAN D . 15.42 0.35 20.21
O6 MAN D . 13.96 1.59 18.24
C1 MAN D . 17.83 3.23 22.38
C2 MAN D . 18.23 4.57 21.68
C3 MAN D . 19.19 4.26 20.49
C4 MAN D . 20.38 3.30 20.92
C5 MAN D . 19.86 2.02 21.61
C6 MAN D . 20.98 1.20 22.20
O2 MAN D . 18.90 5.49 22.58
O3 MAN D . 19.70 5.46 19.88
O4 MAN D . 21.16 2.93 19.80
O5 MAN D . 18.94 2.36 22.71
O6 MAN D . 20.38 0.35 23.20
C1 MAN D . 13.61 -3.61 13.65
C2 MAN D . 12.33 -3.95 12.82
C3 MAN D . 12.67 -4.60 11.45
C4 MAN D . 13.87 -3.85 10.73
C5 MAN D . 15.07 -3.83 11.70
C6 MAN D . 16.35 -3.16 11.11
O2 MAN D . 11.56 -2.76 12.51
O3 MAN D . 11.49 -4.71 10.61
O4 MAN D . 14.23 -4.48 9.51
O5 MAN D . 14.67 -3.07 12.88
O6 MAN D . 16.20 -1.71 11.27
C1 MAN D . 16.95 -0.95 10.28
C2 MAN D . 16.45 0.55 10.33
C3 MAN D . 15.09 0.73 9.59
C4 MAN D . 15.05 0.02 8.20
C5 MAN D . 15.54 -1.45 8.32
C6 MAN D . 15.61 -2.21 7.00
O2 MAN D . 17.39 1.49 9.75
O3 MAN D . 14.74 2.12 9.44
O4 MAN D . 13.72 0.04 7.69
O5 MAN D . 16.86 -1.50 8.96
O6 MAN D . 16.56 -1.56 6.12
CA CA E . 35.15 13.99 1.60
CA CA F . -34.21 -16.04 -8.62
#